data_4GDF
#
_entry.id   4GDF
#
_cell.length_a   73.633
_cell.length_b   128.307
_cell.length_c   166.120
_cell.angle_alpha   90.00
_cell.angle_beta   89.91
_cell.angle_gamma   90.00
#
_symmetry.space_group_name_H-M   'P 1 21 1'
#
loop_
_entity.id
_entity.type
_entity.pdbx_description
1 polymer 'Large T antigen'
2 polymer 'DNA (32-MER)'
3 polymer 'DNA (32-MER)'
4 non-polymer 'ZINC ION'
5 water water
#
loop_
_entity_poly.entity_id
_entity_poly.type
_entity_poly.pdbx_seq_one_letter_code
_entity_poly.pdbx_strand_id
1 'polypeptide(L)'
;KVEDPKDFPSELLSFLSHAVFSNRTLACFAIYTTKEKAALLYKKIMEKYSVTFISRHNSYNHNILFFLTPHRHRVSAINN
YAQKLCTFSFLICKGVNKEYLMYSALTRDPFSVIEESLPGGLKEHDFNPEEAEETKQVSWKLVTEYAMETKCDDVLLLLG
MYLEFQYSFEMCLKCIKKEQPSHYKYHEKHYANAAIFADSKNQKTICQQAVDTVLAKKRVDSLQLTREQMLTNRFNDLLD
RMDIMFGSTGSADIEEWMAGVAWLHCLLPKMDSVVYDFLKCMVYNIPKKRYWLFKGPIDSGKTTLAAALLELCGGKALNV
NLPLDRLNFELGVAIDQFLVVFEDVKGTGGESRDLPSGQGINNLDNLRDYLDGSVKVNLEKKHLNKRTQIFPPGIVTMNE
YSVPKTLQARFVKQIDFRPKDYLKHCLERSEFLLEKRIIQSGIALLLMLIWYRPVAEFAQSIQSRIVEWKERLDKEFSLS
VYQKMKFNVAMGIGVLD
;
A,B,E,F
2 'polydeoxyribonucleotide'
;(DA)(DC)(DT)(DA)(DC)(DT)(DT)(DC)(DT)(DG)(DG)(DA)(DA)(DT)(DA)(DG)(DC)(DT)(DC)(DA)
(DG)(DA)(DG)(DG)(DC)(DC)(DG)(DA)(DG)(DG)(DC)(DG)
;
C,G
3 'polydeoxyribonucleotide'
;(DC)(DG)(DC)(DC)(DT)(DC)(DG)(DG)(DC)(DC)(DT)(DC)(DT)(DG)(DA)(DG)(DC)(DT)(DA)(DT)
(DT)(DC)(DC)(DA)(DG)(DA)(DA)(DG)(DT)(DA)(DG)(DT)
;
D,H
#
# COMPACT_ATOMS: atom_id res chain seq x y z
N LYS A 1 33.89 41.51 16.66
CA LYS A 1 32.64 42.04 16.05
C LYS A 1 32.45 43.52 16.35
N VAL A 2 31.88 44.25 15.39
CA VAL A 2 31.61 45.69 15.54
C VAL A 2 30.31 45.84 16.32
N GLU A 3 30.00 44.89 17.25
CA GLU A 3 28.80 44.85 18.11
C GLU A 3 27.47 44.82 17.37
N ASP A 4 27.46 45.27 16.17
CA ASP A 4 26.28 45.10 15.33
C ASP A 4 26.74 44.55 13.98
N PRO A 5 26.51 43.25 13.74
CA PRO A 5 26.92 42.63 12.49
C PRO A 5 26.26 43.28 11.28
N LYS A 6 26.94 43.26 10.15
CA LYS A 6 26.41 43.87 8.95
C LYS A 6 25.57 42.89 8.13
N ASP A 7 25.42 41.66 8.62
CA ASP A 7 24.60 40.68 7.91
C ASP A 7 24.53 39.37 8.67
N PHE A 8 23.78 38.42 8.15
CA PHE A 8 23.62 37.10 8.77
C PHE A 8 24.95 36.34 8.80
N PRO A 9 25.14 35.46 9.80
CA PRO A 9 26.38 34.68 9.91
C PRO A 9 26.60 33.84 8.65
N SER A 10 27.84 33.75 8.16
CA SER A 10 28.10 32.95 6.97
C SER A 10 27.94 31.46 7.28
N GLU A 11 26.79 31.09 7.80
CA GLU A 11 26.56 29.70 8.13
C GLU A 11 25.13 29.42 7.76
N LEU A 12 24.43 30.50 7.44
CA LEU A 12 23.02 30.41 7.10
C LEU A 12 22.76 31.13 5.78
N LEU A 13 23.78 31.81 5.28
CA LEU A 13 23.66 32.57 4.05
C LEU A 13 23.13 31.78 2.85
N SER A 14 23.56 30.54 2.72
CA SER A 14 23.13 29.73 1.60
C SER A 14 21.63 29.42 1.64
N PHE A 15 20.99 29.71 2.77
CA PHE A 15 19.55 29.43 2.92
C PHE A 15 18.71 30.68 2.70
N LEU A 16 19.36 31.84 2.77
CA LEU A 16 18.66 33.08 2.63
C LEU A 16 18.65 33.57 1.20
N SER A 17 17.73 34.48 0.90
CA SER A 17 17.64 35.03 -0.44
C SER A 17 18.89 35.83 -0.74
N HIS A 18 19.39 35.70 -1.96
CA HIS A 18 20.58 36.41 -2.38
C HIS A 18 20.20 37.69 -3.13
N ALA A 19 18.91 38.01 -3.12
CA ALA A 19 18.44 39.20 -3.80
C ALA A 19 19.00 40.49 -3.20
N VAL A 20 19.00 41.52 -4.03
CA VAL A 20 19.46 42.84 -3.65
C VAL A 20 18.39 43.83 -4.04
N PHE A 21 17.59 43.47 -5.05
CA PHE A 21 16.50 44.30 -5.53
C PHE A 21 15.46 43.44 -6.23
N SER A 22 14.44 43.02 -5.49
CA SER A 22 13.37 42.18 -6.04
C SER A 22 12.03 42.39 -5.35
N ASN A 23 10.94 42.40 -6.12
CA ASN A 23 9.64 42.57 -5.51
C ASN A 23 8.93 41.23 -5.44
N ARG A 24 9.68 40.18 -5.20
CA ARG A 24 9.09 38.87 -5.13
C ARG A 24 8.50 38.65 -3.73
N THR A 25 7.39 37.93 -3.64
CA THR A 25 6.78 37.71 -2.35
C THR A 25 7.13 36.31 -1.80
N LEU A 26 7.49 36.25 -0.53
CA LEU A 26 7.85 35.00 0.13
C LEU A 26 6.91 34.75 1.28
N ALA A 27 7.09 33.60 1.94
CA ALA A 27 6.24 33.28 3.06
C ALA A 27 7.12 32.80 4.19
N CYS A 28 8.41 33.01 4.06
CA CYS A 28 9.29 32.60 5.12
C CYS A 28 10.35 33.66 5.28
N PHE A 29 10.42 34.25 6.49
CA PHE A 29 11.36 35.33 6.77
C PHE A 29 12.23 35.08 7.99
N ALA A 30 13.31 35.85 8.09
CA ALA A 30 14.24 35.76 9.22
C ALA A 30 14.88 37.09 9.54
N ILE A 31 14.64 37.60 10.75
CA ILE A 31 15.19 38.89 11.16
C ILE A 31 16.37 38.62 12.09
N TYR A 32 17.35 39.51 12.08
CA TYR A 32 18.54 39.34 12.92
C TYR A 32 18.76 40.68 13.63
N THR A 33 18.48 40.72 14.93
CA THR A 33 18.68 41.95 15.71
C THR A 33 19.23 41.64 17.08
N THR A 34 18.97 42.55 18.03
CA THR A 34 19.40 42.40 19.41
C THR A 34 18.46 41.52 20.20
N LYS A 35 18.95 41.05 21.34
CA LYS A 35 18.15 40.19 22.20
C LYS A 35 16.82 40.85 22.56
N GLU A 36 16.86 42.12 22.96
CA GLU A 36 15.65 42.83 23.36
C GLU A 36 14.68 43.10 22.22
N LYS A 37 15.22 43.53 21.08
CA LYS A 37 14.39 43.82 19.91
C LYS A 37 13.68 42.59 19.40
N ALA A 38 14.40 41.48 19.33
CA ALA A 38 13.83 40.22 18.88
C ALA A 38 12.71 39.83 19.82
N ALA A 39 13.04 39.77 21.11
CA ALA A 39 12.07 39.41 22.13
C ALA A 39 10.76 40.16 21.90
N LEU A 40 10.88 41.43 21.56
CA LEU A 40 9.71 42.25 21.32
C LEU A 40 8.96 41.88 20.04
N LEU A 41 9.69 41.87 18.93
CA LEU A 41 9.11 41.55 17.62
C LEU A 41 8.50 40.16 17.57
N TYR A 42 8.94 39.28 18.47
CA TYR A 42 8.42 37.92 18.51
C TYR A 42 6.90 37.91 18.68
N LYS A 43 6.40 38.91 19.40
CA LYS A 43 4.97 39.02 19.66
C LYS A 43 4.30 39.96 18.66
N LYS A 44 5.01 41.02 18.29
CA LYS A 44 4.49 41.99 17.32
C LYS A 44 4.26 41.30 15.97
N ILE A 45 5.27 40.57 15.50
CA ILE A 45 5.22 39.85 14.23
C ILE A 45 4.21 38.71 14.24
N MET A 46 4.19 37.98 15.35
CA MET A 46 3.29 36.85 15.52
C MET A 46 1.86 37.15 15.12
N GLU A 47 1.30 38.22 15.68
CA GLU A 47 -0.07 38.62 15.39
C GLU A 47 -0.16 39.46 14.12
N LYS A 48 0.82 40.33 13.90
CA LYS A 48 0.83 41.21 12.72
C LYS A 48 0.56 40.51 11.40
N TYR A 49 0.90 39.22 11.31
CA TYR A 49 0.68 38.46 10.09
C TYR A 49 -0.08 37.18 10.33
N SER A 50 -0.46 36.93 11.57
CA SER A 50 -1.18 35.73 11.91
C SER A 50 -0.33 34.53 11.47
N VAL A 51 0.97 34.61 11.71
CA VAL A 51 1.92 33.57 11.35
C VAL A 51 1.42 32.20 11.70
N THR A 52 1.84 31.21 10.93
CA THR A 52 1.46 29.82 11.16
C THR A 52 2.55 29.19 12.02
N PHE A 53 3.62 29.95 12.21
CA PHE A 53 4.75 29.51 13.02
C PHE A 53 5.74 30.66 13.17
N ILE A 54 6.55 30.58 14.21
CA ILE A 54 7.57 31.59 14.52
C ILE A 54 8.46 31.02 15.65
N SER A 55 9.69 31.51 15.75
CA SER A 55 10.60 31.04 16.79
C SER A 55 11.82 31.95 16.91
N ARG A 56 12.18 32.29 18.14
CA ARG A 56 13.34 33.14 18.40
C ARG A 56 14.54 32.25 18.70
N HIS A 57 15.73 32.70 18.31
CA HIS A 57 16.93 31.91 18.56
C HIS A 57 18.04 32.80 19.10
N ASN A 58 19.17 32.18 19.41
CA ASN A 58 20.33 32.88 19.93
C ASN A 58 21.42 32.78 18.86
N SER A 59 22.10 33.90 18.62
CA SER A 59 23.17 33.94 17.63
C SER A 59 24.26 34.94 17.97
N TYR A 60 25.45 34.45 18.28
CA TYR A 60 26.60 35.30 18.60
C TYR A 60 26.28 36.52 19.46
N ASN A 61 25.65 36.27 20.60
CA ASN A 61 25.26 37.29 21.55
C ASN A 61 24.16 38.19 20.98
N HIS A 62 23.42 37.64 20.02
CA HIS A 62 22.31 38.34 19.39
C HIS A 62 21.16 37.37 19.16
N ASN A 63 20.08 37.85 18.55
CA ASN A 63 18.92 37.01 18.28
C ASN A 63 18.57 36.91 16.80
N ILE A 64 17.84 35.84 16.46
CA ILE A 64 17.41 35.61 15.08
C ILE A 64 15.95 35.18 15.12
N LEU A 65 15.10 35.90 14.43
CA LEU A 65 13.68 35.57 14.40
C LEU A 65 13.26 34.89 13.12
N PHE A 66 13.02 33.59 13.19
CA PHE A 66 12.61 32.78 12.03
C PHE A 66 11.11 32.51 12.09
N PHE A 67 10.35 32.99 11.11
CA PHE A 67 8.92 32.76 11.16
C PHE A 67 8.30 32.43 9.80
N LEU A 68 7.23 31.63 9.83
CA LEU A 68 6.54 31.21 8.63
C LEU A 68 5.18 31.89 8.56
N THR A 69 4.93 32.60 7.46
CA THR A 69 3.67 33.30 7.32
C THR A 69 2.66 32.55 6.47
N PRO A 70 1.36 32.72 6.78
CA PRO A 70 0.27 32.08 6.06
C PRO A 70 0.24 32.55 4.62
N HIS A 71 0.19 33.87 4.45
CA HIS A 71 0.15 34.49 3.14
C HIS A 71 1.52 35.01 2.73
N ARG A 72 1.66 35.44 1.49
CA ARG A 72 2.94 35.94 0.99
C ARG A 72 3.13 37.43 1.28
N HIS A 73 4.37 37.82 1.53
CA HIS A 73 4.71 39.22 1.81
C HIS A 73 6.11 39.50 1.27
N ARG A 74 6.40 40.73 0.88
CA ARG A 74 7.77 40.99 0.38
C ARG A 74 8.61 41.63 1.48
N VAL A 75 9.77 41.07 1.64
CA VAL A 75 10.76 41.53 2.61
C VAL A 75 10.64 43.02 2.85
N SER A 76 10.29 43.75 1.79
CA SER A 76 10.14 45.20 1.88
C SER A 76 9.21 45.55 3.03
N ALA A 77 8.00 45.02 2.97
CA ALA A 77 7.01 45.28 3.99
C ALA A 77 7.47 44.75 5.32
N ILE A 78 7.97 43.51 5.37
CA ILE A 78 8.44 42.94 6.64
C ILE A 78 9.49 43.84 7.26
N ASN A 79 10.37 44.37 6.43
CA ASN A 79 11.44 45.22 6.92
C ASN A 79 10.93 46.55 7.40
N ASN A 80 10.16 47.25 6.56
CA ASN A 80 9.61 48.55 6.91
C ASN A 80 8.79 48.50 8.20
N TYR A 81 8.27 47.31 8.53
CA TYR A 81 7.48 47.14 9.74
C TYR A 81 8.36 47.04 10.96
N ALA A 82 9.28 46.09 10.92
CA ALA A 82 10.20 45.89 12.03
C ALA A 82 10.97 47.19 12.33
N GLN A 83 11.16 48.02 11.31
CA GLN A 83 11.87 49.27 11.49
C GLN A 83 11.12 50.17 12.46
N LYS A 84 9.87 50.45 12.15
CA LYS A 84 9.01 51.30 12.96
C LYS A 84 9.03 50.94 14.45
N LEU A 85 9.33 49.70 14.76
CA LEU A 85 9.34 49.24 16.15
C LEU A 85 10.71 49.31 16.84
N CYS A 86 11.71 49.83 16.14
CA CYS A 86 13.04 49.94 16.72
C CYS A 86 13.54 51.37 16.80
N THR A 87 13.55 52.05 15.66
CA THR A 87 14.01 53.43 15.57
C THR A 87 15.52 53.48 15.75
N PHE A 88 16.10 52.36 16.17
CA PHE A 88 17.53 52.26 16.41
C PHE A 88 18.01 50.81 16.41
N SER A 89 19.21 50.59 16.96
CA SER A 89 19.78 49.25 17.02
C SER A 89 20.00 48.75 15.59
N PHE A 90 20.42 47.49 15.46
CA PHE A 90 20.66 46.89 14.14
C PHE A 90 19.60 45.86 13.86
N LEU A 91 19.07 45.89 12.65
CA LEU A 91 18.02 44.97 12.25
C LEU A 91 18.21 44.58 10.80
N ILE A 92 18.56 43.32 10.57
CA ILE A 92 18.78 42.82 9.22
C ILE A 92 17.80 41.71 8.93
N CYS A 93 16.71 42.00 8.25
CA CYS A 93 15.81 40.91 7.96
C CYS A 93 15.87 40.57 6.48
N LYS A 94 15.78 39.29 6.19
CA LYS A 94 15.84 38.79 4.82
C LYS A 94 14.83 37.66 4.58
N GLY A 95 14.68 37.27 3.32
CA GLY A 95 13.76 36.18 3.01
C GLY A 95 14.50 34.87 3.10
N VAL A 96 13.79 33.82 3.52
CA VAL A 96 14.38 32.50 3.64
C VAL A 96 13.90 31.67 2.45
N ASN A 97 14.83 30.96 1.81
CA ASN A 97 14.48 30.12 0.66
C ASN A 97 14.64 28.65 1.00
N LYS A 98 15.35 28.37 2.07
CA LYS A 98 15.56 26.99 2.52
C LYS A 98 14.90 26.91 3.90
N GLU A 99 13.59 26.91 3.94
CA GLU A 99 12.88 26.88 5.21
C GLU A 99 13.41 25.91 6.26
N TYR A 100 13.22 24.61 6.01
CA TYR A 100 13.67 23.58 6.94
C TYR A 100 15.16 23.72 7.29
N LEU A 101 16.02 23.64 6.28
CA LEU A 101 17.45 23.74 6.51
C LEU A 101 17.85 24.93 7.38
N MET A 102 17.10 26.02 7.25
CA MET A 102 17.34 27.25 8.02
C MET A 102 16.98 26.98 9.48
N TYR A 103 15.73 26.60 9.69
CA TYR A 103 15.25 26.30 11.03
C TYR A 103 16.15 25.25 11.63
N SER A 104 16.40 24.20 10.88
CA SER A 104 17.25 23.12 11.36
C SER A 104 18.56 23.64 11.93
N ALA A 105 19.31 24.36 11.11
CA ALA A 105 20.60 24.90 11.53
C ALA A 105 20.47 25.78 12.76
N LEU A 106 19.34 26.46 12.89
CA LEU A 106 19.15 27.35 14.03
C LEU A 106 18.89 26.62 15.34
N THR A 107 18.40 25.37 15.28
CA THR A 107 18.11 24.61 16.50
C THR A 107 19.38 23.93 17.02
N ARG A 108 20.39 23.87 16.17
CA ARG A 108 21.65 23.24 16.51
C ARG A 108 22.77 24.27 16.58
N ASP A 109 23.80 23.98 17.36
CA ASP A 109 24.93 24.89 17.52
C ASP A 109 25.48 25.38 16.19
N PRO A 110 26.11 26.57 16.19
CA PRO A 110 26.28 27.38 17.38
C PRO A 110 25.02 28.15 17.71
N PHE A 111 23.90 27.66 17.22
CA PHE A 111 22.63 28.33 17.46
C PHE A 111 21.77 27.53 18.42
N SER A 112 21.07 28.25 19.28
CA SER A 112 20.19 27.64 20.26
C SER A 112 18.80 28.25 20.16
N VAL A 113 17.81 27.47 20.56
CA VAL A 113 16.44 27.95 20.52
C VAL A 113 16.05 28.60 21.84
N ILE A 114 15.08 29.52 21.79
CA ILE A 114 14.60 30.22 22.96
C ILE A 114 13.07 30.10 23.02
N GLU A 115 12.40 30.48 21.94
CA GLU A 115 10.95 30.38 21.90
C GLU A 115 10.49 29.76 20.57
N GLU A 116 9.24 29.34 20.52
CA GLU A 116 8.67 28.73 19.31
C GLU A 116 7.23 28.28 19.52
N SER A 117 6.35 28.73 18.63
CA SER A 117 4.93 28.39 18.70
C SER A 117 4.66 26.91 18.52
N LEU A 118 5.71 26.10 18.47
CA LEU A 118 5.55 24.66 18.31
C LEU A 118 6.83 23.97 18.78
N PRO A 119 6.76 23.23 19.90
CA PRO A 119 7.88 22.50 20.49
C PRO A 119 8.54 21.47 19.57
N GLY A 120 7.72 20.72 18.86
CA GLY A 120 8.27 19.70 17.96
C GLY A 120 8.80 20.26 16.66
N GLY A 121 9.55 21.36 16.72
CA GLY A 121 10.09 21.97 15.52
C GLY A 121 8.97 22.33 14.57
N LEU A 122 9.03 21.85 13.33
CA LEU A 122 7.99 22.12 12.33
C LEU A 122 8.08 21.18 11.13
N LYS A 123 7.03 21.19 10.31
CA LYS A 123 6.95 20.36 9.10
C LYS A 123 5.69 20.70 8.30
N GLU A 124 5.72 21.86 7.66
CA GLU A 124 4.62 22.37 6.83
C GLU A 124 5.21 22.95 5.53
N HIS A 125 5.31 24.28 5.43
CA HIS A 125 5.89 24.90 4.24
C HIS A 125 7.26 24.26 4.11
N ASP A 126 7.84 23.94 5.26
CA ASP A 126 9.13 23.28 5.33
C ASP A 126 8.81 21.85 4.92
N PHE A 127 9.33 20.83 5.66
CA PHE A 127 8.96 19.50 5.20
C PHE A 127 8.87 18.37 6.21
N ASN A 128 8.21 17.35 5.60
CA ASN A 128 7.83 16.05 6.12
C ASN A 128 6.58 15.88 5.24
N PRO A 129 5.74 16.95 5.17
CA PRO A 129 4.52 16.95 4.35
C PRO A 129 4.71 17.90 3.15
N GLU A 130 3.60 18.38 2.60
CA GLU A 130 3.59 19.32 1.47
C GLU A 130 4.39 18.90 0.23
N GLU A 131 4.97 17.69 0.25
CA GLU A 131 5.76 17.20 -0.87
C GLU A 131 4.91 17.09 -2.14
N ALA A 132 3.61 16.83 -1.95
CA ALA A 132 2.63 16.73 -3.02
C ALA A 132 3.09 16.07 -4.32
N GLU A 133 2.58 16.61 -5.43
CA GLU A 133 2.88 16.10 -6.75
C GLU A 133 3.68 17.01 -7.68
N GLU A 134 4.81 17.51 -7.20
CA GLU A 134 5.67 18.36 -8.02
C GLU A 134 6.50 17.44 -8.94
N THR A 135 7.03 17.98 -10.03
CA THR A 135 7.82 17.16 -10.95
C THR A 135 8.96 16.48 -10.19
N LYS A 136 9.11 15.17 -10.39
CA LYS A 136 10.17 14.41 -9.71
C LYS A 136 11.38 14.21 -10.58
N GLN A 137 12.51 14.75 -10.15
CA GLN A 137 13.74 14.61 -10.90
C GLN A 137 14.78 13.93 -10.02
N VAL A 138 15.61 13.09 -10.62
CA VAL A 138 16.62 12.42 -9.83
C VAL A 138 17.71 13.41 -9.52
N SER A 139 18.34 13.24 -8.37
CA SER A 139 19.43 14.12 -8.01
C SER A 139 20.73 13.38 -8.16
N TRP A 140 21.49 13.73 -9.20
CA TRP A 140 22.75 13.08 -9.45
C TRP A 140 23.72 13.52 -8.36
N LYS A 141 23.57 14.77 -7.94
CA LYS A 141 24.38 15.36 -6.89
C LYS A 141 24.34 14.52 -5.63
N LEU A 142 23.14 14.06 -5.28
CA LEU A 142 22.94 13.27 -4.06
C LEU A 142 23.54 11.86 -4.18
N VAL A 143 23.57 11.32 -5.39
CA VAL A 143 24.14 9.99 -5.57
C VAL A 143 25.64 10.13 -5.41
N THR A 144 26.23 11.02 -6.17
CA THR A 144 27.66 11.25 -6.06
C THR A 144 28.06 11.51 -4.62
N GLU A 145 27.25 12.29 -3.93
CA GLU A 145 27.57 12.61 -2.56
C GLU A 145 27.72 11.31 -1.78
N TYR A 146 26.74 10.41 -1.93
CA TYR A 146 26.77 9.13 -1.25
C TYR A 146 28.09 8.41 -1.54
N ALA A 147 28.43 8.31 -2.81
CA ALA A 147 29.65 7.64 -3.26
C ALA A 147 30.84 8.26 -2.55
N MET A 148 30.86 9.58 -2.52
CA MET A 148 31.93 10.29 -1.86
C MET A 148 32.12 9.85 -0.42
N GLU A 149 31.07 9.94 0.38
CA GLU A 149 31.19 9.56 1.78
C GLU A 149 31.60 8.12 2.01
N THR A 150 31.12 7.20 1.17
CA THR A 150 31.46 5.79 1.32
C THR A 150 32.74 5.48 0.55
N LYS A 151 33.37 6.53 0.03
CA LYS A 151 34.60 6.45 -0.74
C LYS A 151 34.49 5.38 -1.80
N CYS A 152 33.29 5.27 -2.36
CA CYS A 152 33.02 4.28 -3.38
C CYS A 152 33.82 4.42 -4.66
N ASP A 153 34.27 3.31 -5.19
CA ASP A 153 35.04 3.36 -6.43
C ASP A 153 34.63 2.25 -7.38
N ASP A 154 33.44 1.68 -7.19
CA ASP A 154 32.96 0.58 -8.03
C ASP A 154 31.52 0.88 -8.47
N VAL A 155 31.33 1.12 -9.77
CA VAL A 155 30.00 1.40 -10.28
C VAL A 155 29.03 0.31 -9.91
N LEU A 156 29.44 -0.95 -10.05
CA LEU A 156 28.53 -2.04 -9.71
C LEU A 156 28.08 -1.96 -8.25
N LEU A 157 29.02 -1.70 -7.36
CA LEU A 157 28.66 -1.63 -5.96
C LEU A 157 27.72 -0.46 -5.74
N LEU A 158 28.05 0.68 -6.32
CA LEU A 158 27.21 1.84 -6.15
C LEU A 158 25.80 1.58 -6.63
N LEU A 159 25.66 1.19 -7.88
CA LEU A 159 24.36 0.92 -8.44
C LEU A 159 23.52 0.01 -7.53
N GLY A 160 24.11 -1.09 -7.09
CA GLY A 160 23.39 -2.01 -6.23
C GLY A 160 23.11 -1.47 -4.84
N MET A 161 24.02 -0.72 -4.28
CA MET A 161 23.78 -0.18 -2.95
C MET A 161 22.65 0.84 -2.98
N TYR A 162 22.70 1.76 -3.93
CA TYR A 162 21.68 2.78 -4.04
C TYR A 162 20.31 2.21 -4.35
N LEU A 163 20.25 1.16 -5.16
CA LEU A 163 18.96 0.55 -5.49
C LEU A 163 18.32 -0.01 -4.22
N GLU A 164 19.14 -0.26 -3.21
CA GLU A 164 18.64 -0.79 -1.96
C GLU A 164 17.86 0.31 -1.23
N PHE A 165 18.31 1.55 -1.32
CA PHE A 165 17.60 2.62 -0.67
C PHE A 165 16.22 2.88 -1.28
N GLN A 166 15.91 2.26 -2.41
CA GLN A 166 14.63 2.55 -3.01
C GLN A 166 13.48 2.20 -2.13
N TYR A 167 13.66 1.19 -1.30
CA TYR A 167 12.61 0.72 -0.42
C TYR A 167 12.39 1.55 0.85
N SER A 168 11.17 1.49 1.36
CA SER A 168 10.78 2.21 2.57
C SER A 168 11.78 2.05 3.68
N PHE A 169 11.99 3.11 4.29
CA PHE A 169 12.94 3.09 5.29
C PHE A 169 12.44 2.60 6.61
N GLU A 170 11.35 3.19 7.09
CA GLU A 170 10.82 2.86 8.40
C GLU A 170 10.85 1.37 8.74
N MET A 171 10.28 0.55 7.87
CA MET A 171 10.26 -0.89 8.11
C MET A 171 11.22 -1.65 7.20
N CYS A 172 12.49 -1.28 7.29
CA CYS A 172 13.58 -1.88 6.51
C CYS A 172 14.38 -2.81 7.42
N LEU A 173 14.22 -4.12 7.24
CA LEU A 173 14.93 -5.08 8.08
C LEU A 173 16.44 -4.87 8.04
N LYS A 174 16.93 -4.45 6.88
CA LYS A 174 18.35 -4.21 6.72
C LYS A 174 18.87 -3.08 7.60
N CYS A 175 18.03 -2.07 7.82
CA CYS A 175 18.40 -0.94 8.66
C CYS A 175 18.21 -1.30 10.13
N ILE A 176 17.17 -2.08 10.42
CA ILE A 176 16.89 -2.50 11.78
C ILE A 176 18.00 -3.41 12.30
N LYS A 177 18.22 -4.52 11.60
CA LYS A 177 19.24 -5.49 11.96
C LYS A 177 20.64 -4.88 11.81
N LYS A 178 20.70 -3.66 11.31
CA LYS A 178 21.98 -2.97 11.12
C LYS A 178 23.10 -3.89 10.67
N GLU A 179 22.92 -4.48 9.48
CA GLU A 179 23.87 -5.41 8.90
C GLU A 179 25.10 -4.71 8.33
N GLN A 180 24.89 -3.77 7.41
CA GLN A 180 25.99 -3.04 6.80
C GLN A 180 25.95 -1.56 7.18
N PRO A 181 27.04 -1.04 7.74
CA PRO A 181 27.09 0.38 8.15
C PRO A 181 26.83 1.31 6.98
N SER A 182 27.52 1.06 5.87
CA SER A 182 27.37 1.90 4.68
C SER A 182 25.99 1.77 4.05
N HIS A 183 25.00 1.51 4.88
CA HIS A 183 23.63 1.38 4.41
C HIS A 183 22.68 2.02 5.42
N TYR A 184 22.61 1.47 6.62
CA TYR A 184 21.72 2.00 7.63
C TYR A 184 22.12 3.42 8.00
N LYS A 185 23.28 3.85 7.50
CA LYS A 185 23.74 5.21 7.79
C LYS A 185 23.33 6.22 6.73
N TYR A 186 22.95 5.73 5.54
CA TYR A 186 22.58 6.64 4.46
C TYR A 186 21.21 6.43 3.82
N HIS A 187 20.53 5.35 4.18
CA HIS A 187 19.23 5.06 3.61
C HIS A 187 18.21 6.16 3.82
N GLU A 188 17.79 6.37 5.06
CA GLU A 188 16.80 7.40 5.35
C GLU A 188 17.07 8.69 4.57
N LYS A 189 18.34 9.11 4.57
CA LYS A 189 18.72 10.33 3.86
C LYS A 189 18.52 10.20 2.35
N HIS A 190 19.12 9.18 1.75
CA HIS A 190 18.99 8.97 0.28
C HIS A 190 17.63 8.25 -0.13
N TYR A 191 16.67 7.90 0.84
CA TYR A 191 15.45 7.19 0.49
C TYR A 191 14.59 7.86 -0.62
N ALA A 192 14.29 9.14 -0.45
CA ALA A 192 13.47 9.83 -1.43
C ALA A 192 14.09 9.80 -2.82
N ASN A 193 15.37 10.18 -2.88
CA ASN A 193 16.06 10.25 -4.14
C ASN A 193 16.14 8.88 -4.82
N ALA A 194 16.40 7.86 -4.01
CA ALA A 194 16.51 6.49 -4.49
C ALA A 194 15.23 6.05 -5.17
N ALA A 195 14.11 6.18 -4.47
CA ALA A 195 12.84 5.79 -5.02
C ALA A 195 12.67 6.39 -6.41
N ILE A 196 13.10 7.64 -6.59
CA ILE A 196 12.99 8.33 -7.89
C ILE A 196 14.02 7.67 -8.80
N PHE A 197 15.18 7.36 -8.23
CA PHE A 197 16.28 6.71 -8.94
C PHE A 197 15.83 5.40 -9.58
N ALA A 198 14.95 4.68 -8.88
CA ALA A 198 14.44 3.40 -9.36
C ALA A 198 13.68 3.52 -10.66
N ASP A 199 13.42 4.75 -11.09
CA ASP A 199 12.67 4.96 -12.31
C ASP A 199 13.50 5.59 -13.42
N SER A 200 14.70 6.02 -13.08
CA SER A 200 15.63 6.65 -14.02
C SER A 200 16.04 5.74 -15.17
N LYS A 201 16.21 6.31 -16.36
CA LYS A 201 16.64 5.51 -17.50
C LYS A 201 18.13 5.69 -17.68
N ASN A 202 18.79 6.34 -16.73
CA ASN A 202 20.22 6.59 -16.82
C ASN A 202 20.98 6.10 -15.63
N GLN A 203 20.40 5.16 -14.90
CA GLN A 203 21.03 4.64 -13.71
C GLN A 203 22.56 4.46 -13.80
N LYS A 204 23.02 3.71 -14.80
CA LYS A 204 24.44 3.48 -14.94
C LYS A 204 25.22 4.78 -15.05
N THR A 205 24.79 5.67 -15.93
CA THR A 205 25.51 6.93 -16.10
C THR A 205 25.62 7.73 -14.82
N ILE A 206 24.55 7.76 -14.05
CA ILE A 206 24.55 8.52 -12.82
C ILE A 206 25.64 7.97 -11.91
N CYS A 207 25.74 6.64 -11.86
CA CYS A 207 26.74 5.99 -11.02
C CYS A 207 28.15 6.15 -11.55
N GLN A 208 28.30 6.00 -12.86
CA GLN A 208 29.63 6.13 -13.43
C GLN A 208 30.18 7.50 -13.16
N GLN A 209 29.41 8.54 -13.44
CA GLN A 209 29.90 9.88 -13.20
C GLN A 209 30.19 10.10 -11.73
N ALA A 210 29.40 9.47 -10.88
CA ALA A 210 29.59 9.64 -9.45
C ALA A 210 30.94 9.09 -9.04
N VAL A 211 31.11 7.79 -9.29
CA VAL A 211 32.35 7.11 -8.95
C VAL A 211 33.55 7.85 -9.58
N ASP A 212 33.38 8.42 -10.76
CA ASP A 212 34.46 9.14 -11.40
C ASP A 212 34.84 10.39 -10.66
N THR A 213 33.89 10.97 -9.94
CA THR A 213 34.15 12.19 -9.21
C THR A 213 34.98 11.86 -7.99
N VAL A 214 34.67 10.75 -7.35
CA VAL A 214 35.40 10.31 -6.17
C VAL A 214 36.83 9.97 -6.57
N LEU A 215 36.99 9.24 -7.66
CA LEU A 215 38.32 8.89 -8.10
C LEU A 215 39.12 10.15 -8.35
N ALA A 216 38.43 11.20 -8.77
CA ALA A 216 39.06 12.50 -9.06
C ALA A 216 39.65 13.13 -7.79
N LYS A 217 38.77 13.38 -6.82
CA LYS A 217 39.19 13.96 -5.56
C LYS A 217 40.31 13.13 -4.94
N LYS A 218 40.19 11.81 -5.03
CA LYS A 218 41.19 10.92 -4.47
C LYS A 218 42.59 11.15 -5.03
N ARG A 219 42.68 11.24 -6.36
CA ARG A 219 43.97 11.46 -6.99
C ARG A 219 44.57 12.81 -6.61
N VAL A 220 43.72 13.78 -6.32
CA VAL A 220 44.18 15.10 -5.93
C VAL A 220 44.65 15.10 -4.50
N ASP A 221 43.83 14.59 -3.60
CA ASP A 221 44.21 14.52 -2.20
C ASP A 221 45.50 13.74 -1.98
N SER A 222 45.80 12.81 -2.89
CA SER A 222 47.03 12.01 -2.78
C SER A 222 48.26 12.90 -2.97
N LEU A 223 48.17 13.81 -3.94
CA LEU A 223 49.29 14.72 -4.21
C LEU A 223 49.68 15.49 -2.97
N GLN A 224 48.71 15.84 -2.15
CA GLN A 224 48.97 16.59 -0.94
C GLN A 224 49.43 15.68 0.22
N LEU A 225 49.65 14.40 -0.07
CA LEU A 225 50.09 13.46 0.95
C LEU A 225 51.53 13.04 0.74
N THR A 226 52.22 12.81 1.85
CA THR A 226 53.62 12.42 1.82
C THR A 226 53.74 11.12 1.05
N ARG A 227 53.60 10.03 1.77
CA ARG A 227 53.69 8.70 1.22
C ARG A 227 53.76 7.85 2.45
N GLU A 228 54.36 8.40 3.50
CA GLU A 228 54.44 7.71 4.78
C GLU A 228 53.03 7.95 5.32
N GLN A 229 52.45 9.06 4.88
CA GLN A 229 51.09 9.44 5.28
C GLN A 229 50.10 8.47 4.65
N MET A 230 50.30 8.15 3.38
CA MET A 230 49.44 7.21 2.69
C MET A 230 49.45 5.87 3.41
N LEU A 231 50.64 5.44 3.84
CA LEU A 231 50.81 4.19 4.55
C LEU A 231 50.15 4.27 5.92
N THR A 232 50.21 5.43 6.54
CA THR A 232 49.57 5.57 7.83
C THR A 232 48.07 5.49 7.62
N ASN A 233 47.57 6.08 6.54
CA ASN A 233 46.15 6.03 6.30
C ASN A 233 45.72 4.59 6.13
N ARG A 234 46.48 3.83 5.35
CA ARG A 234 46.21 2.43 5.10
C ARG A 234 46.23 1.65 6.40
N PHE A 235 47.25 1.90 7.21
CA PHE A 235 47.32 1.21 8.49
C PHE A 235 46.07 1.51 9.28
N ASN A 236 45.50 2.70 9.10
CA ASN A 236 44.29 3.07 9.81
C ASN A 236 43.10 2.22 9.36
N ASP A 237 42.79 2.23 8.07
CA ASP A 237 41.68 1.45 7.55
C ASP A 237 41.81 0.00 7.94
N LEU A 238 43.03 -0.51 7.92
CA LEU A 238 43.27 -1.91 8.30
C LEU A 238 42.94 -2.07 9.77
N LEU A 239 43.30 -1.06 10.54
CA LEU A 239 43.04 -1.08 11.97
C LEU A 239 41.55 -0.99 12.25
N ASP A 240 40.83 -0.27 11.39
CA ASP A 240 39.38 -0.10 11.50
C ASP A 240 38.69 -1.41 11.23
N ARG A 241 39.23 -2.18 10.29
CA ARG A 241 38.66 -3.47 9.96
C ARG A 241 38.88 -4.39 11.13
N MET A 242 40.05 -4.26 11.75
CA MET A 242 40.40 -5.10 12.90
C MET A 242 39.50 -4.88 14.13
N ASP A 243 39.20 -3.62 14.43
CA ASP A 243 38.36 -3.31 15.57
C ASP A 243 37.03 -4.08 15.45
N ILE A 244 36.44 -4.08 14.25
CA ILE A 244 35.18 -4.78 14.00
C ILE A 244 35.38 -6.30 14.11
N MET A 245 36.45 -6.81 13.51
CA MET A 245 36.75 -8.24 13.55
C MET A 245 36.80 -8.80 14.96
N PHE A 246 37.86 -8.48 15.69
CA PHE A 246 38.01 -8.97 17.04
C PHE A 246 37.10 -8.25 18.00
N GLY A 247 36.03 -7.65 17.48
CA GLY A 247 35.09 -6.93 18.31
C GLY A 247 34.13 -7.82 19.09
N SER A 248 33.38 -7.22 20.01
CA SER A 248 32.43 -7.95 20.84
C SER A 248 31.42 -8.65 19.96
N THR A 249 31.32 -8.19 18.72
CA THR A 249 30.39 -8.74 17.74
C THR A 249 31.10 -8.93 16.41
N GLY A 250 31.33 -10.19 16.04
CA GLY A 250 32.02 -10.49 14.79
C GLY A 250 32.80 -11.79 14.85
N SER A 251 32.90 -12.48 13.73
CA SER A 251 33.62 -13.75 13.67
C SER A 251 35.09 -13.52 13.40
N ALA A 252 35.91 -13.63 14.43
CA ALA A 252 37.33 -13.41 14.28
C ALA A 252 38.05 -13.64 15.60
N ASP A 253 38.47 -14.89 15.84
CA ASP A 253 39.17 -15.25 17.07
C ASP A 253 40.57 -14.65 17.03
N ILE A 254 40.76 -13.59 17.81
CA ILE A 254 42.05 -12.90 17.87
C ILE A 254 43.20 -13.84 18.16
N GLU A 255 42.88 -14.97 18.79
CA GLU A 255 43.89 -15.97 19.14
C GLU A 255 44.36 -16.69 17.88
N GLU A 256 43.43 -16.92 16.95
CA GLU A 256 43.75 -17.61 15.70
C GLU A 256 44.66 -16.79 14.81
N TRP A 257 44.52 -15.47 14.86
CA TRP A 257 45.34 -14.61 14.04
C TRP A 257 46.72 -14.39 14.66
N MET A 258 46.79 -14.43 15.97
CA MET A 258 48.06 -14.25 16.63
C MET A 258 48.88 -15.51 16.35
N ALA A 259 48.20 -16.58 16.00
CA ALA A 259 48.84 -17.85 15.70
C ALA A 259 49.58 -17.73 14.39
N GLY A 260 48.98 -16.99 13.46
CA GLY A 260 49.59 -16.81 12.15
C GLY A 260 50.84 -15.99 12.27
N VAL A 261 50.81 -15.03 13.19
CA VAL A 261 51.96 -14.19 13.42
C VAL A 261 53.10 -15.10 13.85
N ALA A 262 52.83 -15.94 14.82
CA ALA A 262 53.85 -16.85 15.31
C ALA A 262 54.38 -17.71 14.18
N TRP A 263 53.57 -17.91 13.15
CA TRP A 263 53.98 -18.75 12.05
C TRP A 263 54.77 -17.92 11.04
N LEU A 264 54.25 -16.74 10.73
CA LEU A 264 54.89 -15.84 9.79
C LEU A 264 56.23 -15.32 10.31
N HIS A 265 56.46 -15.41 11.62
CA HIS A 265 57.71 -14.89 12.16
C HIS A 265 58.85 -15.87 12.04
N CYS A 266 58.54 -17.09 11.61
CA CYS A 266 59.54 -18.12 11.43
C CYS A 266 59.81 -18.38 9.96
N LEU A 267 59.17 -17.60 9.10
CA LEU A 267 59.33 -17.76 7.67
C LEU A 267 60.71 -17.29 7.21
N LEU A 268 61.24 -16.30 7.91
CA LEU A 268 62.55 -15.75 7.60
C LEU A 268 63.19 -15.25 8.87
N PRO A 269 64.51 -15.15 8.85
CA PRO A 269 65.25 -14.67 9.99
C PRO A 269 64.86 -13.23 10.30
N LYS A 270 64.46 -12.97 11.55
CA LYS A 270 64.13 -11.61 11.95
C LYS A 270 63.01 -11.00 11.14
N MET A 271 61.97 -11.80 10.90
CA MET A 271 60.84 -11.36 10.13
C MET A 271 60.34 -9.96 10.44
N ASP A 272 60.06 -9.69 11.70
CA ASP A 272 59.55 -8.38 12.06
C ASP A 272 60.43 -7.25 11.52
N SER A 273 61.74 -7.43 11.53
CA SER A 273 62.64 -6.39 11.03
C SER A 273 62.55 -6.25 9.49
N VAL A 274 62.57 -7.38 8.79
CA VAL A 274 62.44 -7.42 7.33
C VAL A 274 61.24 -6.56 6.91
N VAL A 275 60.06 -6.88 7.42
CA VAL A 275 58.87 -6.10 7.10
C VAL A 275 59.13 -4.60 7.23
N TYR A 276 59.76 -4.22 8.34
CA TYR A 276 60.08 -2.81 8.61
C TYR A 276 61.01 -2.27 7.53
N ASP A 277 62.07 -3.01 7.22
CA ASP A 277 63.00 -2.59 6.19
C ASP A 277 62.19 -2.48 4.92
N PHE A 278 61.40 -3.52 4.64
CA PHE A 278 60.56 -3.52 3.44
C PHE A 278 59.72 -2.24 3.38
N LEU A 279 58.86 -2.05 4.37
CA LEU A 279 58.02 -0.86 4.44
C LEU A 279 58.79 0.41 4.15
N LYS A 280 59.96 0.56 4.75
CA LYS A 280 60.74 1.77 4.49
C LYS A 280 61.17 1.90 3.05
N CYS A 281 61.52 0.79 2.41
CA CYS A 281 61.95 0.84 1.02
C CYS A 281 60.78 1.30 0.15
N MET A 282 59.58 0.90 0.55
CA MET A 282 58.36 1.24 -0.16
C MET A 282 57.94 2.69 0.10
N VAL A 283 58.19 3.17 1.31
CA VAL A 283 57.84 4.54 1.66
C VAL A 283 58.80 5.51 1.02
N TYR A 284 60.10 5.26 1.17
CA TYR A 284 61.08 6.15 0.59
C TYR A 284 61.03 6.12 -0.93
N ASN A 285 60.67 4.97 -1.50
CA ASN A 285 60.55 4.86 -2.95
C ASN A 285 61.69 5.55 -3.70
N ILE A 286 62.88 4.95 -3.67
CA ILE A 286 64.06 5.54 -4.33
C ILE A 286 64.33 4.95 -5.71
N PRO A 287 64.53 5.83 -6.72
CA PRO A 287 64.78 5.38 -8.09
C PRO A 287 65.88 4.31 -8.21
N LYS A 288 65.58 3.24 -8.94
CA LYS A 288 66.48 2.11 -9.16
C LYS A 288 66.81 1.35 -7.88
N LYS A 289 66.05 1.63 -6.82
CA LYS A 289 66.27 0.94 -5.54
C LYS A 289 64.94 0.73 -4.80
N ARG A 290 63.90 0.39 -5.55
CA ARG A 290 62.58 0.21 -4.95
C ARG A 290 61.93 -1.16 -5.19
N TYR A 291 62.72 -2.14 -5.59
CA TYR A 291 62.18 -3.47 -5.82
C TYR A 291 62.98 -4.56 -5.11
N TRP A 292 62.25 -5.54 -4.59
CA TRP A 292 62.83 -6.68 -3.89
C TRP A 292 62.49 -7.91 -4.69
N LEU A 293 63.36 -8.90 -4.66
CA LEU A 293 63.11 -10.14 -5.38
C LEU A 293 62.96 -11.31 -4.39
N PHE A 294 61.81 -11.96 -4.41
CA PHE A 294 61.59 -13.11 -3.54
C PHE A 294 61.80 -14.31 -4.44
N LYS A 295 62.88 -15.05 -4.19
CA LYS A 295 63.23 -16.19 -5.02
C LYS A 295 63.21 -17.49 -4.26
N GLY A 296 62.53 -18.50 -4.81
CA GLY A 296 62.46 -19.77 -4.14
C GLY A 296 61.52 -20.79 -4.75
N PRO A 297 61.63 -22.05 -4.31
CA PRO A 297 60.84 -23.21 -4.74
C PRO A 297 59.36 -23.05 -4.56
N ILE A 298 58.61 -23.95 -5.18
CA ILE A 298 57.18 -23.94 -5.06
C ILE A 298 56.86 -24.25 -3.60
N ASP A 299 55.97 -23.47 -2.99
CA ASP A 299 55.59 -23.66 -1.60
C ASP A 299 56.73 -23.42 -0.63
N SER A 300 57.34 -22.24 -0.74
CA SER A 300 58.44 -21.85 0.11
C SER A 300 58.11 -20.59 0.89
N GLY A 301 56.91 -20.05 0.68
CA GLY A 301 56.52 -18.84 1.40
C GLY A 301 56.61 -17.54 0.60
N LYS A 302 57.45 -17.51 -0.43
CA LYS A 302 57.60 -16.30 -1.25
C LYS A 302 56.27 -15.72 -1.75
N THR A 303 55.28 -16.57 -1.99
CA THR A 303 53.98 -16.12 -2.44
C THR A 303 53.13 -15.64 -1.26
N THR A 304 53.09 -16.43 -0.19
CA THR A 304 52.29 -16.03 0.96
C THR A 304 52.74 -14.69 1.50
N LEU A 305 54.04 -14.55 1.76
CA LEU A 305 54.51 -13.28 2.28
C LEU A 305 54.22 -12.12 1.33
N ALA A 306 54.50 -12.31 0.04
CA ALA A 306 54.25 -11.24 -0.95
C ALA A 306 52.80 -10.78 -0.90
N ALA A 307 51.89 -11.72 -0.77
CA ALA A 307 50.49 -11.38 -0.71
C ALA A 307 50.27 -10.52 0.53
N ALA A 308 50.68 -11.03 1.68
CA ALA A 308 50.54 -10.34 2.96
C ALA A 308 51.03 -8.91 2.85
N LEU A 309 52.30 -8.78 2.47
CA LEU A 309 52.89 -7.47 2.32
C LEU A 309 52.06 -6.60 1.36
N LEU A 310 51.50 -7.24 0.36
CA LEU A 310 50.71 -6.55 -0.64
C LEU A 310 49.43 -6.00 -0.06
N GLU A 311 48.86 -6.71 0.90
CA GLU A 311 47.63 -6.24 1.53
C GLU A 311 47.95 -5.21 2.61
N LEU A 312 49.12 -5.35 3.25
CA LEU A 312 49.53 -4.45 4.31
C LEU A 312 49.56 -2.99 3.84
N CYS A 313 50.37 -2.67 2.83
CA CYS A 313 50.43 -1.29 2.34
C CYS A 313 49.36 -1.03 1.31
N GLY A 314 48.69 -2.09 0.86
CA GLY A 314 47.66 -1.94 -0.15
C GLY A 314 48.24 -1.94 -1.56
N GLY A 315 47.54 -2.55 -2.51
CA GLY A 315 48.04 -2.59 -3.86
C GLY A 315 47.57 -3.84 -4.57
N LYS A 316 48.06 -4.07 -5.78
CA LYS A 316 47.66 -5.24 -6.54
C LYS A 316 48.83 -6.04 -7.12
N ALA A 317 48.57 -7.28 -7.48
CA ALA A 317 49.59 -8.13 -8.08
C ALA A 317 49.21 -8.34 -9.53
N LEU A 318 50.22 -8.45 -10.38
CA LEU A 318 49.99 -8.66 -11.79
C LEU A 318 50.79 -9.83 -12.34
N ASN A 319 50.27 -10.39 -13.43
CA ASN A 319 50.90 -11.52 -14.08
C ASN A 319 51.45 -11.14 -15.43
N VAL A 320 52.76 -10.97 -15.51
CA VAL A 320 53.39 -10.59 -16.77
C VAL A 320 53.84 -11.78 -17.58
N ASN A 321 53.20 -12.92 -17.36
CA ASN A 321 53.56 -14.09 -18.13
C ASN A 321 52.59 -14.19 -19.29
N LEU A 322 52.66 -13.24 -20.22
CA LEU A 322 51.78 -13.25 -21.38
C LEU A 322 52.38 -12.51 -22.57
N PRO A 323 51.80 -12.69 -23.76
CA PRO A 323 52.31 -12.03 -24.97
C PRO A 323 52.35 -10.52 -24.82
N LEU A 324 53.43 -9.90 -25.27
CA LEU A 324 53.57 -8.45 -25.15
C LEU A 324 52.40 -7.69 -25.78
N ASP A 325 51.57 -8.39 -26.54
CA ASP A 325 50.41 -7.75 -27.16
C ASP A 325 49.19 -7.87 -26.23
N ARG A 326 49.45 -8.00 -24.93
CA ARG A 326 48.38 -8.08 -23.94
C ARG A 326 48.97 -7.74 -22.58
N LEU A 327 50.24 -7.35 -22.58
CA LEU A 327 51.00 -7.02 -21.40
C LEU A 327 50.70 -5.63 -20.88
N ASN A 328 50.12 -4.79 -21.74
CA ASN A 328 49.82 -3.43 -21.34
C ASN A 328 48.56 -3.29 -20.52
N PHE A 329 47.49 -3.99 -20.91
CA PHE A 329 46.25 -3.89 -20.12
C PHE A 329 46.46 -4.43 -18.71
N GLU A 330 47.41 -5.36 -18.57
CA GLU A 330 47.75 -5.96 -17.28
C GLU A 330 48.58 -4.97 -16.46
N LEU A 331 49.64 -4.45 -17.07
CA LEU A 331 50.49 -3.50 -16.38
C LEU A 331 49.65 -2.36 -15.83
N GLY A 332 48.54 -2.08 -16.52
CA GLY A 332 47.65 -0.99 -16.14
C GLY A 332 46.91 -1.12 -14.82
N VAL A 333 46.79 -2.34 -14.33
CA VAL A 333 46.09 -2.52 -13.08
C VAL A 333 46.87 -1.83 -11.96
N ALA A 334 48.15 -1.58 -12.22
CA ALA A 334 49.01 -0.93 -11.23
C ALA A 334 48.62 0.52 -10.88
N ILE A 335 47.85 1.15 -11.77
CA ILE A 335 47.42 2.54 -11.60
C ILE A 335 46.91 2.92 -10.23
N ASP A 336 47.43 4.03 -9.71
CA ASP A 336 46.99 4.53 -8.42
C ASP A 336 47.24 3.55 -7.29
N GLN A 337 48.13 2.59 -7.50
CA GLN A 337 48.43 1.59 -6.46
C GLN A 337 49.69 1.94 -5.65
N PHE A 338 49.65 1.72 -4.34
CA PHE A 338 50.82 2.04 -3.52
C PHE A 338 52.04 1.24 -3.94
N LEU A 339 51.86 -0.07 -4.07
CA LEU A 339 52.94 -0.94 -4.50
C LEU A 339 52.40 -2.05 -5.38
N VAL A 340 53.29 -2.63 -6.18
CA VAL A 340 52.92 -3.72 -7.08
C VAL A 340 53.70 -4.97 -6.69
N VAL A 341 53.22 -6.12 -7.16
CA VAL A 341 53.85 -7.40 -6.89
C VAL A 341 53.78 -8.25 -8.16
N PHE A 342 54.92 -8.57 -8.75
CA PHE A 342 54.89 -9.42 -9.93
C PHE A 342 54.89 -10.88 -9.42
N GLU A 343 53.71 -11.51 -9.43
CA GLU A 343 53.59 -12.88 -8.90
C GLU A 343 53.89 -14.01 -9.86
N ASP A 344 54.88 -14.81 -9.46
CA ASP A 344 55.30 -15.99 -10.18
C ASP A 344 55.85 -15.70 -11.57
N VAL A 345 56.82 -14.80 -11.65
CA VAL A 345 57.42 -14.46 -12.93
C VAL A 345 58.14 -15.69 -13.48
N LYS A 346 57.79 -16.10 -14.70
CA LYS A 346 58.44 -17.26 -15.31
C LYS A 346 59.56 -16.91 -16.27
N GLY A 347 60.44 -17.88 -16.47
CA GLY A 347 61.56 -17.71 -17.38
C GLY A 347 61.53 -18.80 -18.44
N THR A 348 62.26 -18.59 -19.52
CA THR A 348 62.31 -19.56 -20.60
C THR A 348 63.23 -20.71 -20.22
N GLY A 349 64.01 -21.21 -21.14
CA GLY A 349 64.98 -22.32 -21.09
C GLY A 349 65.75 -22.88 -19.84
N GLY A 350 66.07 -22.07 -18.80
CA GLY A 350 67.00 -22.28 -17.67
C GLY A 350 67.35 -23.60 -17.00
N GLU A 351 67.62 -23.43 -15.74
CA GLU A 351 67.97 -24.40 -14.69
C GLU A 351 67.24 -25.76 -14.81
N SER A 352 67.79 -26.62 -15.66
CA SER A 352 67.25 -27.95 -15.91
C SER A 352 65.77 -27.87 -16.29
N ARG A 353 65.01 -28.88 -15.89
CA ARG A 353 63.59 -28.89 -16.23
C ARG A 353 62.71 -28.91 -15.00
N ASP A 354 61.46 -29.33 -15.22
CA ASP A 354 60.48 -29.39 -14.16
C ASP A 354 60.07 -27.97 -13.82
N LEU A 355 60.65 -26.99 -14.52
CA LEU A 355 60.31 -25.60 -14.29
C LEU A 355 59.56 -25.04 -15.47
N PRO A 356 58.33 -24.55 -15.24
CA PRO A 356 57.50 -23.98 -16.28
C PRO A 356 58.22 -22.88 -17.04
N SER A 357 58.01 -22.83 -18.34
CA SER A 357 58.64 -21.82 -19.17
C SER A 357 57.67 -20.67 -19.39
N GLY A 358 58.20 -19.45 -19.52
CA GLY A 358 57.34 -18.29 -19.74
C GLY A 358 58.08 -17.04 -20.16
N GLN A 359 57.33 -15.98 -20.43
CA GLN A 359 57.93 -14.72 -20.84
C GLN A 359 58.12 -13.71 -19.73
N GLY A 360 57.47 -13.96 -18.59
CA GLY A 360 57.57 -13.09 -17.44
C GLY A 360 58.91 -12.41 -17.21
N ILE A 361 60.00 -13.17 -17.22
CA ILE A 361 61.32 -12.58 -16.99
C ILE A 361 61.77 -11.74 -18.19
N ASN A 362 61.49 -12.22 -19.39
CA ASN A 362 61.86 -11.51 -20.60
C ASN A 362 61.19 -10.16 -20.54
N ASN A 363 59.88 -10.18 -20.38
CA ASN A 363 59.13 -8.94 -20.29
C ASN A 363 59.71 -7.98 -19.26
N LEU A 364 59.94 -8.44 -18.04
CA LEU A 364 60.49 -7.55 -17.02
C LEU A 364 61.78 -6.92 -17.48
N ASP A 365 62.59 -7.69 -18.20
CA ASP A 365 63.86 -7.16 -18.69
C ASP A 365 63.64 -6.03 -19.72
N ASN A 366 62.39 -5.86 -20.15
CA ASN A 366 62.05 -4.80 -21.11
C ASN A 366 61.09 -3.79 -20.47
N LEU A 367 61.22 -3.63 -19.17
CA LEU A 367 60.38 -2.71 -18.41
C LEU A 367 61.24 -2.09 -17.32
N ARG A 368 62.52 -1.84 -17.63
CA ARG A 368 63.45 -1.24 -16.65
C ARG A 368 62.90 0.12 -16.25
N ASP A 369 62.39 0.85 -17.24
CA ASP A 369 61.79 2.15 -17.03
C ASP A 369 60.62 2.06 -16.06
N TYR A 370 60.03 0.87 -15.94
CA TYR A 370 58.91 0.64 -15.03
C TYR A 370 59.39 0.30 -13.64
N LEU A 371 60.56 -0.33 -13.55
CA LEU A 371 61.12 -0.71 -12.27
C LEU A 371 61.95 0.42 -11.65
N ASP A 372 62.81 1.05 -12.45
CA ASP A 372 63.67 2.12 -11.96
C ASP A 372 62.89 3.25 -11.29
N GLY A 373 61.78 3.62 -11.92
CA GLY A 373 60.95 4.68 -11.37
C GLY A 373 61.65 6.03 -11.42
N SER A 374 62.31 6.29 -12.55
CA SER A 374 63.02 7.55 -12.72
C SER A 374 62.14 8.44 -13.58
N VAL A 375 61.58 7.83 -14.62
CA VAL A 375 60.71 8.52 -15.56
C VAL A 375 59.33 7.92 -15.45
N LYS A 376 58.29 8.72 -15.70
CA LYS A 376 56.93 8.21 -15.62
C LYS A 376 56.61 7.33 -16.84
N VAL A 377 55.51 6.59 -16.74
CA VAL A 377 55.08 5.74 -17.84
C VAL A 377 53.60 5.95 -18.11
N ASN A 378 53.12 5.40 -19.22
CA ASN A 378 51.71 5.56 -19.58
C ASN A 378 50.90 4.30 -19.36
N LEU A 379 50.37 4.16 -18.15
CA LEU A 379 49.55 3.02 -17.81
C LEU A 379 48.18 3.24 -18.43
N GLU A 380 47.61 2.22 -19.08
CA GLU A 380 46.31 2.40 -19.73
C GLU A 380 45.19 1.44 -19.32
N LYS A 381 43.96 1.86 -19.58
CA LYS A 381 42.78 1.06 -19.29
C LYS A 381 41.90 1.07 -20.54
N LYS A 382 40.90 0.20 -20.60
CA LYS A 382 40.03 0.15 -21.77
C LYS A 382 39.14 1.39 -21.89
N HIS A 383 38.99 1.89 -23.12
CA HIS A 383 38.13 3.05 -23.41
C HIS A 383 38.43 4.27 -22.59
N LEU A 384 39.60 4.29 -21.98
CA LEU A 384 40.00 5.40 -21.12
C LEU A 384 41.25 6.09 -21.64
N ASN A 385 41.72 7.05 -20.86
CA ASN A 385 42.89 7.82 -21.23
C ASN A 385 44.18 7.32 -20.61
N LYS A 386 45.21 7.20 -21.46
CA LYS A 386 46.51 6.75 -21.02
C LYS A 386 46.95 7.57 -19.81
N ARG A 387 46.76 7.03 -18.61
CA ARG A 387 47.14 7.74 -17.38
C ARG A 387 48.65 7.64 -17.17
N THR A 388 49.30 8.78 -17.00
CA THR A 388 50.74 8.76 -16.82
C THR A 388 51.13 8.97 -15.38
N GLN A 389 52.11 8.18 -14.92
CA GLN A 389 52.57 8.24 -13.53
C GLN A 389 53.82 7.38 -13.35
N ILE A 390 54.48 7.53 -12.21
CA ILE A 390 55.66 6.72 -11.93
C ILE A 390 55.15 5.33 -11.55
N PHE A 391 55.70 4.28 -12.16
CA PHE A 391 55.24 2.95 -11.84
C PHE A 391 55.52 2.71 -10.36
N PRO A 392 54.56 2.12 -9.63
CA PRO A 392 54.74 1.86 -8.20
C PRO A 392 55.87 0.87 -7.98
N PRO A 393 56.43 0.85 -6.77
CA PRO A 393 57.52 -0.07 -6.44
C PRO A 393 56.92 -1.42 -6.07
N GLY A 394 57.73 -2.35 -5.59
CA GLY A 394 57.14 -3.62 -5.24
C GLY A 394 58.10 -4.76 -5.07
N ILE A 395 57.56 -5.95 -5.25
CA ILE A 395 58.32 -7.17 -5.11
C ILE A 395 58.09 -8.01 -6.37
N VAL A 396 59.01 -8.93 -6.61
CA VAL A 396 58.91 -9.84 -7.74
C VAL A 396 59.25 -11.22 -7.17
N THR A 397 58.31 -12.16 -7.32
CA THR A 397 58.50 -13.50 -6.82
C THR A 397 58.70 -14.41 -8.01
N MET A 398 59.70 -15.27 -7.91
CA MET A 398 60.00 -16.19 -9.00
C MET A 398 60.66 -17.45 -8.47
N ASN A 399 60.62 -18.51 -9.27
CA ASN A 399 61.25 -19.75 -8.89
C ASN A 399 62.72 -19.64 -9.28
N GLU A 400 63.44 -20.74 -9.14
CA GLU A 400 64.86 -20.73 -9.43
C GLU A 400 65.29 -20.63 -10.89
N TYR A 401 64.89 -19.55 -11.54
CA TYR A 401 65.25 -19.31 -12.93
C TYR A 401 66.49 -18.43 -12.99
N SER A 402 67.08 -18.32 -14.18
CA SER A 402 68.25 -17.49 -14.35
C SER A 402 67.82 -16.06 -14.64
N VAL A 403 68.20 -15.13 -13.77
CA VAL A 403 67.84 -13.74 -13.95
C VAL A 403 68.94 -12.98 -14.69
N PRO A 404 68.60 -12.37 -15.84
CA PRO A 404 69.57 -11.60 -16.64
C PRO A 404 70.24 -10.56 -15.76
N LYS A 405 71.51 -10.28 -16.04
CA LYS A 405 72.24 -9.30 -15.25
C LYS A 405 71.51 -7.95 -15.21
N THR A 406 71.01 -7.54 -16.37
CA THR A 406 70.28 -6.28 -16.46
C THR A 406 69.10 -6.25 -15.50
N LEU A 407 68.34 -7.34 -15.46
CA LEU A 407 67.19 -7.38 -14.58
C LEU A 407 67.67 -7.34 -13.15
N GLN A 408 68.58 -8.25 -12.80
CA GLN A 408 69.06 -8.34 -11.43
C GLN A 408 69.33 -6.97 -10.84
N ALA A 409 70.14 -6.17 -11.53
CA ALA A 409 70.51 -4.81 -11.09
C ALA A 409 69.32 -4.00 -10.56
N ARG A 410 68.14 -4.23 -11.12
CA ARG A 410 66.96 -3.52 -10.69
C ARG A 410 66.41 -4.08 -9.37
N PHE A 411 67.08 -5.03 -8.75
CA PHE A 411 66.59 -5.57 -7.49
C PHE A 411 67.47 -5.18 -6.32
N VAL A 412 67.19 -4.04 -5.72
CA VAL A 412 67.99 -3.57 -4.60
C VAL A 412 68.27 -4.65 -3.58
N LYS A 413 67.38 -5.63 -3.47
CA LYS A 413 67.53 -6.70 -2.46
C LYS A 413 66.91 -8.00 -2.92
N GLN A 414 67.51 -9.13 -2.56
CA GLN A 414 66.95 -10.42 -2.96
C GLN A 414 66.88 -11.31 -1.75
N ILE A 415 65.74 -11.98 -1.57
CA ILE A 415 65.53 -12.87 -0.43
C ILE A 415 65.28 -14.26 -0.96
N ASP A 416 65.98 -15.25 -0.43
CA ASP A 416 65.80 -16.60 -0.89
C ASP A 416 65.02 -17.42 0.09
N PHE A 417 63.84 -17.86 -0.30
CA PHE A 417 63.02 -18.65 0.61
C PHE A 417 63.36 -20.13 0.53
N ARG A 418 63.76 -20.72 1.65
CA ARG A 418 64.09 -22.14 1.64
C ARG A 418 63.04 -22.90 2.46
N PRO A 419 62.41 -23.90 1.84
CA PRO A 419 61.38 -24.71 2.49
C PRO A 419 61.81 -25.23 3.85
N LYS A 420 60.93 -25.08 4.84
CA LYS A 420 61.21 -25.57 6.20
C LYS A 420 60.11 -26.56 6.57
N ASP A 421 60.50 -27.80 6.82
CA ASP A 421 59.56 -28.84 7.17
C ASP A 421 58.82 -28.52 8.47
N TYR A 422 59.53 -27.97 9.44
CA TYR A 422 58.91 -27.66 10.70
C TYR A 422 57.83 -26.62 10.55
N LEU A 423 57.78 -25.99 9.38
CA LEU A 423 56.77 -24.97 9.12
C LEU A 423 55.64 -25.63 8.36
N LYS A 424 56.02 -26.45 7.38
CA LYS A 424 55.06 -27.17 6.56
C LYS A 424 54.21 -28.07 7.46
N HIS A 425 54.86 -28.81 8.35
CA HIS A 425 54.15 -29.71 9.24
C HIS A 425 53.27 -28.95 10.19
N CYS A 426 53.76 -27.83 10.71
CA CYS A 426 52.96 -27.05 11.64
C CYS A 426 51.63 -26.67 10.99
N LEU A 427 51.69 -26.35 9.70
CA LEU A 427 50.51 -25.95 8.97
C LEU A 427 49.54 -27.12 8.79
N GLU A 428 50.07 -28.28 8.44
CA GLU A 428 49.23 -29.47 8.23
C GLU A 428 48.31 -29.73 9.42
N ARG A 429 48.57 -29.03 10.52
CA ARG A 429 47.78 -29.17 11.73
C ARG A 429 47.34 -27.79 12.20
N SER A 430 46.82 -27.01 11.27
CA SER A 430 46.38 -25.66 11.57
C SER A 430 45.51 -25.15 10.41
N GLU A 431 44.71 -26.07 9.89
CA GLU A 431 43.78 -25.83 8.76
C GLU A 431 43.20 -24.42 8.74
N PHE A 432 42.84 -23.92 9.91
CA PHE A 432 42.24 -22.59 10.00
C PHE A 432 43.13 -21.49 9.46
N LEU A 433 44.45 -21.67 9.52
CA LEU A 433 45.37 -20.64 9.04
C LEU A 433 45.29 -20.49 7.52
N LEU A 434 44.88 -21.57 6.83
CA LEU A 434 44.73 -21.53 5.38
C LEU A 434 43.27 -21.34 5.04
N GLU A 435 42.39 -21.77 5.94
CA GLU A 435 40.95 -21.65 5.75
C GLU A 435 40.58 -20.18 5.81
N LYS A 436 40.85 -19.53 6.95
CA LYS A 436 40.54 -18.13 7.14
C LYS A 436 41.53 -17.21 6.43
N ARG A 437 42.42 -17.81 5.64
CA ARG A 437 43.44 -17.06 4.89
C ARG A 437 44.07 -15.99 5.76
N ILE A 438 44.75 -16.44 6.82
CA ILE A 438 45.41 -15.55 7.77
C ILE A 438 46.89 -15.34 7.48
N ILE A 439 47.58 -16.36 6.99
CA ILE A 439 49.00 -16.19 6.71
C ILE A 439 49.26 -15.31 5.49
N GLN A 440 48.28 -15.17 4.61
CA GLN A 440 48.48 -14.32 3.43
C GLN A 440 47.85 -12.96 3.63
N SER A 441 47.39 -12.71 4.85
CA SER A 441 46.72 -11.45 5.19
C SER A 441 47.65 -10.39 5.75
N GLY A 442 47.41 -9.15 5.36
CA GLY A 442 48.23 -8.06 5.85
C GLY A 442 47.90 -7.74 7.30
N ILE A 443 46.65 -7.99 7.68
CA ILE A 443 46.25 -7.74 9.05
C ILE A 443 47.16 -8.57 9.93
N ALA A 444 47.46 -9.77 9.46
CA ALA A 444 48.34 -10.64 10.21
C ALA A 444 49.70 -9.99 10.37
N LEU A 445 50.18 -9.37 9.29
CA LEU A 445 51.48 -8.72 9.38
C LEU A 445 51.40 -7.49 10.29
N LEU A 446 50.36 -6.67 10.10
CA LEU A 446 50.20 -5.47 10.93
C LEU A 446 50.24 -5.83 12.43
N LEU A 447 49.56 -6.91 12.80
CA LEU A 447 49.57 -7.33 14.20
C LEU A 447 51.02 -7.52 14.58
N MET A 448 51.74 -8.27 13.74
CA MET A 448 53.14 -8.54 13.99
C MET A 448 53.91 -7.27 14.32
N LEU A 449 53.70 -6.21 13.53
CA LEU A 449 54.38 -4.96 13.80
C LEU A 449 53.99 -4.49 15.22
N ILE A 450 52.70 -4.42 15.48
CA ILE A 450 52.20 -4.01 16.78
C ILE A 450 52.81 -4.85 17.90
N TRP A 451 53.17 -6.08 17.61
CA TRP A 451 53.73 -6.93 18.64
C TRP A 451 55.25 -6.88 18.76
N TYR A 452 55.96 -6.40 17.74
CA TYR A 452 57.42 -6.39 17.80
C TYR A 452 58.10 -5.03 17.68
N ARG A 453 57.51 -4.14 16.89
CA ARG A 453 58.10 -2.85 16.67
C ARG A 453 57.73 -1.90 17.78
N PRO A 454 58.69 -1.10 18.23
CA PRO A 454 58.47 -0.13 19.31
C PRO A 454 57.48 0.94 18.89
N VAL A 455 56.70 1.41 19.85
CA VAL A 455 55.70 2.43 19.60
C VAL A 455 56.27 3.61 18.82
N ALA A 456 57.51 3.98 19.13
CA ALA A 456 58.17 5.11 18.48
C ALA A 456 58.26 5.05 16.97
N GLU A 457 58.27 3.84 16.41
CA GLU A 457 58.39 3.70 14.95
C GLU A 457 57.15 4.16 14.19
N PHE A 458 55.99 3.58 14.48
CA PHE A 458 54.78 3.96 13.78
C PHE A 458 54.61 5.48 13.78
N ALA A 459 53.86 5.98 12.80
CA ALA A 459 53.62 7.42 12.69
C ALA A 459 53.01 7.96 13.98
N GLN A 460 53.44 9.14 14.39
CA GLN A 460 52.93 9.78 15.61
C GLN A 460 51.41 9.89 15.60
N SER A 461 50.85 10.30 14.46
CA SER A 461 49.42 10.48 14.30
C SER A 461 48.58 9.31 14.82
N ILE A 462 49.06 8.08 14.65
CA ILE A 462 48.30 6.92 15.13
C ILE A 462 48.98 6.09 16.21
N GLN A 463 50.03 6.66 16.82
CA GLN A 463 50.74 5.97 17.89
C GLN A 463 49.77 5.70 19.03
N SER A 464 48.78 6.56 19.13
CA SER A 464 47.75 6.44 20.15
C SER A 464 47.15 5.04 20.06
N ARG A 465 46.64 4.70 18.87
CA ARG A 465 46.01 3.41 18.61
C ARG A 465 46.98 2.25 18.81
N ILE A 466 48.19 2.43 18.30
CA ILE A 466 49.22 1.40 18.43
C ILE A 466 49.43 1.02 19.89
N VAL A 467 49.45 2.03 20.76
CA VAL A 467 49.65 1.77 22.18
C VAL A 467 48.47 0.99 22.76
N GLU A 468 47.26 1.48 22.51
CA GLU A 468 46.06 0.84 23.01
C GLU A 468 45.94 -0.58 22.48
N TRP A 469 46.37 -0.78 21.24
CA TRP A 469 46.31 -2.09 20.61
C TRP A 469 47.38 -2.98 21.23
N LYS A 470 48.55 -2.41 21.40
CA LYS A 470 49.65 -3.16 21.98
C LYS A 470 49.21 -3.69 23.33
N GLU A 471 48.64 -2.81 24.17
CA GLU A 471 48.17 -3.20 25.50
C GLU A 471 47.09 -4.27 25.42
N ARG A 472 46.30 -4.24 24.36
CA ARG A 472 45.24 -5.21 24.15
C ARG A 472 45.84 -6.61 24.03
N LEU A 473 46.91 -6.74 23.26
CA LEU A 473 47.56 -8.02 23.05
C LEU A 473 48.24 -8.53 24.31
N ASP A 474 48.77 -7.59 25.10
CA ASP A 474 49.48 -7.90 26.35
C ASP A 474 48.67 -8.67 27.36
N LYS A 475 47.44 -8.23 27.59
CA LYS A 475 46.57 -8.89 28.55
C LYS A 475 46.09 -10.23 28.00
N GLU A 476 45.76 -10.24 26.70
CA GLU A 476 45.29 -11.44 26.01
C GLU A 476 46.33 -12.55 25.90
N PHE A 477 47.51 -12.20 25.44
CA PHE A 477 48.60 -13.17 25.30
C PHE A 477 49.78 -12.78 26.19
N SER A 478 49.98 -13.54 27.26
CA SER A 478 51.09 -13.26 28.16
C SER A 478 52.35 -13.71 27.44
N LEU A 479 53.50 -13.42 28.03
CA LEU A 479 54.76 -13.84 27.43
C LEU A 479 54.84 -15.36 27.50
N SER A 480 53.75 -16.00 27.91
CA SER A 480 53.70 -17.47 28.01
C SER A 480 52.82 -18.08 26.94
N VAL A 481 51.60 -17.57 26.82
CA VAL A 481 50.64 -18.06 25.84
C VAL A 481 51.17 -18.01 24.42
N TYR A 482 51.82 -16.90 24.08
CA TYR A 482 52.39 -16.69 22.75
C TYR A 482 53.62 -17.54 22.55
N GLN A 483 54.47 -17.60 23.58
CA GLN A 483 55.69 -18.38 23.55
C GLN A 483 55.32 -19.83 23.26
N LYS A 484 54.13 -20.23 23.69
CA LYS A 484 53.70 -21.61 23.48
C LYS A 484 53.44 -21.81 21.99
N MET A 485 52.93 -20.77 21.35
CA MET A 485 52.63 -20.86 19.94
C MET A 485 53.93 -20.99 19.15
N LYS A 486 54.89 -20.11 19.41
CA LYS A 486 56.15 -20.17 18.72
C LYS A 486 56.82 -21.54 18.89
N PHE A 487 56.72 -22.10 20.09
CA PHE A 487 57.30 -23.40 20.40
C PHE A 487 56.71 -24.49 19.53
N ASN A 488 55.38 -24.61 19.57
CA ASN A 488 54.66 -25.60 18.78
C ASN A 488 55.00 -25.46 17.29
N VAL A 489 55.05 -24.22 16.81
CA VAL A 489 55.36 -23.95 15.40
C VAL A 489 56.79 -24.37 15.11
N ALA A 490 57.68 -24.12 16.06
CA ALA A 490 59.08 -24.50 15.87
C ALA A 490 59.22 -26.00 15.91
N MET A 491 58.30 -26.67 16.62
CA MET A 491 58.35 -28.11 16.75
C MET A 491 57.48 -28.80 15.70
N GLY A 492 56.71 -28.00 14.97
CA GLY A 492 55.86 -28.54 13.93
C GLY A 492 54.75 -29.41 14.48
N ILE A 493 53.91 -28.81 15.31
CA ILE A 493 52.80 -29.52 15.92
C ILE A 493 51.49 -28.87 15.50
N GLY A 494 51.17 -27.77 16.15
CA GLY A 494 49.96 -27.05 15.85
C GLY A 494 50.07 -25.74 16.57
N VAL A 495 50.01 -24.65 15.83
CA VAL A 495 50.13 -23.33 16.42
C VAL A 495 49.43 -23.19 17.75
N LEU A 496 48.23 -23.74 17.85
CA LEU A 496 47.46 -23.65 19.09
C LEU A 496 47.79 -24.79 20.03
N ASP A 497 47.70 -26.02 19.53
CA ASP A 497 48.00 -27.21 20.31
C ASP A 497 47.77 -28.50 19.51
N LYS B 1 14.62 44.63 -50.17
CA LYS B 1 14.54 43.47 -51.09
C LYS B 1 15.82 42.65 -50.99
N VAL B 2 16.94 43.34 -50.83
CA VAL B 2 18.25 42.71 -50.72
C VAL B 2 18.51 42.28 -49.28
N GLU B 3 17.82 42.93 -48.35
CA GLU B 3 17.95 42.67 -46.92
C GLU B 3 17.77 41.19 -46.56
N ASP B 4 16.68 40.59 -47.02
CA ASP B 4 16.42 39.20 -46.69
C ASP B 4 16.50 39.20 -45.15
N PRO B 5 15.47 39.75 -44.49
CA PRO B 5 15.32 39.87 -43.05
C PRO B 5 16.29 39.14 -42.15
N LYS B 6 17.09 39.90 -41.42
CA LYS B 6 18.05 39.36 -40.47
C LYS B 6 17.35 39.09 -39.15
N ASP B 7 16.14 39.63 -39.00
CA ASP B 7 15.36 39.45 -37.79
C ASP B 7 13.90 39.72 -38.08
N PHE B 8 13.03 39.41 -37.13
CA PHE B 8 11.61 39.63 -37.32
C PHE B 8 11.31 41.10 -37.53
N PRO B 9 10.14 41.40 -38.10
CA PRO B 9 9.73 42.79 -38.35
C PRO B 9 9.64 43.59 -37.04
N SER B 10 10.28 44.74 -37.01
CA SER B 10 10.32 45.61 -35.83
C SER B 10 9.07 45.73 -34.96
N GLU B 11 7.89 45.91 -35.57
CA GLU B 11 6.65 46.07 -34.81
C GLU B 11 6.19 44.81 -34.08
N LEU B 12 6.99 43.75 -34.19
CA LEU B 12 6.66 42.48 -33.54
C LEU B 12 7.65 42.15 -32.44
N LEU B 13 8.88 42.64 -32.63
CA LEU B 13 9.96 42.41 -31.69
C LEU B 13 9.54 42.61 -30.25
N SER B 14 8.50 43.40 -30.06
CA SER B 14 7.99 43.69 -28.74
C SER B 14 7.42 42.46 -28.03
N PHE B 15 7.01 41.44 -28.76
CA PHE B 15 6.43 40.26 -28.10
C PHE B 15 7.31 39.03 -28.23
N LEU B 16 8.57 39.25 -28.56
CA LEU B 16 9.49 38.16 -28.75
C LEU B 16 10.67 38.15 -27.79
N SER B 17 11.06 36.94 -27.39
CA SER B 17 12.19 36.76 -26.51
C SER B 17 13.41 36.72 -27.41
N HIS B 18 14.33 37.68 -27.21
CA HIS B 18 15.53 37.76 -28.04
C HIS B 18 16.77 37.04 -27.55
N ALA B 19 16.58 35.90 -26.90
CA ALA B 19 17.72 35.16 -26.41
C ALA B 19 17.63 33.71 -26.90
N VAL B 20 17.44 33.54 -28.20
CA VAL B 20 17.32 32.22 -28.84
C VAL B 20 18.26 31.16 -28.28
N PHE B 21 19.41 31.60 -27.79
CA PHE B 21 20.43 30.73 -27.22
C PHE B 21 20.29 30.69 -25.70
N SER B 22 19.45 29.80 -25.21
CA SER B 22 19.22 29.67 -23.77
C SER B 22 18.59 28.33 -23.40
N ASN B 23 18.42 28.10 -22.11
CA ASN B 23 17.84 26.85 -21.68
C ASN B 23 16.33 26.92 -21.54
N ARG B 24 15.77 28.11 -21.77
CA ARG B 24 14.33 28.32 -21.65
C ARG B 24 13.49 27.40 -22.50
N THR B 25 12.37 26.92 -21.96
CA THR B 25 11.48 26.08 -22.73
C THR B 25 10.08 26.69 -22.69
N LEU B 26 9.45 26.87 -23.84
CA LEU B 26 8.10 27.44 -23.89
C LEU B 26 7.18 26.68 -24.82
N ALA B 27 5.96 27.18 -24.98
CA ALA B 27 5.00 26.52 -25.85
C ALA B 27 4.42 27.44 -26.92
N CYS B 28 5.08 28.57 -27.16
CA CYS B 28 4.62 29.48 -28.22
C CYS B 28 5.87 29.92 -29.01
N PHE B 29 5.92 29.57 -30.30
CA PHE B 29 7.06 29.93 -31.14
C PHE B 29 6.69 30.62 -32.45
N ALA B 30 7.65 31.30 -33.07
CA ALA B 30 7.41 31.96 -34.35
C ALA B 30 8.59 31.73 -35.31
N ILE B 31 8.30 31.44 -36.58
CA ILE B 31 9.36 31.23 -37.54
C ILE B 31 9.20 32.20 -38.69
N TYR B 32 10.30 32.82 -39.11
CA TYR B 32 10.27 33.80 -40.19
C TYR B 32 11.07 33.28 -41.37
N THR B 33 10.38 32.90 -42.44
CA THR B 33 11.06 32.39 -43.62
C THR B 33 10.35 32.81 -44.90
N THR B 34 10.55 32.07 -45.99
CA THR B 34 9.89 32.39 -47.26
C THR B 34 8.54 31.70 -47.34
N LYS B 35 7.76 32.06 -48.36
CA LYS B 35 6.43 31.50 -48.58
C LYS B 35 6.43 29.98 -48.68
N GLU B 36 7.19 29.46 -49.64
CA GLU B 36 7.26 28.01 -49.89
C GLU B 36 7.62 27.21 -48.65
N LYS B 37 8.66 27.67 -47.96
CA LYS B 37 9.14 26.98 -46.77
C LYS B 37 8.11 26.99 -45.66
N ALA B 38 7.52 28.15 -45.41
CA ALA B 38 6.51 28.26 -44.35
C ALA B 38 5.39 27.26 -44.65
N ALA B 39 4.99 27.21 -45.91
CA ALA B 39 3.94 26.32 -46.32
C ALA B 39 4.34 24.88 -46.04
N LEU B 40 5.60 24.55 -46.31
CA LEU B 40 6.09 23.19 -46.05
C LEU B 40 6.18 22.95 -44.56
N LEU B 41 6.68 23.95 -43.84
CA LEU B 41 6.83 23.85 -42.40
C LEU B 41 5.48 23.76 -41.68
N TYR B 42 4.48 24.44 -42.23
CA TYR B 42 3.15 24.43 -41.65
C TYR B 42 2.68 23.01 -41.41
N LYS B 43 2.97 22.12 -42.35
CA LYS B 43 2.54 20.74 -42.25
C LYS B 43 3.48 19.91 -41.36
N LYS B 44 4.78 20.10 -41.53
CA LYS B 44 5.80 19.36 -40.78
C LYS B 44 5.90 19.75 -39.33
N ILE B 45 5.52 20.98 -39.00
CA ILE B 45 5.58 21.45 -37.62
C ILE B 45 4.33 20.95 -36.91
N MET B 46 3.22 20.91 -37.63
CA MET B 46 1.95 20.46 -37.09
C MET B 46 2.04 19.00 -36.65
N GLU B 47 2.71 18.18 -37.46
CA GLU B 47 2.88 16.77 -37.16
C GLU B 47 3.90 16.55 -36.04
N LYS B 48 5.12 16.98 -36.30
CA LYS B 48 6.22 16.83 -35.36
C LYS B 48 5.85 17.15 -33.92
N TYR B 49 5.15 18.26 -33.70
CA TYR B 49 4.80 18.66 -32.34
C TYR B 49 3.32 18.63 -31.98
N SER B 50 2.49 18.07 -32.88
CA SER B 50 1.05 17.93 -32.60
C SER B 50 0.60 19.18 -31.92
N VAL B 51 0.90 20.29 -32.58
CA VAL B 51 0.55 21.61 -32.09
C VAL B 51 -0.92 21.73 -31.70
N THR B 52 -1.21 22.62 -30.75
CA THR B 52 -2.58 22.85 -30.31
C THR B 52 -3.22 23.79 -31.31
N PHE B 53 -2.41 24.66 -31.90
CA PHE B 53 -2.86 25.63 -32.89
C PHE B 53 -1.66 26.16 -33.69
N ILE B 54 -1.86 26.40 -34.97
CA ILE B 54 -0.79 26.92 -35.82
C ILE B 54 -1.40 27.76 -36.94
N SER B 55 -0.69 28.81 -37.36
CA SER B 55 -1.17 29.69 -38.43
C SER B 55 -0.02 30.32 -39.23
N ARG B 56 -0.24 30.55 -40.52
CA ARG B 56 0.77 31.15 -41.41
C ARG B 56 0.33 32.56 -41.78
N HIS B 57 1.25 33.50 -41.78
CA HIS B 57 0.90 34.89 -42.10
C HIS B 57 1.82 35.50 -43.14
N ASN B 58 1.44 36.68 -43.64
CA ASN B 58 2.22 37.41 -44.63
C ASN B 58 3.03 38.48 -43.94
N SER B 59 4.32 38.55 -44.25
CA SER B 59 5.14 39.56 -43.63
C SER B 59 6.19 40.11 -44.59
N TYR B 60 5.79 41.13 -45.36
CA TYR B 60 6.70 41.75 -46.29
C TYR B 60 7.29 40.78 -47.29
N ASN B 61 6.47 40.31 -48.21
CA ASN B 61 6.92 39.39 -49.26
C ASN B 61 7.23 37.97 -48.76
N HIS B 62 7.35 37.84 -47.44
CA HIS B 62 7.65 36.55 -46.86
C HIS B 62 6.56 36.07 -45.91
N ASN B 63 6.74 34.88 -45.35
CA ASN B 63 5.77 34.29 -44.43
C ASN B 63 6.23 34.27 -42.98
N ILE B 64 5.30 33.96 -42.10
CA ILE B 64 5.57 33.86 -40.69
C ILE B 64 4.69 32.77 -40.10
N LEU B 65 5.33 31.83 -39.41
CA LEU B 65 4.59 30.74 -38.77
C LEU B 65 4.52 31.00 -37.29
N PHE B 66 3.30 30.92 -36.78
CA PHE B 66 2.98 31.14 -35.36
C PHE B 66 2.31 29.84 -34.95
N PHE B 67 2.72 29.27 -33.82
CA PHE B 67 2.11 28.03 -33.38
C PHE B 67 2.32 27.77 -31.91
N LEU B 68 1.36 27.04 -31.34
CA LEU B 68 1.36 26.68 -29.94
C LEU B 68 1.53 25.17 -29.82
N THR B 69 2.42 24.78 -28.91
CA THR B 69 2.72 23.37 -28.70
C THR B 69 2.17 22.88 -27.36
N PRO B 70 1.58 21.68 -27.34
CA PRO B 70 1.03 21.15 -26.09
C PRO B 70 2.07 20.95 -24.99
N HIS B 71 3.35 21.03 -25.36
CA HIS B 71 4.43 20.87 -24.41
C HIS B 71 5.60 21.80 -24.75
N ARG B 72 6.39 22.15 -23.74
CA ARG B 72 7.53 23.07 -23.90
C ARG B 72 8.76 22.54 -24.66
N HIS B 73 9.46 23.45 -25.32
CA HIS B 73 10.66 23.19 -26.11
C HIS B 73 11.56 24.39 -26.14
N ARG B 74 12.84 24.24 -26.35
CA ARG B 74 13.53 25.50 -26.41
C ARG B 74 13.60 25.92 -27.83
N VAL B 75 13.58 27.23 -27.94
CA VAL B 75 13.66 27.77 -29.26
C VAL B 75 14.70 27.02 -30.09
N SER B 76 15.90 26.81 -29.56
CA SER B 76 16.96 26.16 -30.30
C SER B 76 16.53 24.79 -30.85
N ALA B 77 15.82 24.02 -30.03
CA ALA B 77 15.37 22.71 -30.46
C ALA B 77 14.44 22.83 -31.65
N ILE B 78 13.55 23.82 -31.62
CA ILE B 78 12.62 24.00 -32.72
C ILE B 78 13.44 24.32 -33.92
N ASN B 79 14.27 25.34 -33.82
CA ASN B 79 15.14 25.74 -34.91
C ASN B 79 15.96 24.57 -35.47
N ASN B 80 16.57 23.78 -34.59
CA ASN B 80 17.37 22.64 -35.03
C ASN B 80 16.53 21.65 -35.83
N TYR B 81 15.28 21.44 -35.43
CA TYR B 81 14.42 20.51 -36.16
C TYR B 81 14.15 21.02 -37.57
N ALA B 82 13.65 22.24 -37.66
CA ALA B 82 13.32 22.83 -38.93
C ALA B 82 14.50 22.74 -39.88
N GLN B 83 15.70 22.98 -39.36
CA GLN B 83 16.92 22.95 -40.15
C GLN B 83 17.09 21.64 -40.92
N LYS B 84 17.21 20.54 -40.18
CA LYS B 84 17.39 19.21 -40.77
C LYS B 84 16.23 18.75 -41.64
N LEU B 85 15.20 19.57 -41.70
CA LEU B 85 14.02 19.24 -42.48
C LEU B 85 14.20 19.48 -43.96
N CYS B 86 14.47 20.74 -44.29
CA CYS B 86 14.63 21.18 -45.65
C CYS B 86 15.79 22.19 -45.70
N THR B 87 16.04 22.77 -46.88
CA THR B 87 17.09 23.77 -47.08
C THR B 87 16.44 25.16 -46.95
N PHE B 88 17.21 26.17 -46.55
CA PHE B 88 16.65 27.50 -46.41
C PHE B 88 17.54 28.57 -47.00
N SER B 89 16.96 29.72 -47.33
CA SER B 89 17.73 30.82 -47.88
C SER B 89 17.86 31.81 -46.74
N PHE B 90 16.94 31.68 -45.79
CA PHE B 90 16.95 32.54 -44.62
C PHE B 90 15.92 31.95 -43.65
N LEU B 91 16.26 31.96 -42.37
CA LEU B 91 15.37 31.40 -41.37
C LEU B 91 15.57 32.06 -40.01
N ILE B 92 14.46 32.40 -39.36
CA ILE B 92 14.51 33.05 -38.07
C ILE B 92 13.48 32.46 -37.11
N CYS B 93 13.96 31.91 -35.99
CA CYS B 93 13.11 31.29 -34.97
C CYS B 93 13.20 32.02 -33.67
N LYS B 94 12.07 32.38 -33.11
CA LYS B 94 12.09 33.06 -31.84
C LYS B 94 10.96 32.56 -30.95
N GLY B 95 11.13 32.78 -29.64
CA GLY B 95 10.12 32.39 -28.72
C GLY B 95 9.13 33.56 -28.66
N VAL B 96 7.90 33.24 -28.31
CA VAL B 96 6.89 34.28 -28.20
C VAL B 96 6.45 34.40 -26.76
N ASN B 97 6.71 35.56 -26.17
CA ASN B 97 6.33 35.86 -24.79
C ASN B 97 4.83 36.15 -24.76
N LYS B 98 4.42 37.22 -25.43
CA LYS B 98 3.01 37.60 -25.48
C LYS B 98 2.25 36.88 -26.59
N GLU B 99 1.63 35.75 -26.23
CA GLU B 99 0.89 34.96 -27.19
C GLU B 99 -0.19 35.71 -27.97
N TYR B 100 -1.23 36.13 -27.27
CA TYR B 100 -2.35 36.83 -27.90
C TYR B 100 -1.94 38.09 -28.65
N LEU B 101 -1.00 38.85 -28.10
CA LEU B 101 -0.57 40.06 -28.77
C LEU B 101 0.15 39.72 -30.09
N MET B 102 0.85 38.59 -30.13
CA MET B 102 1.56 38.17 -31.33
C MET B 102 0.57 37.88 -32.45
N TYR B 103 -0.43 37.07 -32.15
CA TYR B 103 -1.46 36.69 -33.13
C TYR B 103 -2.25 37.88 -33.67
N SER B 104 -2.87 38.62 -32.75
CA SER B 104 -3.66 39.79 -33.11
C SER B 104 -2.87 40.69 -34.06
N ALA B 105 -1.64 41.00 -33.69
CA ALA B 105 -0.82 41.85 -34.54
C ALA B 105 -0.56 41.18 -35.89
N LEU B 106 -0.60 39.85 -35.94
CA LEU B 106 -0.35 39.14 -37.18
C LEU B 106 -1.57 39.19 -38.10
N THR B 107 -2.71 39.61 -37.55
CA THR B 107 -3.91 39.70 -38.36
C THR B 107 -4.13 41.16 -38.76
N ARG B 108 -3.41 42.07 -38.10
CA ARG B 108 -3.50 43.51 -38.36
C ARG B 108 -3.03 43.92 -39.74
N ASP B 109 -3.56 45.05 -40.20
CA ASP B 109 -3.23 45.62 -41.50
C ASP B 109 -1.82 45.33 -42.02
N PRO B 110 -0.80 45.58 -41.23
CA PRO B 110 0.55 45.32 -41.73
C PRO B 110 0.70 43.88 -42.24
N PHE B 111 0.10 42.93 -41.51
CA PHE B 111 0.16 41.50 -41.87
C PHE B 111 -1.20 40.90 -42.22
N SER B 112 -1.27 39.60 -42.39
CA SER B 112 -2.52 38.94 -42.78
C SER B 112 -2.39 37.41 -42.80
N VAL B 113 -3.49 36.75 -42.49
CA VAL B 113 -3.54 35.30 -42.44
C VAL B 113 -3.63 34.72 -43.85
N ILE B 114 -3.14 33.50 -43.98
CA ILE B 114 -3.13 32.76 -45.23
C ILE B 114 -3.84 31.44 -44.98
N GLU B 115 -3.64 30.90 -43.79
CA GLU B 115 -4.27 29.63 -43.37
C GLU B 115 -4.05 29.39 -41.89
N GLU B 116 -4.78 28.45 -41.30
CA GLU B 116 -4.60 28.18 -39.88
C GLU B 116 -5.39 26.96 -39.41
N SER B 117 -4.97 26.44 -38.26
CA SER B 117 -5.59 25.27 -37.67
C SER B 117 -7.07 25.47 -37.43
N LEU B 118 -7.38 26.05 -36.28
CA LEU B 118 -8.76 26.31 -35.90
C LEU B 118 -9.31 27.56 -36.57
N PRO B 119 -10.38 27.39 -37.35
CA PRO B 119 -11.02 28.50 -38.06
C PRO B 119 -11.64 29.51 -37.09
N GLY B 120 -10.94 30.60 -36.81
CA GLY B 120 -11.48 31.59 -35.89
C GLY B 120 -10.39 32.35 -35.18
N GLY B 121 -9.16 31.85 -35.27
CA GLY B 121 -8.07 32.53 -34.63
C GLY B 121 -7.84 32.00 -33.23
N LEU B 122 -6.75 32.45 -32.62
CA LEU B 122 -6.39 32.02 -31.27
C LEU B 122 -7.24 32.75 -30.22
N LYS B 123 -8.51 32.35 -30.11
CA LYS B 123 -9.40 32.98 -29.14
C LYS B 123 -8.87 32.79 -27.71
N GLU B 124 -8.72 33.90 -27.00
CA GLU B 124 -8.20 33.93 -25.63
C GLU B 124 -8.84 33.05 -24.56
N HIS B 125 -10.02 32.52 -24.82
CA HIS B 125 -10.66 31.67 -23.82
C HIS B 125 -9.75 30.48 -23.54
N ASP B 126 -8.99 30.09 -24.56
CA ASP B 126 -8.05 28.97 -24.45
C ASP B 126 -6.82 29.23 -25.32
N PHE B 127 -5.97 30.15 -24.88
CA PHE B 127 -4.75 30.48 -25.61
C PHE B 127 -3.53 30.32 -24.71
N ASN B 128 -3.78 29.84 -23.50
CA ASN B 128 -2.71 29.60 -22.52
C ASN B 128 -3.28 28.80 -21.36
N PRO B 129 -3.52 27.49 -21.57
CA PRO B 129 -4.07 26.57 -20.57
C PRO B 129 -2.98 25.71 -19.92
N GLU B 130 -3.39 24.58 -19.37
CA GLU B 130 -2.47 23.65 -18.74
C GLU B 130 -2.22 22.44 -19.61
N GLU B 131 -0.95 22.12 -19.81
CA GLU B 131 -0.59 20.93 -20.61
C GLU B 131 -1.06 19.70 -19.84
N ALA B 132 -1.17 18.58 -20.53
CA ALA B 132 -1.64 17.38 -19.84
C ALA B 132 -0.92 16.06 -20.11
N GLU B 133 -1.22 15.11 -19.23
CA GLU B 133 -0.71 13.75 -19.20
C GLU B 133 0.70 13.44 -19.78
N GLU B 134 0.94 13.53 -21.11
CA GLU B 134 2.24 13.13 -21.69
C GLU B 134 2.23 11.63 -21.93
N THR B 135 2.12 11.24 -23.16
CA THR B 135 2.08 9.83 -23.52
C THR B 135 2.87 8.91 -22.61
N LYS B 136 2.23 7.83 -22.08
CA LYS B 136 2.91 6.87 -21.21
C LYS B 136 4.04 6.15 -21.95
N GLN B 137 5.19 6.03 -21.28
CA GLN B 137 6.33 5.37 -21.90
C GLN B 137 6.70 4.13 -21.11
N VAL B 138 7.49 3.27 -21.74
CA VAL B 138 7.92 2.04 -21.11
C VAL B 138 8.49 2.25 -19.73
N SER B 139 8.13 1.37 -18.81
CA SER B 139 8.65 1.47 -17.46
C SER B 139 9.90 0.63 -17.35
N TRP B 140 11.05 1.29 -17.30
CA TRP B 140 12.30 0.55 -17.20
C TRP B 140 12.35 -0.24 -15.90
N LYS B 141 11.93 0.37 -14.80
CA LYS B 141 11.94 -0.30 -13.51
C LYS B 141 11.24 -1.65 -13.61
N LEU B 142 10.04 -1.64 -14.15
CA LEU B 142 9.23 -2.84 -14.30
C LEU B 142 9.95 -3.96 -15.03
N VAL B 143 10.73 -3.62 -16.04
CA VAL B 143 11.46 -4.63 -16.79
C VAL B 143 12.56 -5.14 -15.89
N THR B 144 13.18 -4.22 -15.18
CA THR B 144 14.23 -4.59 -14.26
C THR B 144 13.68 -5.58 -13.25
N GLU B 145 12.58 -5.23 -12.61
CA GLU B 145 12.01 -6.14 -11.64
C GLU B 145 11.98 -7.57 -12.19
N TYR B 146 11.40 -7.75 -13.37
CA TYR B 146 11.33 -9.07 -13.97
C TYR B 146 12.70 -9.76 -14.01
N ALA B 147 13.68 -9.05 -14.54
CA ALA B 147 15.02 -9.61 -14.63
C ALA B 147 15.53 -9.98 -13.24
N MET B 148 15.06 -9.25 -12.23
CA MET B 148 15.50 -9.48 -10.86
C MET B 148 14.91 -10.75 -10.28
N GLU B 149 13.60 -10.89 -10.43
CA GLU B 149 12.88 -12.05 -9.92
C GLU B 149 13.25 -13.32 -10.64
N THR B 150 13.82 -13.20 -11.83
CA THR B 150 14.22 -14.37 -12.58
C THR B 150 15.73 -14.47 -12.67
N LYS B 151 16.42 -13.61 -11.92
CA LYS B 151 17.89 -13.60 -11.88
C LYS B 151 18.46 -13.80 -13.29
N CYS B 152 18.00 -12.97 -14.22
CA CYS B 152 18.47 -13.08 -15.59
C CYS B 152 19.65 -12.15 -15.80
N ASP B 153 20.73 -12.66 -16.38
CA ASP B 153 21.88 -11.80 -16.60
C ASP B 153 22.29 -11.79 -18.06
N ASP B 154 21.42 -12.31 -18.92
CA ASP B 154 21.69 -12.36 -20.35
C ASP B 154 20.80 -11.34 -21.08
N VAL B 155 21.38 -10.23 -21.52
CA VAL B 155 20.58 -9.19 -22.19
C VAL B 155 19.75 -9.70 -23.37
N LEU B 156 20.39 -10.47 -24.26
CA LEU B 156 19.69 -11.01 -25.42
C LEU B 156 18.52 -11.90 -25.00
N LEU B 157 18.76 -12.76 -24.02
CA LEU B 157 17.73 -13.67 -23.51
C LEU B 157 16.57 -12.89 -22.93
N LEU B 158 16.88 -11.96 -22.03
CA LEU B 158 15.88 -11.11 -21.39
C LEU B 158 14.98 -10.44 -22.41
N LEU B 159 15.62 -9.86 -23.43
CA LEU B 159 14.93 -9.17 -24.50
C LEU B 159 13.88 -10.09 -25.13
N GLY B 160 14.35 -11.24 -25.59
CA GLY B 160 13.44 -12.20 -26.19
C GLY B 160 12.35 -12.59 -25.22
N MET B 161 12.74 -12.92 -24.00
CA MET B 161 11.79 -13.32 -22.97
C MET B 161 10.67 -12.29 -22.77
N TYR B 162 11.04 -11.04 -22.49
CA TYR B 162 10.06 -9.98 -22.27
C TYR B 162 9.17 -9.70 -23.49
N LEU B 163 9.68 -9.90 -24.68
CA LEU B 163 8.86 -9.64 -25.86
C LEU B 163 7.69 -10.60 -26.00
N GLU B 164 7.68 -11.69 -25.25
CA GLU B 164 6.58 -12.63 -25.38
C GLU B 164 5.32 -12.13 -24.69
N PHE B 165 5.49 -11.24 -23.72
CA PHE B 165 4.38 -10.69 -22.97
C PHE B 165 3.62 -9.62 -23.75
N GLN B 166 4.14 -9.25 -24.90
CA GLN B 166 3.48 -8.23 -25.70
C GLN B 166 2.14 -8.74 -26.15
N TYR B 167 2.10 -10.03 -26.42
CA TYR B 167 0.89 -10.68 -26.89
C TYR B 167 -0.13 -10.81 -25.76
N SER B 168 -1.39 -10.99 -26.13
CA SER B 168 -2.47 -11.16 -25.16
C SER B 168 -2.23 -12.38 -24.28
N PHE B 169 -2.52 -12.39 -23.07
CA PHE B 169 -2.30 -13.47 -22.12
C PHE B 169 -3.58 -14.26 -21.93
N GLU B 170 -4.62 -13.81 -22.62
CA GLU B 170 -5.92 -14.47 -22.55
C GLU B 170 -5.82 -15.82 -23.24
N MET B 171 -5.89 -15.82 -24.57
CA MET B 171 -5.81 -17.05 -25.34
C MET B 171 -4.35 -17.44 -25.60
N CYS B 172 -3.50 -17.14 -24.63
CA CYS B 172 -2.07 -17.43 -24.71
C CYS B 172 -1.81 -18.91 -24.41
N LEU B 173 -1.20 -19.59 -25.37
CA LEU B 173 -0.91 -21.01 -25.21
C LEU B 173 0.07 -21.28 -24.07
N LYS B 174 1.23 -20.66 -24.12
CA LYS B 174 2.25 -20.85 -23.08
C LYS B 174 1.73 -20.58 -21.68
N CYS B 175 0.89 -19.56 -21.52
CA CYS B 175 0.34 -19.20 -20.22
C CYS B 175 -0.59 -20.28 -19.67
N ILE B 176 -1.38 -20.89 -20.55
CA ILE B 176 -2.31 -21.94 -20.17
C ILE B 176 -1.61 -23.29 -20.07
N LYS B 177 -0.74 -23.58 -21.02
CA LYS B 177 0.00 -24.83 -21.03
C LYS B 177 0.95 -24.94 -19.83
N LYS B 178 1.10 -23.85 -19.09
CA LYS B 178 1.99 -23.83 -17.92
C LYS B 178 3.36 -24.39 -18.26
N GLU B 179 3.71 -24.32 -19.54
CA GLU B 179 4.97 -24.82 -20.07
C GLU B 179 6.20 -24.16 -19.44
N GLN B 180 6.26 -22.81 -19.32
CA GLN B 180 7.40 -22.10 -18.62
C GLN B 180 7.11 -21.25 -17.39
N PRO B 181 7.84 -21.61 -16.39
CA PRO B 181 7.62 -21.01 -15.13
C PRO B 181 7.58 -19.52 -15.26
N SER B 182 8.76 -19.10 -15.59
CA SER B 182 9.22 -17.72 -15.64
C SER B 182 8.56 -17.03 -16.82
N HIS B 183 7.31 -17.37 -17.05
CA HIS B 183 6.54 -16.80 -18.14
C HIS B 183 5.10 -16.59 -17.73
N TYR B 184 4.39 -17.69 -17.49
CA TYR B 184 2.99 -17.61 -17.09
C TYR B 184 2.89 -16.98 -15.71
N LYS B 185 4.02 -16.88 -15.04
CA LYS B 185 4.07 -16.30 -13.70
C LYS B 185 4.24 -14.79 -13.76
N TYR B 186 4.66 -14.28 -14.92
CA TYR B 186 4.89 -12.84 -15.08
C TYR B 186 4.16 -12.18 -16.23
N HIS B 187 3.84 -12.96 -17.27
CA HIS B 187 3.15 -12.42 -18.44
C HIS B 187 1.98 -11.51 -18.11
N GLU B 188 1.00 -12.05 -17.39
CA GLU B 188 -0.17 -11.27 -17.05
C GLU B 188 0.21 -9.97 -16.37
N LYS B 189 1.25 -10.01 -15.56
CA LYS B 189 1.71 -8.82 -14.84
C LYS B 189 2.43 -7.78 -15.69
N HIS B 190 3.18 -8.23 -16.68
CA HIS B 190 3.98 -7.32 -17.53
C HIS B 190 3.36 -7.06 -18.90
N TYR B 191 2.20 -7.68 -19.12
CA TYR B 191 1.54 -7.51 -20.41
C TYR B 191 1.49 -6.05 -20.87
N ALA B 192 0.82 -5.21 -20.10
CA ALA B 192 0.67 -3.80 -20.44
C ALA B 192 1.98 -3.10 -20.79
N ASN B 193 3.01 -3.33 -19.98
CA ASN B 193 4.29 -2.68 -20.20
C ASN B 193 5.05 -3.30 -21.36
N ALA B 194 4.85 -4.59 -21.59
CA ALA B 194 5.52 -5.27 -22.68
C ALA B 194 5.01 -4.78 -24.02
N ALA B 195 3.71 -4.42 -24.07
CA ALA B 195 3.06 -3.92 -25.29
C ALA B 195 3.78 -2.68 -25.81
N ILE B 196 4.00 -1.73 -24.91
CA ILE B 196 4.70 -0.51 -25.28
C ILE B 196 6.12 -0.95 -25.59
N PHE B 197 6.72 -1.69 -24.67
CA PHE B 197 8.09 -2.15 -24.82
C PHE B 197 8.38 -2.57 -26.25
N ALA B 198 7.54 -3.48 -26.75
CA ALA B 198 7.69 -4.02 -28.09
C ALA B 198 7.73 -2.93 -29.17
N ASP B 199 7.42 -1.70 -28.78
CA ASP B 199 7.44 -0.60 -29.73
C ASP B 199 8.47 0.45 -29.39
N SER B 200 9.27 0.21 -28.34
CA SER B 200 10.28 1.18 -27.97
C SER B 200 11.54 1.04 -28.80
N LYS B 201 12.25 2.14 -28.95
CA LYS B 201 13.48 2.14 -29.74
C LYS B 201 14.69 1.75 -28.90
N ASN B 202 14.54 1.72 -27.58
CA ASN B 202 15.63 1.38 -26.68
C ASN B 202 15.51 0.04 -26.01
N GLN B 203 14.87 -0.92 -26.66
CA GLN B 203 14.70 -2.22 -26.03
C GLN B 203 16.05 -2.74 -25.54
N LYS B 204 17.04 -2.82 -26.43
CA LYS B 204 18.34 -3.31 -26.03
C LYS B 204 18.90 -2.54 -24.82
N THR B 205 18.62 -1.24 -24.74
CA THR B 205 19.11 -0.43 -23.62
C THR B 205 18.41 -0.80 -22.33
N ILE B 206 17.09 -0.76 -22.36
CA ILE B 206 16.32 -1.11 -21.18
C ILE B 206 16.90 -2.37 -20.53
N CYS B 207 17.00 -3.44 -21.32
CA CYS B 207 17.51 -4.74 -20.85
C CYS B 207 18.93 -4.64 -20.37
N GLN B 208 19.76 -3.93 -21.13
CA GLN B 208 21.12 -3.75 -20.74
C GLN B 208 21.12 -3.26 -19.28
N GLN B 209 20.34 -2.25 -18.94
CA GLN B 209 20.33 -1.77 -17.57
C GLN B 209 19.66 -2.72 -16.57
N ALA B 210 18.63 -3.43 -16.98
CA ALA B 210 17.99 -4.38 -16.07
C ALA B 210 19.08 -5.41 -15.68
N VAL B 211 19.90 -5.82 -16.64
CA VAL B 211 20.95 -6.76 -16.36
C VAL B 211 21.98 -6.19 -15.38
N ASP B 212 22.45 -4.96 -15.65
CA ASP B 212 23.43 -4.33 -14.77
C ASP B 212 22.91 -4.41 -13.33
N THR B 213 21.59 -4.33 -13.17
CA THR B 213 20.96 -4.41 -11.85
C THR B 213 21.21 -5.77 -11.22
N VAL B 214 21.05 -6.81 -12.03
CA VAL B 214 21.27 -8.18 -11.59
C VAL B 214 22.75 -8.37 -11.27
N LEU B 215 23.61 -7.82 -12.11
CA LEU B 215 25.04 -7.92 -11.90
C LEU B 215 25.38 -7.16 -10.64
N ALA B 216 24.75 -6.02 -10.47
CA ALA B 216 25.03 -5.20 -9.31
C ALA B 216 24.75 -5.94 -8.01
N LYS B 217 23.62 -6.64 -7.93
CA LYS B 217 23.35 -7.34 -6.69
C LYS B 217 24.38 -8.39 -6.37
N LYS B 218 24.80 -9.16 -7.37
CA LYS B 218 25.81 -10.19 -7.18
C LYS B 218 27.10 -9.57 -6.65
N ARG B 219 27.47 -8.42 -7.22
CA ARG B 219 28.66 -7.73 -6.80
C ARG B 219 28.54 -7.32 -5.32
N VAL B 220 27.35 -6.90 -4.91
CA VAL B 220 27.17 -6.48 -3.54
C VAL B 220 27.24 -7.67 -2.65
N ASP B 221 26.41 -8.67 -2.92
CA ASP B 221 26.41 -9.83 -2.08
C ASP B 221 27.81 -10.40 -1.90
N SER B 222 28.44 -10.80 -2.99
CA SER B 222 29.77 -11.37 -2.87
C SER B 222 30.72 -10.51 -2.03
N LEU B 223 30.60 -9.20 -2.17
CA LEU B 223 31.46 -8.28 -1.45
C LEU B 223 31.13 -8.14 0.04
N GLN B 224 29.91 -8.50 0.42
CA GLN B 224 29.48 -8.38 1.82
C GLN B 224 29.05 -9.70 2.48
N LEU B 225 28.05 -10.37 1.93
CA LEU B 225 27.60 -11.65 2.48
C LEU B 225 28.75 -12.66 2.64
N THR B 226 28.57 -13.63 3.53
CA THR B 226 29.58 -14.66 3.71
C THR B 226 29.19 -15.89 2.88
N ARG B 227 30.18 -16.71 2.53
CA ARG B 227 29.91 -17.88 1.73
C ARG B 227 28.70 -18.67 2.18
N GLU B 228 28.52 -18.80 3.49
CA GLU B 228 27.37 -19.54 4.02
C GLU B 228 26.12 -18.87 3.45
N GLN B 229 25.92 -17.62 3.87
CA GLN B 229 24.78 -16.80 3.49
C GLN B 229 24.43 -16.91 2.03
N MET B 230 25.44 -16.78 1.18
CA MET B 230 25.24 -16.86 -0.26
C MET B 230 24.53 -18.16 -0.59
N LEU B 231 25.02 -19.27 -0.04
CA LEU B 231 24.40 -20.54 -0.34
C LEU B 231 22.95 -20.51 0.12
N THR B 232 22.74 -20.26 1.41
CA THR B 232 21.39 -20.20 1.96
C THR B 232 20.47 -19.36 1.05
N ASN B 233 20.93 -18.14 0.75
CA ASN B 233 20.21 -17.21 -0.13
C ASN B 233 19.87 -17.90 -1.44
N ARG B 234 20.78 -18.75 -1.91
CA ARG B 234 20.54 -19.47 -3.14
C ARG B 234 19.50 -20.55 -2.89
N PHE B 235 19.47 -21.10 -1.68
CA PHE B 235 18.49 -22.14 -1.37
C PHE B 235 17.09 -21.53 -1.26
N ASN B 236 16.96 -20.38 -0.60
CA ASN B 236 15.66 -19.74 -0.51
C ASN B 236 15.09 -19.50 -1.90
N ASP B 237 15.96 -19.12 -2.85
CA ASP B 237 15.54 -18.88 -4.24
C ASP B 237 15.02 -20.19 -4.85
N LEU B 238 15.79 -21.26 -4.72
CA LEU B 238 15.38 -22.54 -5.26
C LEU B 238 14.05 -22.98 -4.65
N LEU B 239 13.88 -22.74 -3.35
CA LEU B 239 12.65 -23.13 -2.66
C LEU B 239 11.46 -22.33 -3.20
N ASP B 240 11.64 -21.03 -3.40
CA ASP B 240 10.57 -20.21 -3.91
C ASP B 240 10.18 -20.67 -5.31
N ARG B 241 11.10 -21.32 -6.00
CA ARG B 241 10.85 -21.83 -7.34
C ARG B 241 10.15 -23.18 -7.28
N MET B 242 10.44 -23.93 -6.22
CA MET B 242 9.83 -25.24 -6.06
C MET B 242 8.37 -25.12 -5.65
N ASP B 243 8.08 -24.19 -4.74
CA ASP B 243 6.72 -23.98 -4.27
C ASP B 243 5.78 -23.76 -5.45
N ILE B 244 6.12 -22.82 -6.32
CA ILE B 244 5.31 -22.52 -7.48
C ILE B 244 5.36 -23.70 -8.44
N MET B 245 6.47 -24.40 -8.43
CA MET B 245 6.67 -25.53 -9.30
C MET B 245 5.68 -26.66 -9.00
N PHE B 246 5.64 -27.09 -7.74
CA PHE B 246 4.75 -28.17 -7.32
C PHE B 246 3.47 -27.63 -6.70
N GLY B 247 3.26 -26.32 -6.84
CA GLY B 247 2.09 -25.69 -6.28
C GLY B 247 0.84 -25.91 -7.11
N SER B 248 -0.27 -25.30 -6.68
CA SER B 248 -1.53 -25.44 -7.39
C SER B 248 -1.46 -24.76 -8.76
N THR B 249 -0.83 -23.59 -8.80
CA THR B 249 -0.68 -22.82 -10.03
C THR B 249 0.22 -23.58 -11.01
N GLY B 250 1.35 -24.06 -10.50
CA GLY B 250 2.29 -24.79 -11.31
C GLY B 250 1.73 -26.07 -11.90
N SER B 251 2.59 -26.85 -12.56
CA SER B 251 2.17 -28.10 -13.16
C SER B 251 3.30 -29.10 -13.17
N ALA B 252 3.99 -29.20 -12.04
CA ALA B 252 5.10 -30.14 -11.91
C ALA B 252 4.66 -31.33 -11.06
N ASP B 253 4.87 -32.53 -11.58
CA ASP B 253 4.49 -33.73 -10.87
C ASP B 253 5.53 -34.07 -9.80
N ILE B 254 5.23 -33.71 -8.56
CA ILE B 254 6.14 -33.95 -7.43
C ILE B 254 6.44 -35.44 -7.26
N GLU B 255 5.59 -36.28 -7.83
CA GLU B 255 5.77 -37.72 -7.73
C GLU B 255 6.75 -38.24 -8.77
N GLU B 256 7.01 -37.42 -9.78
CA GLU B 256 7.94 -37.79 -10.85
C GLU B 256 9.35 -37.32 -10.50
N TRP B 257 9.43 -36.17 -9.84
CA TRP B 257 10.71 -35.59 -9.43
C TRP B 257 11.31 -36.39 -8.29
N MET B 258 10.49 -36.78 -7.34
CA MET B 258 10.98 -37.56 -6.21
C MET B 258 11.58 -38.85 -6.72
N ALA B 259 11.25 -39.21 -7.95
CA ALA B 259 11.76 -40.42 -8.59
C ALA B 259 13.21 -40.16 -8.96
N GLY B 260 13.44 -39.00 -9.56
CA GLY B 260 14.79 -38.61 -9.95
C GLY B 260 15.70 -38.71 -8.75
N VAL B 261 15.21 -38.30 -7.58
CA VAL B 261 15.99 -38.36 -6.36
C VAL B 261 16.46 -39.79 -6.17
N ALA B 262 15.55 -40.73 -6.38
CA ALA B 262 15.85 -42.15 -6.24
C ALA B 262 16.88 -42.59 -7.26
N TRP B 263 16.76 -42.08 -8.49
CA TRP B 263 17.70 -42.45 -9.52
C TRP B 263 19.08 -41.90 -9.18
N LEU B 264 19.18 -40.57 -9.05
CA LEU B 264 20.44 -39.92 -8.72
C LEU B 264 21.10 -40.55 -7.51
N HIS B 265 20.30 -40.98 -6.55
CA HIS B 265 20.84 -41.59 -5.35
C HIS B 265 21.42 -42.96 -5.65
N CYS B 266 21.39 -43.35 -6.92
CA CYS B 266 21.95 -44.63 -7.37
C CYS B 266 23.16 -44.38 -8.28
N LEU B 267 23.50 -43.12 -8.51
CA LEU B 267 24.63 -42.77 -9.38
C LEU B 267 25.93 -42.98 -8.62
N LEU B 268 25.92 -42.63 -7.34
CA LEU B 268 27.10 -42.77 -6.49
C LEU B 268 26.75 -43.26 -5.09
N PRO B 269 27.70 -43.94 -4.43
CA PRO B 269 27.52 -44.47 -3.08
C PRO B 269 27.38 -43.36 -2.07
N LYS B 270 26.34 -43.44 -1.25
CA LYS B 270 26.12 -42.44 -0.21
C LYS B 270 25.95 -41.06 -0.82
N MET B 271 25.44 -41.01 -2.05
CA MET B 271 25.23 -39.76 -2.78
C MET B 271 24.69 -38.60 -1.96
N ASP B 272 23.83 -38.89 -0.97
CA ASP B 272 23.27 -37.83 -0.14
C ASP B 272 24.38 -37.21 0.69
N SER B 273 25.48 -37.93 0.88
CA SER B 273 26.59 -37.43 1.66
C SER B 273 27.62 -36.71 0.77
N VAL B 274 27.77 -37.18 -0.46
CA VAL B 274 28.69 -36.56 -1.39
C VAL B 274 28.29 -35.11 -1.67
N VAL B 275 26.98 -34.88 -1.75
CA VAL B 275 26.45 -33.54 -1.99
C VAL B 275 26.71 -32.67 -0.79
N TYR B 276 26.52 -33.21 0.40
CA TYR B 276 26.77 -32.43 1.61
C TYR B 276 28.25 -32.11 1.62
N ASP B 277 29.07 -33.10 1.30
CA ASP B 277 30.51 -32.87 1.27
C ASP B 277 30.86 -31.76 0.30
N PHE B 278 30.37 -31.89 -0.94
CA PHE B 278 30.63 -30.90 -1.98
C PHE B 278 30.27 -29.53 -1.44
N LEU B 279 29.05 -29.37 -0.95
CA LEU B 279 28.63 -28.09 -0.41
C LEU B 279 29.61 -27.52 0.59
N LYS B 280 30.13 -28.34 1.49
CA LYS B 280 31.08 -27.87 2.51
C LYS B 280 32.34 -27.35 1.86
N CYS B 281 32.85 -28.12 0.91
CA CYS B 281 34.05 -27.77 0.17
C CYS B 281 33.86 -26.37 -0.44
N MET B 282 32.79 -26.24 -1.23
CA MET B 282 32.45 -24.99 -1.89
C MET B 282 32.26 -23.83 -0.93
N VAL B 283 31.64 -24.10 0.21
CA VAL B 283 31.40 -23.05 1.16
C VAL B 283 32.63 -22.65 1.95
N TYR B 284 33.44 -23.64 2.32
CA TYR B 284 34.65 -23.36 3.09
C TYR B 284 35.74 -22.73 2.25
N ASN B 285 35.63 -22.89 0.93
CA ASN B 285 36.58 -22.34 -0.02
C ASN B 285 38.02 -22.28 0.50
N ILE B 286 38.54 -23.44 0.86
CA ILE B 286 39.88 -23.57 1.38
C ILE B 286 40.93 -23.72 0.30
N PRO B 287 42.01 -22.93 0.38
CA PRO B 287 43.09 -22.98 -0.60
C PRO B 287 43.58 -24.39 -0.79
N LYS B 288 43.77 -24.72 -2.07
CA LYS B 288 44.27 -26.00 -2.52
C LYS B 288 43.31 -27.14 -2.30
N LYS B 289 42.13 -26.86 -1.75
CA LYS B 289 41.14 -27.91 -1.51
C LYS B 289 39.76 -27.49 -1.94
N ARG B 290 39.67 -26.92 -3.14
CA ARG B 290 38.41 -26.41 -3.64
C ARG B 290 37.92 -27.06 -4.93
N TYR B 291 38.72 -27.94 -5.50
CA TYR B 291 38.29 -28.54 -6.75
C TYR B 291 38.12 -30.05 -6.76
N TRP B 292 37.02 -30.47 -7.38
CA TRP B 292 36.68 -31.88 -7.52
C TRP B 292 36.89 -32.23 -8.99
N LEU B 293 37.12 -33.50 -9.26
CA LEU B 293 37.34 -33.94 -10.63
C LEU B 293 36.44 -35.10 -10.99
N PHE B 294 35.62 -34.93 -12.02
CA PHE B 294 34.70 -35.98 -12.50
C PHE B 294 35.26 -36.52 -13.81
N LYS B 295 35.55 -37.82 -13.85
CA LYS B 295 36.09 -38.42 -15.05
C LYS B 295 35.30 -39.66 -15.46
N GLY B 296 34.79 -39.65 -16.70
CA GLY B 296 34.00 -40.76 -17.20
C GLY B 296 33.52 -40.57 -18.64
N PRO B 297 33.00 -41.64 -19.27
CA PRO B 297 32.50 -41.61 -20.66
C PRO B 297 31.21 -40.82 -20.80
N ILE B 298 30.51 -40.99 -21.92
CA ILE B 298 29.26 -40.29 -22.15
C ILE B 298 28.15 -40.90 -21.30
N ASP B 299 27.23 -40.03 -20.86
CA ASP B 299 26.12 -40.43 -20.00
C ASP B 299 26.65 -41.24 -18.80
N SER B 300 27.94 -41.05 -18.50
CA SER B 300 28.58 -41.73 -17.41
C SER B 300 28.02 -41.20 -16.08
N GLY B 301 27.34 -40.06 -16.14
CA GLY B 301 26.76 -39.48 -14.95
C GLY B 301 27.42 -38.16 -14.59
N LYS B 302 28.72 -38.07 -14.86
CA LYS B 302 29.44 -36.85 -14.55
C LYS B 302 28.73 -35.64 -15.12
N THR B 303 28.46 -35.67 -16.42
CA THR B 303 27.82 -34.57 -17.07
C THR B 303 26.56 -34.15 -16.34
N THR B 304 25.83 -35.15 -15.84
CA THR B 304 24.58 -34.91 -15.11
C THR B 304 24.77 -34.35 -13.71
N LEU B 305 25.50 -35.09 -12.89
CA LEU B 305 25.76 -34.69 -11.52
C LEU B 305 26.38 -33.29 -11.47
N ALA B 306 27.31 -33.02 -12.38
CA ALA B 306 27.98 -31.74 -12.45
C ALA B 306 26.96 -30.62 -12.65
N ALA B 307 26.17 -30.75 -13.71
CA ALA B 307 25.15 -29.77 -14.06
C ALA B 307 24.21 -29.50 -12.89
N ALA B 308 23.77 -30.58 -12.25
CA ALA B 308 22.86 -30.50 -11.12
C ALA B 308 23.47 -29.71 -9.97
N LEU B 309 24.63 -30.16 -9.51
CA LEU B 309 25.32 -29.48 -8.42
C LEU B 309 25.53 -28.01 -8.78
N LEU B 310 25.90 -27.75 -10.03
CA LEU B 310 26.12 -26.38 -10.49
C LEU B 310 24.92 -25.50 -10.25
N GLU B 311 23.72 -26.04 -10.53
CA GLU B 311 22.50 -25.27 -10.33
C GLU B 311 22.16 -25.17 -8.85
N LEU B 312 22.58 -26.17 -8.08
CA LEU B 312 22.31 -26.17 -6.66
C LEU B 312 22.89 -24.92 -6.01
N CYS B 313 24.18 -24.66 -6.21
CA CYS B 313 24.78 -23.47 -5.60
C CYS B 313 24.76 -22.30 -6.55
N GLY B 314 24.32 -22.56 -7.77
CA GLY B 314 24.28 -21.52 -8.78
C GLY B 314 25.70 -21.12 -9.17
N GLY B 315 26.09 -21.48 -10.39
CA GLY B 315 27.43 -21.13 -10.84
C GLY B 315 27.43 -20.94 -12.35
N LYS B 316 28.62 -20.98 -12.95
CA LYS B 316 28.72 -20.81 -14.38
C LYS B 316 29.60 -21.90 -14.95
N ALA B 317 29.23 -22.43 -16.12
CA ALA B 317 30.04 -23.46 -16.75
C ALA B 317 31.04 -22.80 -17.70
N LEU B 318 32.27 -23.28 -17.71
CA LEU B 318 33.27 -22.69 -18.58
C LEU B 318 33.76 -23.67 -19.62
N ASN B 319 34.54 -23.16 -20.58
CA ASN B 319 35.12 -23.99 -21.61
C ASN B 319 36.54 -23.52 -21.87
N VAL B 320 37.52 -24.29 -21.40
CA VAL B 320 38.91 -23.90 -21.61
C VAL B 320 39.57 -24.62 -22.79
N ASN B 321 38.77 -25.08 -23.74
CA ASN B 321 39.35 -25.77 -24.89
C ASN B 321 39.76 -24.81 -26.01
N LEU B 322 40.41 -23.71 -25.64
CA LEU B 322 40.86 -22.72 -26.61
C LEU B 322 42.35 -22.51 -26.42
N PRO B 323 42.96 -21.65 -27.26
CA PRO B 323 44.40 -21.37 -27.16
C PRO B 323 44.73 -20.83 -25.77
N LEU B 324 45.88 -21.24 -25.22
CA LEU B 324 46.26 -20.77 -23.90
C LEU B 324 46.59 -19.29 -23.95
N ASP B 325 45.57 -18.51 -24.29
CA ASP B 325 45.67 -17.06 -24.38
C ASP B 325 44.37 -16.52 -24.96
N ARG B 326 43.64 -17.39 -25.65
CA ARG B 326 42.36 -17.05 -26.25
C ARG B 326 41.25 -17.22 -25.20
N LEU B 327 41.59 -17.84 -24.06
CA LEU B 327 40.59 -18.08 -23.02
C LEU B 327 40.65 -17.07 -21.89
N ASN B 328 41.10 -15.87 -22.19
CA ASN B 328 41.19 -14.84 -21.17
C ASN B 328 39.82 -14.24 -20.88
N PHE B 329 38.90 -14.32 -21.84
CA PHE B 329 37.57 -13.79 -21.62
C PHE B 329 36.65 -14.91 -21.15
N GLU B 330 36.96 -16.14 -21.52
CA GLU B 330 36.11 -17.23 -21.09
C GLU B 330 36.29 -17.42 -19.58
N LEU B 331 37.48 -17.09 -19.07
CA LEU B 331 37.73 -17.24 -17.65
C LEU B 331 37.13 -16.08 -16.85
N GLY B 332 36.86 -14.96 -17.52
CA GLY B 332 36.30 -13.81 -16.82
C GLY B 332 34.85 -14.02 -16.44
N VAL B 333 34.26 -15.08 -16.97
CA VAL B 333 32.87 -15.42 -16.71
C VAL B 333 32.70 -15.74 -15.24
N ALA B 334 33.78 -16.19 -14.61
CA ALA B 334 33.78 -16.55 -13.21
C ALA B 334 33.61 -15.35 -12.28
N ILE B 335 33.73 -14.14 -12.82
CA ILE B 335 33.60 -12.96 -11.99
C ILE B 335 32.35 -12.95 -11.12
N ASP B 336 32.56 -12.83 -9.82
CA ASP B 336 31.46 -12.76 -8.85
C ASP B 336 30.57 -14.01 -8.88
N GLN B 337 31.19 -15.16 -9.08
CA GLN B 337 30.45 -16.40 -9.10
C GLN B 337 30.80 -17.23 -7.88
N PHE B 338 29.80 -17.94 -7.36
CA PHE B 338 30.00 -18.78 -6.19
C PHE B 338 30.96 -19.91 -6.54
N LEU B 339 30.64 -20.66 -7.60
CA LEU B 339 31.46 -21.77 -8.04
C LEU B 339 31.40 -21.89 -9.56
N VAL B 340 32.42 -22.51 -10.14
CA VAL B 340 32.50 -22.66 -11.57
C VAL B 340 32.67 -24.15 -11.94
N VAL B 341 32.44 -24.49 -13.20
CA VAL B 341 32.54 -25.87 -13.65
C VAL B 341 33.20 -25.87 -15.01
N PHE B 342 34.38 -26.46 -15.11
CA PHE B 342 35.05 -26.53 -16.40
C PHE B 342 34.51 -27.79 -17.07
N GLU B 343 33.44 -27.65 -17.85
CA GLU B 343 32.81 -28.79 -18.51
C GLU B 343 33.63 -29.43 -19.63
N ASP B 344 33.52 -30.75 -19.75
CA ASP B 344 34.22 -31.51 -20.77
C ASP B 344 35.56 -30.94 -21.23
N VAL B 345 36.58 -31.18 -20.43
CA VAL B 345 37.90 -30.70 -20.75
C VAL B 345 38.63 -31.76 -21.57
N LYS B 346 39.26 -31.34 -22.66
CA LYS B 346 39.98 -32.27 -23.52
C LYS B 346 41.44 -32.32 -23.15
N GLY B 347 42.09 -33.43 -23.49
CA GLY B 347 43.50 -33.56 -23.18
C GLY B 347 44.31 -34.19 -24.29
N THR B 348 45.29 -34.99 -23.88
CA THR B 348 46.17 -35.66 -24.83
C THR B 348 46.27 -37.15 -24.52
N GLY B 349 46.53 -37.95 -25.56
CA GLY B 349 46.67 -39.39 -25.39
C GLY B 349 45.39 -40.18 -25.55
N GLY B 350 44.34 -39.50 -25.97
CA GLY B 350 43.06 -40.16 -26.14
C GLY B 350 42.86 -40.72 -27.52
N GLU B 351 43.85 -40.54 -28.39
CA GLU B 351 43.77 -41.04 -29.75
C GLU B 351 43.41 -42.54 -29.72
N SER B 352 43.93 -43.23 -28.70
CA SER B 352 43.67 -44.65 -28.56
C SER B 352 42.17 -44.95 -28.49
N ARG B 353 41.37 -44.02 -28.00
CA ARG B 353 39.93 -44.27 -27.90
C ARG B 353 39.10 -43.28 -28.72
N ASP B 354 39.67 -42.79 -29.82
CA ASP B 354 39.00 -41.84 -30.70
C ASP B 354 38.61 -40.55 -29.97
N LEU B 355 39.38 -40.23 -28.93
CA LEU B 355 39.19 -39.04 -28.12
C LEU B 355 40.08 -37.94 -28.65
N PRO B 356 39.48 -36.93 -29.29
CA PRO B 356 40.18 -35.80 -29.88
C PRO B 356 41.12 -35.12 -28.88
N SER B 357 42.35 -34.85 -29.34
CA SER B 357 43.35 -34.20 -28.50
C SER B 357 43.06 -32.70 -28.46
N GLY B 358 43.09 -32.11 -27.26
CA GLY B 358 42.81 -30.69 -27.11
C GLY B 358 43.83 -29.91 -26.29
N GLN B 359 43.47 -28.71 -25.88
CA GLN B 359 44.35 -27.85 -25.09
C GLN B 359 43.87 -27.77 -23.63
N GLY B 360 42.63 -28.18 -23.39
CA GLY B 360 42.04 -28.15 -22.06
C GLY B 360 42.92 -28.53 -20.87
N ILE B 361 43.31 -29.80 -20.82
CA ILE B 361 44.14 -30.26 -19.72
C ILE B 361 45.41 -29.45 -19.61
N ASN B 362 46.10 -29.25 -20.72
CA ASN B 362 47.32 -28.46 -20.68
C ASN B 362 47.00 -27.06 -20.13
N ASN B 363 45.84 -26.52 -20.49
CA ASN B 363 45.48 -25.20 -20.00
C ASN B 363 45.29 -25.15 -18.49
N LEU B 364 44.53 -26.10 -17.94
CA LEU B 364 44.31 -26.12 -16.49
C LEU B 364 45.64 -26.20 -15.76
N ASP B 365 46.61 -26.90 -16.33
CA ASP B 365 47.88 -27.02 -15.66
C ASP B 365 48.55 -25.65 -15.53
N ASN B 366 48.31 -24.76 -16.49
CA ASN B 366 48.92 -23.43 -16.44
C ASN B 366 48.03 -22.42 -15.72
N LEU B 367 46.98 -22.91 -15.08
CA LEU B 367 46.06 -22.07 -14.36
C LEU B 367 45.98 -22.54 -12.92
N ARG B 368 46.96 -23.32 -12.49
CA ARG B 368 46.93 -23.85 -11.12
C ARG B 368 46.80 -22.70 -10.13
N ASP B 369 47.17 -21.54 -10.61
CA ASP B 369 47.10 -20.31 -9.86
C ASP B 369 45.62 -19.99 -9.57
N TYR B 370 44.75 -20.27 -10.53
CA TYR B 370 43.30 -20.04 -10.44
C TYR B 370 42.62 -21.13 -9.62
N LEU B 371 42.95 -22.38 -9.90
CA LEU B 371 42.36 -23.46 -9.15
C LEU B 371 42.75 -23.40 -7.68
N ASP B 372 44.00 -23.11 -7.39
CA ASP B 372 44.42 -23.05 -6.00
C ASP B 372 43.63 -22.08 -5.15
N GLY B 373 43.72 -20.79 -5.45
CA GLY B 373 42.95 -19.83 -4.68
C GLY B 373 43.69 -19.29 -3.48
N SER B 374 45.01 -19.27 -3.56
CA SER B 374 45.79 -18.74 -2.47
C SER B 374 45.96 -17.24 -2.65
N VAL B 375 46.07 -16.84 -3.91
CA VAL B 375 46.25 -15.45 -4.30
C VAL B 375 45.07 -15.04 -5.20
N LYS B 376 44.90 -13.75 -5.43
CA LYS B 376 43.83 -13.25 -6.28
C LYS B 376 44.36 -13.19 -7.71
N VAL B 377 43.45 -13.23 -8.67
CA VAL B 377 43.83 -13.15 -10.08
C VAL B 377 43.03 -11.98 -10.65
N ASN B 378 43.43 -11.49 -11.82
CA ASN B 378 42.70 -10.39 -12.44
C ASN B 378 41.90 -10.95 -13.59
N LEU B 379 40.56 -10.99 -13.44
CA LEU B 379 39.67 -11.53 -14.47
C LEU B 379 39.20 -10.47 -15.48
N GLU B 380 39.25 -10.82 -16.76
CA GLU B 380 38.88 -9.89 -17.84
C GLU B 380 37.45 -10.02 -18.40
N LYS B 381 36.95 -8.94 -18.96
CA LYS B 381 35.63 -8.91 -19.60
C LYS B 381 35.71 -7.95 -20.80
N LYS B 382 35.03 -8.30 -21.90
CA LYS B 382 35.03 -7.46 -23.08
C LYS B 382 34.66 -6.02 -22.78
N HIS B 383 35.46 -5.10 -23.31
CA HIS B 383 35.30 -3.66 -23.15
C HIS B 383 35.39 -3.13 -21.75
N LEU B 384 35.59 -4.05 -20.82
CA LEU B 384 35.67 -3.67 -19.43
C LEU B 384 37.07 -3.85 -18.85
N ASN B 385 37.35 -3.22 -17.73
CA ASN B 385 38.66 -3.35 -17.11
C ASN B 385 38.72 -4.45 -16.06
N LYS B 386 39.93 -4.99 -15.88
CA LYS B 386 40.22 -6.11 -14.98
C LYS B 386 39.49 -6.07 -13.65
N ARG B 387 39.23 -7.26 -13.13
CA ARG B 387 38.56 -7.44 -11.85
C ARG B 387 39.45 -8.34 -11.03
N THR B 388 39.83 -7.87 -9.86
CA THR B 388 40.72 -8.63 -9.01
C THR B 388 39.94 -9.42 -7.95
N GLN B 389 40.12 -10.74 -7.92
CA GLN B 389 39.43 -11.59 -6.94
C GLN B 389 40.05 -12.99 -6.91
N ILE B 390 39.66 -13.80 -5.94
CA ILE B 390 40.20 -15.15 -5.90
C ILE B 390 39.25 -15.97 -6.75
N PHE B 391 39.77 -16.61 -7.79
CA PHE B 391 38.95 -17.39 -8.69
C PHE B 391 38.06 -18.34 -7.89
N PRO B 392 36.78 -18.43 -8.24
CA PRO B 392 35.91 -19.33 -7.48
C PRO B 392 36.27 -20.81 -7.60
N PRO B 393 35.83 -21.61 -6.62
CA PRO B 393 36.07 -23.06 -6.56
C PRO B 393 35.09 -23.74 -7.50
N GLY B 394 35.14 -25.07 -7.56
CA GLY B 394 34.22 -25.77 -8.43
C GLY B 394 34.54 -27.21 -8.78
N ILE B 395 34.14 -27.58 -9.99
CA ILE B 395 34.32 -28.92 -10.53
C ILE B 395 34.95 -28.88 -11.91
N VAL B 396 35.63 -29.96 -12.26
CA VAL B 396 36.28 -30.12 -13.57
C VAL B 396 35.83 -31.46 -14.12
N THR B 397 35.01 -31.44 -15.15
CA THR B 397 34.56 -32.70 -15.72
C THR B 397 35.35 -33.01 -16.98
N MET B 398 35.85 -34.23 -17.10
CA MET B 398 36.60 -34.62 -18.28
C MET B 398 36.33 -36.06 -18.63
N ASN B 399 36.62 -36.42 -19.87
CA ASN B 399 36.43 -37.78 -20.35
C ASN B 399 37.67 -38.62 -20.04
N GLU B 400 37.73 -39.82 -20.58
CA GLU B 400 38.87 -40.68 -20.30
C GLU B 400 40.19 -40.26 -20.94
N TYR B 401 40.74 -39.15 -20.48
CA TYR B 401 42.03 -38.68 -20.99
C TYR B 401 43.08 -38.93 -19.91
N SER B 402 44.34 -38.71 -20.25
CA SER B 402 45.41 -38.91 -19.30
C SER B 402 45.57 -37.73 -18.34
N VAL B 403 45.87 -38.03 -17.08
CA VAL B 403 46.04 -36.97 -16.10
C VAL B 403 47.29 -37.22 -15.25
N PRO B 404 48.35 -36.42 -15.49
CA PRO B 404 49.62 -36.53 -14.77
C PRO B 404 49.42 -36.57 -13.26
N LYS B 405 50.16 -37.44 -12.59
CA LYS B 405 50.03 -37.57 -11.14
C LYS B 405 50.31 -36.22 -10.47
N THR B 406 50.72 -35.24 -11.26
CA THR B 406 51.00 -33.93 -10.72
C THR B 406 49.77 -33.04 -10.81
N LEU B 407 48.94 -33.28 -11.81
CA LEU B 407 47.72 -32.51 -11.98
C LEU B 407 46.68 -33.02 -10.99
N GLN B 408 46.64 -34.33 -10.80
CA GLN B 408 45.68 -34.93 -9.89
C GLN B 408 45.85 -34.33 -8.50
N ALA B 409 47.04 -33.84 -8.21
CA ALA B 409 47.26 -33.29 -6.89
C ALA B 409 46.61 -31.92 -6.74
N ARG B 410 45.98 -31.43 -7.80
CA ARG B 410 45.31 -30.15 -7.73
C ARG B 410 43.86 -30.38 -7.31
N PHE B 411 43.48 -31.62 -7.06
CA PHE B 411 42.11 -31.88 -6.65
C PHE B 411 42.01 -32.65 -5.33
N VAL B 412 41.05 -32.26 -4.50
CA VAL B 412 40.84 -32.93 -3.22
C VAL B 412 40.01 -34.18 -3.35
N LYS B 413 39.07 -34.20 -4.30
CA LYS B 413 38.22 -35.37 -4.52
C LYS B 413 38.14 -35.70 -6.00
N GLN B 414 38.22 -36.99 -6.33
CA GLN B 414 38.13 -37.42 -7.72
C GLN B 414 37.09 -38.53 -7.80
N ILE B 415 35.93 -38.20 -8.29
CA ILE B 415 34.84 -39.15 -8.41
C ILE B 415 34.80 -39.75 -9.81
N ASP B 416 35.33 -40.97 -9.96
CA ASP B 416 35.35 -41.65 -11.26
C ASP B 416 34.00 -42.30 -11.55
N PHE B 417 33.42 -41.95 -12.69
CA PHE B 417 32.12 -42.48 -13.08
C PHE B 417 32.26 -43.65 -14.06
N ARG B 418 31.53 -44.72 -13.76
CA ARG B 418 31.55 -45.92 -14.57
C ARG B 418 30.18 -46.19 -15.16
N PRO B 419 30.13 -46.68 -16.42
CA PRO B 419 28.88 -46.98 -17.12
C PRO B 419 27.97 -47.86 -16.28
N LYS B 420 26.68 -47.57 -16.32
CA LYS B 420 25.72 -48.36 -15.54
C LYS B 420 24.58 -48.77 -16.45
N ASP B 421 24.46 -50.08 -16.68
CA ASP B 421 23.40 -50.60 -17.55
C ASP B 421 22.08 -50.64 -16.80
N TYR B 422 22.09 -51.22 -15.61
CA TYR B 422 20.88 -51.32 -14.80
C TYR B 422 20.34 -49.94 -14.46
N LEU B 423 21.10 -48.91 -14.79
CA LEU B 423 20.68 -47.55 -14.50
C LEU B 423 20.28 -46.86 -15.80
N LYS B 424 20.79 -47.39 -16.90
CA LYS B 424 20.51 -46.86 -18.23
C LYS B 424 19.12 -47.29 -18.69
N HIS B 425 18.90 -48.60 -18.74
CA HIS B 425 17.63 -49.16 -19.17
C HIS B 425 16.50 -48.57 -18.33
N CYS B 426 16.77 -48.31 -17.06
CA CYS B 426 15.76 -47.73 -16.18
C CYS B 426 15.37 -46.35 -16.67
N LEU B 427 16.28 -45.70 -17.37
CA LEU B 427 16.05 -44.36 -17.92
C LEU B 427 15.27 -44.45 -19.22
N GLU B 428 15.27 -45.65 -19.81
CA GLU B 428 14.54 -45.88 -21.04
C GLU B 428 13.14 -46.28 -20.61
N ARG B 429 13.06 -47.03 -19.50
CA ARG B 429 11.79 -47.49 -18.95
C ARG B 429 11.12 -46.27 -18.31
N SER B 430 11.93 -45.26 -18.01
CA SER B 430 11.45 -44.02 -17.41
C SER B 430 11.94 -42.86 -18.28
N GLU B 431 11.52 -42.87 -19.53
CA GLU B 431 11.88 -41.84 -20.51
C GLU B 431 11.56 -40.40 -20.09
N PHE B 432 10.69 -40.24 -19.10
CA PHE B 432 10.27 -38.91 -18.63
C PHE B 432 11.33 -38.07 -17.91
N LEU B 433 12.24 -38.73 -17.20
CA LEU B 433 13.30 -38.08 -16.45
C LEU B 433 14.09 -37.11 -17.32
N LEU B 434 14.52 -37.57 -18.48
CA LEU B 434 15.28 -36.73 -19.38
C LEU B 434 14.41 -35.63 -19.97
N GLU B 435 13.21 -35.97 -20.40
CA GLU B 435 12.29 -35.00 -21.00
C GLU B 435 12.07 -33.77 -20.14
N LYS B 436 11.87 -33.99 -18.84
CA LYS B 436 11.62 -32.89 -17.91
C LYS B 436 12.89 -32.36 -17.26
N ARG B 437 14.04 -32.82 -17.74
CA ARG B 437 15.34 -32.40 -17.22
C ARG B 437 15.40 -32.54 -15.69
N ILE B 438 14.93 -33.67 -15.17
CA ILE B 438 14.91 -33.91 -13.72
C ILE B 438 16.23 -34.55 -13.28
N ILE B 439 16.79 -35.36 -14.16
CA ILE B 439 18.05 -36.06 -13.90
C ILE B 439 19.15 -35.10 -13.48
N GLN B 440 19.34 -34.03 -14.25
CA GLN B 440 20.38 -33.06 -13.95
C GLN B 440 19.83 -31.72 -13.52
N SER B 441 18.88 -31.74 -12.59
CA SER B 441 18.32 -30.50 -12.12
C SER B 441 18.72 -30.20 -10.69
N GLY B 442 19.10 -28.96 -10.43
CA GLY B 442 19.50 -28.59 -9.09
C GLY B 442 18.37 -28.74 -8.08
N ILE B 443 17.14 -28.79 -8.55
CA ILE B 443 15.99 -28.93 -7.67
C ILE B 443 16.02 -30.29 -6.98
N ALA B 444 16.09 -31.34 -7.78
CA ALA B 444 16.12 -32.68 -7.25
C ALA B 444 17.25 -32.76 -6.23
N LEU B 445 18.44 -32.34 -6.60
CA LEU B 445 19.57 -32.38 -5.69
C LEU B 445 19.24 -31.69 -4.38
N LEU B 446 18.24 -30.82 -4.38
CA LEU B 446 17.86 -30.14 -3.14
C LEU B 446 16.91 -31.04 -2.40
N LEU B 447 15.93 -31.58 -3.12
CA LEU B 447 14.96 -32.48 -2.52
C LEU B 447 15.68 -33.63 -1.83
N MET B 448 16.68 -34.21 -2.50
CA MET B 448 17.46 -35.31 -1.94
C MET B 448 18.13 -34.89 -0.65
N LEU B 449 18.44 -33.61 -0.52
CA LEU B 449 19.07 -33.09 0.67
C LEU B 449 18.04 -32.93 1.76
N ILE B 450 16.77 -33.05 1.38
CA ILE B 450 15.68 -32.91 2.34
C ILE B 450 15.12 -34.26 2.76
N TRP B 451 15.22 -35.24 1.88
CA TRP B 451 14.71 -36.58 2.17
C TRP B 451 15.74 -37.45 2.88
N TYR B 452 16.87 -36.86 3.26
CA TYR B 452 17.93 -37.58 3.95
C TYR B 452 18.57 -36.78 5.08
N ARG B 453 19.43 -35.84 4.73
CA ARG B 453 20.14 -35.04 5.71
C ARG B 453 19.28 -34.53 6.87
N PRO B 454 19.88 -34.35 8.06
CA PRO B 454 19.22 -33.88 9.27
C PRO B 454 18.56 -32.55 8.97
N VAL B 455 17.80 -32.04 9.93
CA VAL B 455 17.10 -30.78 9.79
C VAL B 455 17.94 -29.62 10.36
N ALA B 456 18.50 -29.82 11.54
CA ALA B 456 19.31 -28.79 12.17
C ALA B 456 20.69 -28.68 11.53
N GLU B 457 20.92 -29.47 10.49
CA GLU B 457 22.20 -29.45 9.79
C GLU B 457 22.22 -28.30 8.79
N PHE B 458 21.04 -27.75 8.50
CA PHE B 458 20.90 -26.61 7.58
C PHE B 458 21.16 -25.31 8.31
N ALA B 459 20.99 -24.19 7.62
CA ALA B 459 21.21 -22.87 8.22
C ALA B 459 20.00 -22.50 9.07
N GLN B 460 20.27 -21.95 10.25
CA GLN B 460 19.21 -21.55 11.17
C GLN B 460 18.30 -20.49 10.54
N SER B 461 18.63 -20.07 9.33
CA SER B 461 17.87 -19.07 8.63
C SER B 461 16.73 -19.71 7.84
N ILE B 462 17.03 -20.80 7.15
CA ILE B 462 16.01 -21.48 6.36
C ILE B 462 15.56 -22.79 7.00
N GLN B 463 15.77 -22.93 8.30
CA GLN B 463 15.38 -24.13 9.04
C GLN B 463 13.87 -24.39 8.93
N SER B 464 13.09 -23.43 9.42
CA SER B 464 11.63 -23.52 9.42
C SER B 464 11.07 -23.93 8.07
N ARG B 465 11.53 -23.27 7.01
CA ARG B 465 11.07 -23.56 5.65
C ARG B 465 11.43 -24.99 5.21
N ILE B 466 12.53 -25.51 5.74
CA ILE B 466 12.96 -26.87 5.41
C ILE B 466 12.14 -27.87 6.21
N VAL B 467 11.76 -27.47 7.43
CA VAL B 467 10.97 -28.35 8.26
C VAL B 467 9.62 -28.61 7.64
N GLU B 468 8.92 -27.53 7.28
CA GLU B 468 7.59 -27.63 6.69
C GLU B 468 7.59 -28.23 5.29
N TRP B 469 8.77 -28.38 4.69
CA TRP B 469 8.88 -28.95 3.36
C TRP B 469 9.16 -30.44 3.50
N LYS B 470 9.66 -30.81 4.67
CA LYS B 470 10.00 -32.19 4.99
C LYS B 470 8.72 -32.92 5.41
N GLU B 471 7.68 -32.13 5.68
CA GLU B 471 6.38 -32.64 6.08
C GLU B 471 5.74 -33.23 4.84
N ARG B 472 5.24 -32.34 3.99
CA ARG B 472 4.58 -32.69 2.74
C ARG B 472 5.24 -33.86 2.04
N LEU B 473 6.56 -33.94 2.15
CA LEU B 473 7.30 -35.01 1.51
C LEU B 473 6.86 -36.38 2.01
N ASP B 474 7.17 -36.70 3.26
CA ASP B 474 6.79 -38.00 3.83
C ASP B 474 5.28 -38.09 3.99
N LYS B 475 4.66 -36.99 4.41
CA LYS B 475 3.22 -36.97 4.60
C LYS B 475 2.51 -37.39 3.32
N GLU B 476 3.20 -37.27 2.19
CA GLU B 476 2.64 -37.64 0.90
C GLU B 476 3.26 -38.95 0.40
N PHE B 477 4.57 -38.94 0.21
CA PHE B 477 5.29 -40.12 -0.25
C PHE B 477 5.54 -41.04 0.93
N SER B 478 5.03 -42.27 0.83
CA SER B 478 5.21 -43.25 1.89
C SER B 478 6.68 -43.55 2.07
N LEU B 479 7.07 -43.80 3.32
CA LEU B 479 8.46 -44.09 3.64
C LEU B 479 8.94 -45.38 2.99
N SER B 480 8.07 -46.01 2.21
CA SER B 480 8.42 -47.26 1.54
C SER B 480 8.36 -47.13 0.02
N VAL B 481 7.38 -46.39 -0.48
CA VAL B 481 7.23 -46.19 -1.91
C VAL B 481 8.57 -45.77 -2.52
N TYR B 482 9.32 -44.97 -1.78
CA TYR B 482 10.62 -44.50 -2.24
C TYR B 482 11.55 -45.70 -2.33
N GLN B 483 11.52 -46.52 -1.30
CA GLN B 483 12.36 -47.72 -1.26
C GLN B 483 12.11 -48.65 -2.43
N LYS B 484 10.86 -48.73 -2.85
CA LYS B 484 10.50 -49.59 -3.98
C LYS B 484 11.05 -49.00 -5.27
N MET B 485 11.14 -47.68 -5.33
CA MET B 485 11.66 -46.99 -6.52
C MET B 485 13.18 -47.15 -6.59
N LYS B 486 13.84 -46.97 -5.45
CA LYS B 486 15.29 -47.10 -5.41
C LYS B 486 15.67 -48.59 -5.52
N PHE B 487 14.68 -49.42 -5.84
CA PHE B 487 14.87 -50.87 -6.02
C PHE B 487 14.88 -51.23 -7.51
N ASN B 488 13.74 -51.04 -8.16
CA ASN B 488 13.61 -51.35 -9.58
C ASN B 488 14.60 -50.57 -10.42
N VAL B 489 15.07 -49.44 -9.88
CA VAL B 489 16.03 -48.61 -10.57
C VAL B 489 17.39 -49.31 -10.56
N ALA B 490 17.56 -50.25 -9.64
CA ALA B 490 18.80 -51.02 -9.51
C ALA B 490 18.65 -52.34 -10.26
N MET B 491 17.42 -52.60 -10.71
CA MET B 491 17.11 -53.82 -11.44
C MET B 491 17.23 -53.58 -12.93
N GLY B 492 16.44 -52.64 -13.44
CA GLY B 492 16.48 -52.32 -14.86
C GLY B 492 15.08 -51.98 -15.33
N ILE B 493 14.16 -51.87 -14.38
CA ILE B 493 12.77 -51.56 -14.67
C ILE B 493 12.47 -50.09 -14.42
N GLY B 494 11.33 -49.63 -14.92
CA GLY B 494 10.93 -48.25 -14.74
C GLY B 494 10.78 -47.88 -13.27
N VAL B 495 10.94 -46.60 -12.98
CA VAL B 495 10.82 -46.11 -11.62
C VAL B 495 9.40 -46.31 -11.12
N LEU B 496 8.54 -45.33 -11.38
CA LEU B 496 7.15 -45.39 -10.93
C LEU B 496 6.41 -46.62 -11.45
N ASP B 497 6.08 -46.62 -12.74
CA ASP B 497 5.36 -47.76 -13.32
C ASP B 497 6.30 -48.97 -13.50
N LYS E 1 -10.32 12.83 53.68
CA LYS E 1 -9.32 11.74 53.56
C LYS E 1 -8.59 11.50 54.88
N VAL E 2 -8.24 10.25 55.15
CA VAL E 2 -7.52 9.88 56.37
C VAL E 2 -6.03 10.12 56.13
N GLU E 3 -5.70 11.17 55.31
CA GLU E 3 -4.32 11.59 54.94
C GLU E 3 -3.45 10.54 54.27
N ASP E 4 -3.80 9.31 54.47
CA ASP E 4 -3.16 8.24 53.71
C ASP E 4 -4.25 7.33 53.17
N PRO E 5 -4.53 7.44 51.86
CA PRO E 5 -5.57 6.60 51.23
C PRO E 5 -5.27 5.12 51.36
N LYS E 6 -6.31 4.32 51.43
CA LYS E 6 -6.14 2.89 51.56
C LYS E 6 -6.02 2.18 50.21
N ASP E 7 -6.07 2.95 49.12
CA ASP E 7 -5.94 2.37 47.79
C ASP E 7 -5.98 3.43 46.71
N PHE E 8 -5.83 3.01 45.46
CA PHE E 8 -5.84 3.92 44.33
C PHE E 8 -7.22 4.58 44.16
N PRO E 9 -7.26 5.81 43.60
CA PRO E 9 -8.53 6.51 43.40
C PRO E 9 -9.47 5.70 42.51
N SER E 10 -10.76 5.66 42.84
CA SER E 10 -11.71 4.90 42.02
C SER E 10 -11.88 5.58 40.67
N GLU E 11 -10.80 5.82 39.96
CA GLU E 11 -10.88 6.46 38.67
C GLU E 11 -9.88 5.78 37.81
N LEU E 12 -9.07 4.96 38.44
CA LEU E 12 -8.01 4.24 37.75
C LEU E 12 -8.08 2.76 38.07
N LEU E 13 -8.96 2.40 39.01
CA LEU E 13 -9.10 1.03 39.43
C LEU E 13 -9.35 0.03 38.31
N SER E 14 -10.15 0.41 37.34
CA SER E 14 -10.46 -0.49 36.24
C SER E 14 -9.24 -0.82 35.38
N PHE E 15 -8.15 -0.07 35.56
CA PHE E 15 -6.93 -0.29 34.79
C PHE E 15 -5.91 -1.13 35.54
N LEU E 16 -6.09 -1.20 36.86
CA LEU E 16 -5.17 -1.93 37.70
C LEU E 16 -5.57 -3.38 37.90
N SER E 17 -4.62 -4.20 38.30
CA SER E 17 -4.89 -5.60 38.54
C SER E 17 -5.86 -5.73 39.70
N HIS E 18 -6.81 -6.64 39.57
CA HIS E 18 -7.80 -6.88 40.60
C HIS E 18 -7.38 -8.05 41.49
N ALA E 19 -6.14 -8.52 41.28
CA ALA E 19 -5.64 -9.64 42.06
C ALA E 19 -5.48 -9.33 43.53
N VAL E 20 -5.52 -10.38 44.31
CA VAL E 20 -5.37 -10.28 45.76
C VAL E 20 -4.28 -11.28 46.16
N PHE E 21 -4.10 -12.32 45.35
CA PHE E 21 -3.08 -13.34 45.60
C PHE E 21 -2.71 -14.04 44.29
N SER E 22 -1.66 -13.55 43.63
CA SER E 22 -1.22 -14.12 42.37
C SER E 22 0.28 -13.97 42.14
N ASN E 23 0.93 -14.99 41.60
CA ASN E 23 2.37 -14.88 41.34
C ASN E 23 2.60 -14.63 39.86
N ARG E 24 1.69 -13.92 39.23
CA ARG E 24 1.87 -13.66 37.82
C ARG E 24 2.88 -12.54 37.69
N THR E 25 3.64 -12.47 36.60
CA THR E 25 4.61 -11.41 36.37
C THR E 25 4.08 -10.40 35.34
N LEU E 26 4.26 -9.12 35.64
CA LEU E 26 3.82 -8.04 34.77
C LEU E 26 5.01 -7.20 34.37
N ALA E 27 4.76 -6.22 33.51
CA ALA E 27 5.84 -5.35 33.06
C ALA E 27 5.38 -3.93 33.16
N CYS E 28 4.28 -3.71 33.84
CA CYS E 28 3.81 -2.36 34.00
C CYS E 28 3.27 -2.22 35.39
N PHE E 29 3.86 -1.29 36.16
CA PHE E 29 3.47 -1.07 37.55
C PHE E 29 3.12 0.37 37.88
N ALA E 30 2.46 0.56 39.03
CA ALA E 30 2.07 1.90 39.49
C ALA E 30 2.05 1.96 41.00
N ILE E 31 2.88 2.83 41.57
CA ILE E 31 2.95 2.99 43.02
C ILE E 31 2.21 4.26 43.41
N TYR E 32 1.62 4.29 44.59
CA TYR E 32 0.88 5.46 45.06
C TYR E 32 1.36 5.77 46.46
N THR E 33 2.14 6.84 46.62
CA THR E 33 2.63 7.23 47.94
C THR E 33 2.61 8.73 48.11
N THR E 34 3.49 9.23 48.99
CA THR E 34 3.60 10.66 49.26
C THR E 34 4.46 11.35 48.24
N LYS E 35 4.35 12.67 48.20
CA LYS E 35 5.11 13.46 47.25
C LYS E 35 6.62 13.19 47.38
N GLU E 36 7.12 13.18 48.61
CA GLU E 36 8.54 12.96 48.85
C GLU E 36 9.02 11.55 48.51
N LYS E 37 8.23 10.56 48.91
CA LYS E 37 8.58 9.16 48.66
C LYS E 37 8.62 8.85 47.17
N ALA E 38 7.64 9.36 46.44
CA ALA E 38 7.57 9.14 45.01
C ALA E 38 8.80 9.78 44.38
N ALA E 39 8.99 11.06 44.67
CA ALA E 39 10.12 11.79 44.14
C ALA E 39 11.40 10.96 44.26
N LEU E 40 11.55 10.30 45.41
CA LEU E 40 12.73 9.48 45.65
C LEU E 40 12.76 8.21 44.79
N LEU E 41 11.69 7.42 44.89
CA LEU E 41 11.59 6.18 44.14
C LEU E 41 11.67 6.37 42.64
N TYR E 42 11.36 7.57 42.17
CA TYR E 42 11.42 7.86 40.75
C TYR E 42 12.80 7.57 40.17
N LYS E 43 13.82 7.77 40.99
CA LYS E 43 15.20 7.53 40.58
C LYS E 43 15.69 6.14 41.00
N LYS E 44 15.24 5.69 42.17
CA LYS E 44 15.61 4.37 42.67
C LYS E 44 15.07 3.29 41.73
N ILE E 45 13.78 3.39 41.39
CA ILE E 45 13.11 2.45 40.51
C ILE E 45 13.65 2.50 39.08
N MET E 46 13.87 3.71 38.60
CA MET E 46 14.38 3.93 37.25
C MET E 46 15.56 3.04 36.89
N GLU E 47 16.58 3.06 37.73
CA GLU E 47 17.78 2.26 37.51
C GLU E 47 17.60 0.83 38.02
N LYS E 48 16.93 0.67 39.16
CA LYS E 48 16.74 -0.66 39.76
C LYS E 48 16.25 -1.73 38.78
N TYR E 49 15.53 -1.32 37.75
CA TYR E 49 15.01 -2.27 36.77
C TYR E 49 15.37 -1.89 35.35
N SER E 50 16.12 -0.80 35.19
CA SER E 50 16.51 -0.34 33.87
C SER E 50 15.24 -0.12 33.04
N VAL E 51 14.23 0.46 33.68
CA VAL E 51 12.96 0.73 33.04
C VAL E 51 13.10 1.32 31.66
N THR E 52 12.14 1.05 30.80
CA THR E 52 12.13 1.56 29.44
C THR E 52 11.32 2.84 29.44
N PHE E 53 10.70 3.13 30.58
CA PHE E 53 9.90 4.33 30.78
C PHE E 53 9.46 4.41 32.22
N ILE E 54 9.14 5.63 32.65
CA ILE E 54 8.67 5.92 34.00
C ILE E 54 8.16 7.36 34.03
N SER E 55 7.30 7.68 34.99
CA SER E 55 6.76 9.04 35.09
C SER E 55 6.03 9.25 36.41
N ARG E 56 6.31 10.38 37.07
CA ARG E 56 5.66 10.70 38.34
C ARG E 56 4.48 11.61 38.06
N HIS E 57 3.42 11.49 38.86
CA HIS E 57 2.23 12.30 38.66
C HIS E 57 1.75 12.86 39.99
N ASN E 58 0.71 13.68 39.92
CA ASN E 58 0.11 14.29 41.10
C ASN E 58 -1.28 13.67 41.26
N SER E 59 -1.64 13.33 42.49
CA SER E 59 -2.93 12.74 42.78
C SER E 59 -3.44 13.08 44.18
N TYR E 60 -4.50 13.87 44.25
CA TYR E 60 -5.12 14.25 45.52
C TYR E 60 -4.14 14.56 46.66
N ASN E 61 -3.22 15.48 46.38
CA ASN E 61 -2.20 15.91 47.31
C ASN E 61 -1.19 14.79 47.58
N HIS E 62 -1.09 13.87 46.63
CA HIS E 62 -0.16 12.75 46.73
C HIS E 62 0.46 12.48 45.36
N ASN E 63 1.29 11.45 45.27
CA ASN E 63 1.95 11.12 44.01
C ASN E 63 1.64 9.71 43.52
N ILE E 64 1.80 9.50 42.22
CA ILE E 64 1.58 8.19 41.61
C ILE E 64 2.74 7.92 40.65
N LEU E 65 3.42 6.80 40.85
CA LEU E 65 4.53 6.45 39.98
C LEU E 65 4.18 5.37 38.99
N PHE E 66 4.03 5.76 37.72
CA PHE E 66 3.69 4.83 36.64
C PHE E 66 4.93 4.51 35.83
N PHE E 67 5.35 3.25 35.79
CA PHE E 67 6.54 2.93 35.02
C PHE E 67 6.45 1.61 34.26
N LEU E 68 7.14 1.57 33.12
CA LEU E 68 7.14 0.39 32.26
C LEU E 68 8.49 -0.29 32.33
N THR E 69 8.51 -1.57 32.69
CA THR E 69 9.76 -2.30 32.79
C THR E 69 10.06 -3.15 31.58
N PRO E 70 11.36 -3.31 31.27
CA PRO E 70 11.85 -4.09 30.14
C PRO E 70 11.44 -5.55 30.32
N HIS E 71 11.83 -6.12 31.46
CA HIS E 71 11.54 -7.50 31.78
C HIS E 71 10.34 -7.61 32.72
N ARG E 72 9.87 -8.83 32.95
CA ARG E 72 8.72 -9.04 33.83
C ARG E 72 9.11 -9.17 35.29
N HIS E 73 8.24 -8.68 36.17
CA HIS E 73 8.48 -8.75 37.61
C HIS E 73 7.14 -8.89 38.29
N ARG E 74 7.13 -9.48 39.47
CA ARG E 74 5.88 -9.61 40.20
C ARG E 74 5.74 -8.51 41.23
N VAL E 75 4.56 -7.93 41.28
CA VAL E 75 4.27 -6.87 42.21
C VAL E 75 4.91 -7.15 43.57
N SER E 76 5.01 -8.42 43.91
CA SER E 76 5.60 -8.83 45.18
C SER E 76 6.98 -8.20 45.32
N ALA E 77 7.84 -8.45 44.35
CA ALA E 77 9.18 -7.91 44.37
C ALA E 77 9.15 -6.40 44.31
N ILE E 78 8.36 -5.83 43.39
CA ILE E 78 8.28 -4.37 43.28
C ILE E 78 7.86 -3.75 44.60
N ASN E 79 6.94 -4.40 45.28
CA ASN E 79 6.46 -3.90 46.55
C ASN E 79 7.51 -4.01 47.64
N ASN E 80 8.04 -5.22 47.83
CA ASN E 80 9.06 -5.46 48.85
C ASN E 80 10.27 -4.52 48.70
N TYR E 81 10.48 -4.03 47.48
CA TYR E 81 11.61 -3.14 47.22
C TYR E 81 11.29 -1.73 47.68
N ALA E 82 10.18 -1.20 47.18
CA ALA E 82 9.76 0.14 47.55
C ALA E 82 9.59 0.25 49.06
N GLN E 83 9.28 -0.85 49.72
CA GLN E 83 9.12 -0.85 51.17
C GLN E 83 10.42 -0.47 51.85
N LYS E 84 11.47 -1.22 51.56
CA LYS E 84 12.79 -1.01 52.13
C LYS E 84 13.25 0.45 52.07
N LEU E 85 12.74 1.20 51.11
CA LEU E 85 13.13 2.60 50.94
C LEU E 85 12.24 3.61 51.65
N CYS E 86 11.25 3.13 52.40
CA CYS E 86 10.36 4.04 53.11
C CYS E 86 10.38 3.82 54.62
N THR E 87 10.14 2.58 55.04
CA THR E 87 10.13 2.23 56.46
C THR E 87 8.90 2.83 57.13
N PHE E 88 8.22 3.73 56.42
CA PHE E 88 7.04 4.40 56.93
C PHE E 88 6.18 4.99 55.81
N SER E 89 5.29 5.91 56.16
CA SER E 89 4.41 6.55 55.18
C SER E 89 3.51 5.47 54.58
N PHE E 90 2.70 5.86 53.59
CA PHE E 90 1.80 4.92 52.92
C PHE E 90 2.29 4.65 51.51
N LEU E 91 2.30 3.39 51.13
CA LEU E 91 2.77 2.99 49.83
C LEU E 91 1.92 1.86 49.30
N ILE E 92 1.15 2.15 48.26
CA ILE E 92 0.27 1.15 47.67
C ILE E 92 0.68 0.91 46.23
N CYS E 93 1.43 -0.14 45.94
CA CYS E 93 1.77 -0.34 44.56
C CYS E 93 1.04 -1.56 44.02
N LYS E 94 0.61 -1.46 42.77
CA LYS E 94 -0.13 -2.52 42.12
C LYS E 94 0.32 -2.71 40.66
N GLY E 95 -0.16 -3.77 40.03
CA GLY E 95 0.18 -4.00 38.64
C GLY E 95 -0.82 -3.30 37.75
N VAL E 96 -0.36 -2.82 36.60
CA VAL E 96 -1.24 -2.13 35.66
C VAL E 96 -1.54 -3.10 34.52
N ASN E 97 -2.82 -3.18 34.13
CA ASN E 97 -3.21 -4.07 33.05
C ASN E 97 -3.66 -3.29 31.83
N LYS E 98 -3.95 -2.01 32.04
CA LYS E 98 -4.36 -1.12 30.95
C LYS E 98 -3.28 -0.05 30.85
N GLU E 99 -2.12 -0.41 30.34
CA GLU E 99 -1.02 0.53 30.25
C GLU E 99 -1.36 1.93 29.76
N TYR E 100 -1.69 2.05 28.48
CA TYR E 100 -2.02 3.32 27.89
C TYR E 100 -3.13 4.05 28.64
N LEU E 101 -4.31 3.44 28.73
CA LEU E 101 -5.43 4.04 29.43
C LEU E 101 -5.07 4.59 30.81
N MET E 102 -4.14 3.92 31.50
CA MET E 102 -3.67 4.32 32.82
C MET E 102 -2.87 5.60 32.69
N TYR E 103 -1.81 5.52 31.88
CA TYR E 103 -0.96 6.68 31.66
C TYR E 103 -1.82 7.80 31.17
N SER E 104 -2.67 7.51 30.18
CA SER E 104 -3.54 8.55 29.63
C SER E 104 -4.29 9.30 30.71
N ALA E 105 -5.05 8.57 31.51
CA ALA E 105 -5.84 9.17 32.58
C ALA E 105 -4.98 9.99 33.53
N LEU E 106 -3.74 9.55 33.73
CA LEU E 106 -2.85 10.25 34.64
C LEU E 106 -2.33 11.59 34.10
N THR E 107 -2.31 11.76 32.79
CA THR E 107 -1.82 13.01 32.19
C THR E 107 -2.92 14.06 32.15
N ARG E 108 -4.16 13.62 32.36
CA ARG E 108 -5.31 14.50 32.33
C ARG E 108 -5.94 14.58 33.71
N ASP E 109 -6.60 15.70 34.00
CA ASP E 109 -7.26 15.92 35.29
C ASP E 109 -8.12 14.72 35.71
N PRO E 110 -8.30 14.56 37.04
CA PRO E 110 -7.73 15.44 38.05
C PRO E 110 -6.27 15.12 38.31
N PHE E 111 -5.64 14.50 37.33
CA PHE E 111 -4.24 14.13 37.49
C PHE E 111 -3.35 14.97 36.59
N SER E 112 -2.18 15.32 37.12
CA SER E 112 -1.22 16.12 36.38
C SER E 112 0.13 15.43 36.36
N VAL E 113 0.91 15.72 35.34
CA VAL E 113 2.24 15.13 35.22
C VAL E 113 3.29 16.01 35.88
N ILE E 114 4.38 15.39 36.32
CA ILE E 114 5.47 16.10 36.97
C ILE E 114 6.79 15.72 36.27
N GLU E 115 7.06 14.42 36.16
CA GLU E 115 8.28 13.97 35.51
C GLU E 115 7.95 12.83 34.53
N GLU E 116 8.90 12.51 33.65
CA GLU E 116 8.74 11.43 32.68
C GLU E 116 9.93 11.32 31.74
N SER E 117 10.48 10.12 31.65
CA SER E 117 11.63 9.86 30.80
C SER E 117 11.35 10.06 29.32
N LEU E 118 10.17 10.58 28.99
CA LEU E 118 9.82 10.82 27.60
C LEU E 118 8.68 11.84 27.55
N PRO E 119 8.96 13.05 27.06
CA PRO E 119 7.99 14.14 26.94
C PRO E 119 6.75 13.83 26.11
N GLY E 120 6.94 13.17 24.98
CA GLY E 120 5.82 12.83 24.13
C GLY E 120 5.01 11.63 24.62
N GLY E 121 4.71 11.60 25.92
CA GLY E 121 3.95 10.48 26.47
C GLY E 121 4.67 9.17 26.20
N LEU E 122 3.98 8.22 25.58
CA LEU E 122 4.58 6.93 25.24
C LEU E 122 3.75 6.14 24.22
N LYS E 123 4.34 5.08 23.68
CA LYS E 123 3.69 4.22 22.70
C LYS E 123 4.57 3.01 22.37
N GLU E 124 4.64 2.08 23.33
CA GLU E 124 5.42 0.84 23.22
C GLU E 124 4.57 -0.32 23.74
N HIS E 125 4.86 -0.78 24.96
CA HIS E 125 4.06 -1.87 25.56
C HIS E 125 2.63 -1.38 25.49
N ASP E 126 2.48 -0.06 25.62
CA ASP E 126 1.18 0.59 25.55
C ASP E 126 0.87 0.55 24.06
N PHE E 127 0.40 1.66 23.43
CA PHE E 127 0.12 1.53 22.01
C PHE E 127 0.27 2.76 21.12
N ASN E 128 0.30 2.34 19.87
CA ASN E 128 0.44 3.09 18.64
C ASN E 128 1.13 1.96 17.85
N PRO E 129 2.15 1.32 18.47
CA PRO E 129 2.89 0.21 17.85
C PRO E 129 2.54 -1.09 18.58
N GLU E 130 3.43 -2.08 18.49
CA GLU E 130 3.29 -3.39 19.13
C GLU E 130 1.98 -4.14 18.86
N GLU E 131 1.12 -3.58 18.00
CA GLU E 131 -0.17 -4.21 17.67
C GLU E 131 0.05 -5.58 17.03
N ALA E 132 1.17 -5.72 16.32
CA ALA E 132 1.57 -6.95 15.66
C ALA E 132 0.46 -7.79 15.03
N GLU E 133 0.64 -9.11 15.13
CA GLU E 133 -0.30 -10.06 14.55
C GLU E 133 -1.09 -10.93 15.53
N GLU E 134 -1.73 -10.30 16.51
CA GLU E 134 -2.54 -11.05 17.48
C GLU E 134 -3.89 -11.36 16.82
N THR E 135 -4.63 -12.34 17.33
CA THR E 135 -5.92 -12.67 16.74
C THR E 135 -6.82 -11.43 16.70
N LYS E 136 -7.42 -11.18 15.54
CA LYS E 136 -8.30 -10.02 15.37
C LYS E 136 -9.77 -10.38 15.51
N GLN E 137 -10.41 -9.81 16.52
CA GLN E 137 -11.81 -10.08 16.76
C GLN E 137 -12.58 -8.76 16.71
N VAL E 138 -13.78 -8.79 16.17
CA VAL E 138 -14.55 -7.56 16.09
C VAL E 138 -15.07 -7.25 17.48
N SER E 139 -15.23 -5.97 17.77
CA SER E 139 -15.77 -5.57 19.05
C SER E 139 -17.19 -5.10 18.86
N TRP E 140 -18.13 -5.91 19.29
CA TRP E 140 -19.53 -5.57 19.17
C TRP E 140 -19.80 -4.42 20.12
N LYS E 141 -19.13 -4.46 21.26
CA LYS E 141 -19.25 -3.44 22.30
C LYS E 141 -18.97 -2.05 21.74
N LEU E 142 -17.92 -1.96 20.91
CA LEU E 142 -17.52 -0.68 20.33
C LEU E 142 -18.50 -0.19 19.27
N VAL E 143 -19.17 -1.10 18.56
CA VAL E 143 -20.15 -0.70 17.57
C VAL E 143 -21.34 -0.14 18.32
N THR E 144 -21.89 -0.93 19.23
CA THR E 144 -23.02 -0.47 20.01
C THR E 144 -22.73 0.87 20.66
N GLU E 145 -21.52 1.02 21.17
CA GLU E 145 -21.16 2.27 21.81
C GLU E 145 -21.38 3.41 20.82
N TYR E 146 -20.85 3.25 19.60
CA TYR E 146 -21.00 4.26 18.58
C TYR E 146 -22.47 4.61 18.40
N ALA E 147 -23.30 3.59 18.21
CA ALA E 147 -24.74 3.77 18.02
C ALA E 147 -25.31 4.58 19.16
N MET E 148 -24.92 4.21 20.37
CA MET E 148 -25.38 4.92 21.56
C MET E 148 -25.11 6.41 21.47
N GLU E 149 -23.85 6.79 21.26
CA GLU E 149 -23.52 8.19 21.21
C GLU E 149 -24.22 8.97 20.10
N THR E 150 -24.41 8.34 18.94
CA THR E 150 -25.08 9.02 17.83
C THR E 150 -26.59 8.80 17.93
N LYS E 151 -27.01 8.20 19.03
CA LYS E 151 -28.41 7.91 19.32
C LYS E 151 -29.05 7.24 18.12
N CYS E 152 -28.27 6.39 17.46
CA CYS E 152 -28.73 5.69 16.27
C CYS E 152 -29.89 4.74 16.52
N ASP E 153 -30.83 4.71 15.59
CA ASP E 153 -31.98 3.82 15.73
C ASP E 153 -32.32 3.18 14.40
N ASP E 154 -31.38 3.16 13.46
CA ASP E 154 -31.61 2.60 12.13
C ASP E 154 -30.46 1.65 11.76
N VAL E 155 -30.73 0.36 11.67
CA VAL E 155 -29.69 -0.60 11.31
C VAL E 155 -29.04 -0.23 9.99
N LEU E 156 -29.82 0.16 9.00
CA LEU E 156 -29.24 0.51 7.72
C LEU E 156 -28.25 1.67 7.85
N LEU E 157 -28.63 2.68 8.61
CA LEU E 157 -27.76 3.82 8.79
C LEU E 157 -26.49 3.39 9.51
N LEU E 158 -26.65 2.62 10.57
CA LEU E 158 -25.52 2.16 11.33
C LEU E 158 -24.56 1.38 10.44
N LEU E 159 -25.06 0.33 9.83
CA LEU E 159 -24.21 -0.48 8.97
C LEU E 159 -23.41 0.34 7.97
N GLY E 160 -24.08 1.25 7.28
CA GLY E 160 -23.40 2.08 6.32
C GLY E 160 -22.44 3.09 6.94
N MET E 161 -22.80 3.66 8.08
CA MET E 161 -21.91 4.62 8.69
C MET E 161 -20.63 3.94 9.17
N TYR E 162 -20.76 2.82 9.86
CA TYR E 162 -19.60 2.10 10.37
C TYR E 162 -18.71 1.61 9.26
N LEU E 163 -19.30 1.14 8.15
CA LEU E 163 -18.49 0.66 7.03
C LEU E 163 -17.61 1.77 6.49
N GLU E 164 -17.99 3.01 6.77
CA GLU E 164 -17.23 4.15 6.31
C GLU E 164 -15.94 4.24 7.11
N PHE E 165 -16.00 3.92 8.38
CA PHE E 165 -14.80 3.97 9.19
C PHE E 165 -13.76 2.92 8.78
N GLN E 166 -14.10 1.99 7.91
CA GLN E 166 -13.14 0.97 7.56
C GLN E 166 -11.90 1.51 6.92
N TYR E 167 -12.04 2.64 6.24
CA TYR E 167 -10.93 3.25 5.55
C TYR E 167 -10.00 4.09 6.42
N SER E 168 -8.75 4.20 5.98
CA SER E 168 -7.72 4.95 6.68
C SER E 168 -8.21 6.32 7.13
N PHE E 169 -7.82 6.60 8.27
CA PHE E 169 -8.26 7.81 8.80
C PHE E 169 -7.45 8.99 8.36
N GLU E 170 -6.14 8.92 8.57
CA GLU E 170 -5.27 10.05 8.28
C GLU E 170 -5.61 10.80 7.00
N MET E 171 -5.71 10.09 5.89
CA MET E 171 -6.03 10.74 4.63
C MET E 171 -7.45 10.43 4.17
N CYS E 172 -8.41 10.79 5.01
CA CYS E 172 -9.85 10.60 4.76
C CYS E 172 -10.46 11.95 4.39
N LEU E 173 -10.79 12.13 3.12
CA LEU E 173 -11.37 13.39 2.67
C LEU E 173 -12.63 13.75 3.44
N LYS E 174 -13.38 12.72 3.83
CA LYS E 174 -14.61 12.94 4.56
C LYS E 174 -14.36 13.55 5.93
N CYS E 175 -13.25 13.18 6.55
CA CYS E 175 -12.90 13.71 7.87
C CYS E 175 -12.27 15.10 7.72
N ILE E 176 -11.49 15.28 6.66
CA ILE E 176 -10.84 16.56 6.39
C ILE E 176 -11.88 17.63 6.09
N LYS E 177 -12.67 17.40 5.06
CA LYS E 177 -13.71 18.33 4.65
C LYS E 177 -14.80 18.44 5.71
N LYS E 178 -14.68 17.63 6.77
CA LYS E 178 -15.65 17.64 7.86
C LYS E 178 -17.08 17.85 7.39
N GLU E 179 -17.57 16.89 6.59
CA GLU E 179 -18.91 16.94 6.03
C GLU E 179 -19.99 16.59 7.03
N GLN E 180 -19.88 15.42 7.64
CA GLN E 180 -20.85 14.97 8.64
C GLN E 180 -20.22 14.85 10.02
N PRO E 181 -20.78 15.54 11.02
CA PRO E 181 -20.25 15.49 12.39
C PRO E 181 -20.20 14.08 12.94
N SER E 182 -21.30 13.35 12.79
CA SER E 182 -21.38 11.99 13.29
C SER E 182 -20.48 11.03 12.51
N HIS E 183 -19.37 11.56 12.03
CA HIS E 183 -18.40 10.76 11.30
C HIS E 183 -16.99 11.19 11.67
N TYR E 184 -16.62 12.42 11.35
CA TYR E 184 -15.30 12.90 11.66
C TYR E 184 -15.08 12.93 13.16
N LYS E 185 -16.13 12.70 13.93
CA LYS E 185 -16.01 12.70 15.38
C LYS E 185 -15.76 11.30 15.94
N TYR E 186 -16.04 10.27 15.15
CA TYR E 186 -15.89 8.90 15.64
C TYR E 186 -15.01 7.97 14.81
N HIS E 187 -14.60 8.43 13.63
CA HIS E 187 -13.78 7.59 12.76
C HIS E 187 -12.48 7.14 13.38
N GLU E 188 -11.56 8.07 13.63
CA GLU E 188 -10.28 7.72 14.21
C GLU E 188 -10.43 6.71 15.36
N LYS E 189 -11.39 6.97 16.23
CA LYS E 189 -11.64 6.07 17.36
C LYS E 189 -12.09 4.68 16.92
N HIS E 190 -13.16 4.64 16.12
CA HIS E 190 -13.69 3.34 15.63
C HIS E 190 -12.89 2.77 14.38
N TYR E 191 -11.78 3.45 13.85
CA TYR E 191 -11.07 2.97 12.67
C TYR E 191 -10.58 1.52 12.75
N ALA E 192 -9.85 1.21 13.81
CA ALA E 192 -9.32 -0.15 13.96
C ALA E 192 -10.40 -1.20 13.94
N ASN E 193 -11.41 -0.99 14.77
CA ASN E 193 -12.50 -1.94 14.88
C ASN E 193 -13.24 -2.11 13.57
N ALA E 194 -13.47 -0.98 12.90
CA ALA E 194 -14.16 -0.98 11.62
C ALA E 194 -13.46 -1.86 10.60
N ALA E 195 -12.17 -1.60 10.39
CA ALA E 195 -11.39 -2.37 9.44
C ALA E 195 -11.59 -3.87 9.68
N ILE E 196 -11.68 -4.28 10.95
CA ILE E 196 -11.88 -5.68 11.30
C ILE E 196 -13.34 -6.00 10.95
N PHE E 197 -14.21 -5.04 11.23
CA PHE E 197 -15.63 -5.15 10.95
C PHE E 197 -15.89 -5.46 9.49
N ALA E 198 -15.08 -4.88 8.61
CA ALA E 198 -15.22 -5.07 7.17
C ALA E 198 -15.03 -6.52 6.75
N ASP E 199 -14.60 -7.35 7.69
CA ASP E 199 -14.35 -8.76 7.39
C ASP E 199 -15.32 -9.70 8.09
N SER E 200 -16.11 -9.15 9.01
CA SER E 200 -17.09 -9.92 9.78
C SER E 200 -18.17 -10.56 8.94
N LYS E 201 -18.61 -11.75 9.31
CA LYS E 201 -19.67 -12.41 8.55
C LYS E 201 -20.99 -12.18 9.28
N ASN E 202 -20.99 -11.32 10.28
CA ASN E 202 -22.20 -11.04 11.06
C ASN E 202 -22.53 -9.59 11.13
N GLN E 203 -22.03 -8.81 10.17
CA GLN E 203 -22.27 -7.37 10.14
C GLN E 203 -23.67 -6.95 10.56
N LYS E 204 -24.69 -7.49 9.92
CA LYS E 204 -26.06 -7.13 10.23
C LYS E 204 -26.40 -7.38 11.67
N THR E 205 -26.09 -8.57 12.17
CA THR E 205 -26.40 -8.88 13.56
C THR E 205 -25.75 -7.95 14.56
N ILE E 206 -24.51 -7.59 14.29
CA ILE E 206 -23.80 -6.69 15.19
C ILE E 206 -24.56 -5.36 15.26
N CYS E 207 -25.04 -4.89 14.11
CA CYS E 207 -25.76 -3.63 14.06
C CYS E 207 -27.15 -3.72 14.67
N GLN E 208 -27.84 -4.83 14.38
CA GLN E 208 -29.17 -4.97 14.91
C GLN E 208 -29.13 -4.98 16.41
N GLN E 209 -28.26 -5.78 17.01
CA GLN E 209 -28.19 -5.82 18.45
C GLN E 209 -27.79 -4.47 19.01
N ALA E 210 -26.96 -3.75 18.28
CA ALA E 210 -26.52 -2.45 18.74
C ALA E 210 -27.71 -1.52 18.84
N VAL E 211 -28.33 -1.29 17.69
CA VAL E 211 -29.48 -0.41 17.63
C VAL E 211 -30.55 -0.84 18.65
N ASP E 212 -30.68 -2.13 18.90
CA ASP E 212 -31.66 -2.59 19.87
C ASP E 212 -31.31 -2.17 21.29
N THR E 213 -30.03 -1.99 21.56
CA THR E 213 -29.61 -1.61 22.89
C THR E 213 -29.95 -0.16 23.13
N VAL E 214 -29.76 0.66 22.11
CA VAL E 214 -30.06 2.07 22.20
C VAL E 214 -31.56 2.25 22.38
N LEU E 215 -32.35 1.53 21.60
CA LEU E 215 -33.79 1.64 21.73
C LEU E 215 -34.19 1.29 23.14
N ALA E 216 -33.45 0.36 23.74
CA ALA E 216 -33.71 -0.09 25.11
C ALA E 216 -33.54 1.04 26.13
N LYS E 217 -32.32 1.58 26.18
CA LYS E 217 -32.01 2.67 27.09
C LYS E 217 -33.00 3.81 26.88
N LYS E 218 -33.32 4.10 25.62
CA LYS E 218 -34.24 5.17 25.31
C LYS E 218 -35.60 5.01 25.96
N ARG E 219 -36.18 3.82 25.86
CA ARG E 219 -37.47 3.58 26.46
C ARG E 219 -37.44 3.70 27.97
N VAL E 220 -36.28 3.40 28.56
CA VAL E 220 -36.13 3.50 30.01
C VAL E 220 -35.99 4.94 30.44
N ASP E 221 -35.09 5.67 29.80
CA ASP E 221 -34.88 7.07 30.13
C ASP E 221 -36.16 7.88 29.96
N SER E 222 -37.05 7.43 29.09
CA SER E 222 -38.32 8.15 28.88
C SER E 222 -39.19 8.08 30.13
N LEU E 223 -39.22 6.90 30.76
CA LEU E 223 -40.02 6.72 31.96
C LEU E 223 -39.64 7.73 33.03
N GLN E 224 -38.36 8.06 33.10
CA GLN E 224 -37.89 9.02 34.09
C GLN E 224 -38.11 10.47 33.64
N LEU E 225 -38.80 10.66 32.52
CA LEU E 225 -39.08 12.00 32.01
C LEU E 225 -40.53 12.38 32.17
N THR E 226 -40.76 13.66 32.43
CA THR E 226 -42.11 14.17 32.61
C THR E 226 -42.90 13.91 31.36
N ARG E 227 -42.83 14.86 30.44
CA ARG E 227 -43.53 14.78 29.18
C ARG E 227 -43.37 16.16 28.65
N GLU E 228 -43.32 17.14 29.56
CA GLU E 228 -43.08 18.53 29.17
C GLU E 228 -41.58 18.52 28.94
N GLN E 229 -40.91 17.61 29.64
CA GLN E 229 -39.47 17.44 29.52
C GLN E 229 -39.14 16.87 28.14
N MET E 230 -39.92 15.87 27.71
CA MET E 230 -39.72 15.27 26.41
C MET E 230 -39.85 16.33 25.32
N LEU E 231 -40.84 17.20 25.47
CA LEU E 231 -41.10 18.29 24.52
C LEU E 231 -39.95 19.29 24.57
N THR E 232 -39.42 19.53 25.76
CA THR E 232 -38.31 20.46 25.86
C THR E 232 -37.12 19.84 25.15
N ASN E 233 -36.93 18.54 25.32
CA ASN E 233 -35.79 17.89 24.66
C ASN E 233 -35.93 18.04 23.16
N ARG E 234 -37.12 17.79 22.65
CA ARG E 234 -37.41 17.90 21.22
C ARG E 234 -37.15 19.34 20.76
N PHE E 235 -37.65 20.30 21.52
CA PHE E 235 -37.43 21.68 21.14
C PHE E 235 -35.93 21.93 21.06
N ASN E 236 -35.16 21.23 21.87
CA ASN E 236 -33.71 21.39 21.85
C ASN E 236 -33.11 20.89 20.53
N ASP E 237 -33.36 19.62 20.21
CA ASP E 237 -32.83 19.04 18.99
C ASP E 237 -33.22 19.87 17.79
N LEU E 238 -34.45 20.40 17.80
CA LEU E 238 -34.92 21.22 16.70
C LEU E 238 -34.10 22.50 16.68
N LEU E 239 -33.80 23.00 17.87
CA LEU E 239 -33.05 24.21 18.00
C LEU E 239 -31.60 23.98 17.54
N ASP E 240 -31.10 22.77 17.75
CA ASP E 240 -29.75 22.39 17.35
C ASP E 240 -29.64 22.33 15.84
N ARG E 241 -30.71 21.88 15.21
CA ARG E 241 -30.75 21.79 13.76
C ARG E 241 -30.75 23.21 13.21
N MET E 242 -31.49 24.07 13.90
CA MET E 242 -31.59 25.48 13.48
C MET E 242 -30.27 26.24 13.53
N ASP E 243 -29.50 26.03 14.60
CA ASP E 243 -28.23 26.71 14.74
C ASP E 243 -27.37 26.44 13.50
N ILE E 244 -27.32 25.19 13.07
CA ILE E 244 -26.55 24.80 11.90
C ILE E 244 -27.13 25.41 10.63
N MET E 245 -28.45 25.35 10.48
CA MET E 245 -29.12 25.90 9.31
C MET E 245 -28.77 27.36 9.06
N PHE E 246 -29.32 28.23 9.89
CA PHE E 246 -29.07 29.67 9.74
C PHE E 246 -27.68 30.03 10.19
N GLY E 247 -26.77 29.05 10.21
CA GLY E 247 -25.41 29.30 10.64
C GLY E 247 -24.56 30.00 9.59
N SER E 248 -23.36 30.42 10.00
CA SER E 248 -22.43 31.10 9.11
C SER E 248 -22.10 30.21 7.93
N THR E 249 -22.37 28.92 8.10
CA THR E 249 -22.12 27.92 7.08
C THR E 249 -23.31 26.99 6.96
N GLY E 250 -24.03 27.09 5.85
CA GLY E 250 -25.21 26.26 5.63
C GLY E 250 -26.26 26.96 4.77
N SER E 251 -27.00 26.17 3.99
CA SER E 251 -28.03 26.73 3.12
C SER E 251 -29.35 26.85 3.86
N ALA E 252 -29.68 28.07 4.26
CA ALA E 252 -30.91 28.29 4.99
C ALA E 252 -31.09 29.78 5.29
N ASP E 253 -31.73 30.51 4.37
CA ASP E 253 -31.97 31.94 4.53
C ASP E 253 -33.02 32.14 5.61
N ILE E 254 -32.57 32.58 6.78
CA ILE E 254 -33.45 32.82 7.92
C ILE E 254 -34.63 33.72 7.57
N GLU E 255 -34.44 34.53 6.54
CA GLU E 255 -35.48 35.45 6.09
C GLU E 255 -36.60 34.67 5.40
N GLU E 256 -36.23 33.62 4.66
CA GLU E 256 -37.20 32.81 3.96
C GLU E 256 -38.10 32.02 4.90
N TRP E 257 -37.55 31.63 6.05
CA TRP E 257 -38.32 30.89 7.02
C TRP E 257 -39.20 31.78 7.85
N MET E 258 -38.76 33.01 8.07
CA MET E 258 -39.56 33.93 8.85
C MET E 258 -40.77 34.32 8.00
N ALA E 259 -40.63 34.10 6.69
CA ALA E 259 -41.70 34.41 5.74
C ALA E 259 -42.83 33.42 5.92
N GLY E 260 -42.45 32.17 6.19
CA GLY E 260 -43.42 31.12 6.36
C GLY E 260 -44.22 31.36 7.62
N VAL E 261 -43.54 31.89 8.63
CA VAL E 261 -44.19 32.20 9.88
C VAL E 261 -45.29 33.20 9.59
N ALA E 262 -44.92 34.24 8.88
CA ALA E 262 -45.89 35.27 8.55
C ALA E 262 -47.05 34.68 7.78
N TRP E 263 -46.82 33.56 7.11
CA TRP E 263 -47.86 32.94 6.33
C TRP E 263 -48.69 32.03 7.22
N LEU E 264 -48.00 31.22 8.02
CA LEU E 264 -48.66 30.32 8.94
C LEU E 264 -49.45 31.03 10.01
N HIS E 265 -49.18 32.31 10.24
CA HIS E 265 -49.89 33.01 11.29
C HIS E 265 -51.22 33.55 10.83
N CYS E 266 -51.49 33.42 9.54
CA CYS E 266 -52.74 33.88 8.97
C CYS E 266 -53.62 32.71 8.59
N LEU E 267 -53.18 31.50 8.90
CA LEU E 267 -53.93 30.30 8.58
C LEU E 267 -55.16 30.17 9.46
N LEU E 268 -55.06 30.67 10.68
CA LEU E 268 -56.15 30.62 11.64
C LEU E 268 -56.05 31.79 12.56
N PRO E 269 -57.18 32.15 13.16
CA PRO E 269 -57.22 33.27 14.09
C PRO E 269 -56.31 32.99 15.28
N LYS E 270 -55.42 33.92 15.59
CA LYS E 270 -54.56 33.77 16.76
C LYS E 270 -53.72 32.51 16.72
N MET E 271 -53.15 32.23 15.56
CA MET E 271 -52.33 31.05 15.38
C MET E 271 -51.35 30.75 16.50
N ASP E 272 -50.53 31.72 16.84
CA ASP E 272 -49.55 31.50 17.89
C ASP E 272 -50.17 30.94 19.16
N SER E 273 -51.36 31.40 19.51
CA SER E 273 -52.03 30.91 20.73
C SER E 273 -52.52 29.45 20.55
N VAL E 274 -53.14 29.16 19.42
CA VAL E 274 -53.62 27.81 19.08
C VAL E 274 -52.49 26.82 19.32
N VAL E 275 -51.36 27.02 18.65
CA VAL E 275 -50.22 26.12 18.82
C VAL E 275 -49.94 25.88 20.31
N TYR E 276 -49.93 26.96 21.09
CA TYR E 276 -49.68 26.89 22.53
C TYR E 276 -50.75 26.02 23.21
N ASP E 277 -52.01 26.30 22.92
CA ASP E 277 -53.08 25.51 23.49
C ASP E 277 -52.86 24.07 23.05
N PHE E 278 -52.59 23.88 21.75
CA PHE E 278 -52.34 22.54 21.21
C PHE E 278 -51.24 21.85 22.03
N LEU E 279 -50.05 22.44 22.02
CA LEU E 279 -48.94 21.89 22.77
C LEU E 279 -49.33 21.47 24.19
N LYS E 280 -50.06 22.33 24.89
CA LYS E 280 -50.47 21.96 26.25
C LYS E 280 -51.37 20.75 26.28
N CYS E 281 -52.27 20.63 25.31
CA CYS E 281 -53.17 19.48 25.28
C CYS E 281 -52.34 18.20 25.09
N MET E 282 -51.28 18.31 24.31
CA MET E 282 -50.40 17.19 24.03
C MET E 282 -49.48 16.86 25.22
N VAL E 283 -49.09 17.89 25.97
CA VAL E 283 -48.24 17.69 27.12
C VAL E 283 -49.03 17.10 28.27
N TYR E 284 -50.16 17.72 28.59
CA TYR E 284 -50.97 17.21 29.67
C TYR E 284 -51.53 15.84 29.36
N ASN E 285 -51.80 15.57 28.09
CA ASN E 285 -52.30 14.26 27.69
C ASN E 285 -53.38 13.72 28.64
N ILE E 286 -54.57 14.28 28.57
CA ILE E 286 -55.67 13.87 29.45
C ILE E 286 -56.62 12.86 28.79
N PRO E 287 -56.93 11.75 29.49
CA PRO E 287 -57.83 10.72 28.95
C PRO E 287 -59.15 11.28 28.40
N LYS E 288 -59.51 10.85 27.19
CA LYS E 288 -60.72 11.27 26.49
C LYS E 288 -60.73 12.76 26.14
N LYS E 289 -59.57 13.41 26.27
CA LYS E 289 -59.46 14.83 25.97
C LYS E 289 -58.08 15.16 25.37
N ARG E 290 -57.58 14.26 24.52
CA ARG E 290 -56.26 14.46 23.94
C ARG E 290 -56.19 14.45 22.41
N TYR E 291 -57.33 14.63 21.77
CA TYR E 291 -57.37 14.66 20.32
C TYR E 291 -58.11 15.87 19.77
N TRP E 292 -57.57 16.42 18.69
CA TRP E 292 -58.13 17.58 18.00
C TRP E 292 -58.53 17.11 16.62
N LEU E 293 -59.56 17.72 16.07
CA LEU E 293 -60.02 17.37 14.73
C LEU E 293 -59.86 18.57 13.80
N PHE E 294 -59.06 18.41 12.74
CA PHE E 294 -58.88 19.47 11.76
C PHE E 294 -59.78 19.08 10.61
N LYS E 295 -60.85 19.84 10.41
CA LYS E 295 -61.83 19.54 9.38
C LYS E 295 -61.89 20.62 8.31
N GLY E 296 -61.84 20.22 7.04
CA GLY E 296 -61.89 21.19 5.98
C GLY E 296 -61.63 20.66 4.59
N PRO E 297 -61.93 21.47 3.57
CA PRO E 297 -61.77 21.18 2.14
C PRO E 297 -60.35 20.85 1.72
N ILE E 298 -60.23 20.35 0.52
CA ILE E 298 -58.93 20.01 -0.02
C ILE E 298 -58.18 21.34 -0.18
N ASP E 299 -56.93 21.38 0.28
CA ASP E 299 -56.12 22.59 0.20
C ASP E 299 -56.65 23.74 1.03
N SER E 300 -56.85 23.46 2.32
CA SER E 300 -57.37 24.44 3.25
C SER E 300 -56.38 24.67 4.39
N GLY E 301 -55.26 23.95 4.37
CA GLY E 301 -54.27 24.11 5.44
C GLY E 301 -54.26 23.03 6.50
N LYS E 302 -55.38 22.34 6.70
CA LYS E 302 -55.49 21.28 7.69
C LYS E 302 -54.35 20.25 7.61
N THR E 303 -53.84 19.99 6.41
CA THR E 303 -52.74 19.05 6.24
C THR E 303 -51.42 19.72 6.54
N THR E 304 -51.19 20.90 5.99
CA THR E 304 -49.93 21.59 6.24
C THR E 304 -49.70 21.80 7.72
N LEU E 305 -50.67 22.39 8.40
CA LEU E 305 -50.49 22.62 9.82
C LEU E 305 -50.27 21.32 10.60
N ALA E 306 -51.06 20.29 10.31
CA ALA E 306 -50.92 19.02 11.01
C ALA E 306 -49.51 18.49 10.87
N ALA E 307 -48.95 18.61 9.68
CA ALA E 307 -47.60 18.15 9.44
C ALA E 307 -46.67 18.92 10.35
N ALA E 308 -46.70 20.24 10.23
CA ALA E 308 -45.87 21.14 11.03
C ALA E 308 -45.93 20.77 12.51
N LEU E 309 -47.13 20.77 13.06
CA LEU E 309 -47.31 20.41 14.44
C LEU E 309 -46.70 19.04 14.74
N LEU E 310 -46.82 18.15 13.77
CA LEU E 310 -46.31 16.80 13.91
C LEU E 310 -44.79 16.76 14.00
N GLU E 311 -44.13 17.68 13.30
CA GLU E 311 -42.69 17.74 13.35
C GLU E 311 -42.23 18.50 14.59
N LEU E 312 -43.04 19.47 15.01
CA LEU E 312 -42.72 20.27 16.18
C LEU E 312 -42.47 19.42 17.43
N CYS E 313 -43.47 18.67 17.88
CA CYS E 313 -43.29 17.82 19.06
C CYS E 313 -42.69 16.49 18.69
N GLY E 314 -42.61 16.21 17.41
CA GLY E 314 -42.07 14.93 16.96
C GLY E 314 -43.13 13.83 16.94
N GLY E 315 -43.06 12.95 15.95
CA GLY E 315 -44.05 11.89 15.89
C GLY E 315 -44.31 11.49 14.45
N LYS E 316 -45.27 10.61 14.24
CA LYS E 316 -45.59 10.15 12.90
C LYS E 316 -47.06 10.21 12.53
N ALA E 317 -47.35 10.17 11.25
CA ALA E 317 -48.73 10.20 10.77
C ALA E 317 -49.04 8.84 10.18
N LEU E 318 -50.28 8.42 10.34
CA LEU E 318 -50.69 7.13 9.81
C LEU E 318 -51.96 7.22 8.98
N ASN E 319 -52.11 6.26 8.08
CA ASN E 319 -53.25 6.20 7.21
C ASN E 319 -54.13 5.03 7.53
N VAL E 320 -55.25 5.30 8.20
CA VAL E 320 -56.19 4.25 8.57
C VAL E 320 -57.26 4.00 7.52
N ASN E 321 -56.96 4.36 6.28
CA ASN E 321 -57.91 4.12 5.23
C ASN E 321 -57.56 2.81 4.56
N LEU E 322 -57.70 1.72 5.30
CA LEU E 322 -57.39 0.40 4.74
C LEU E 322 -58.16 -0.72 5.43
N PRO E 323 -58.18 -1.92 4.85
CA PRO E 323 -58.90 -3.05 5.44
C PRO E 323 -58.41 -3.36 6.85
N LEU E 324 -59.35 -3.63 7.76
CA LEU E 324 -58.98 -3.92 9.14
C LEU E 324 -57.97 -5.06 9.27
N ASP E 325 -57.77 -5.79 8.19
CA ASP E 325 -56.81 -6.89 8.20
C ASP E 325 -55.43 -6.39 7.77
N ARG E 326 -55.17 -5.11 7.97
CA ARG E 326 -53.88 -4.50 7.65
C ARG E 326 -53.75 -3.20 8.41
N LEU E 327 -54.75 -2.93 9.25
CA LEU E 327 -54.83 -1.73 10.06
C LEU E 327 -53.96 -1.79 11.30
N ASN E 328 -53.54 -2.98 11.67
CA ASN E 328 -52.71 -3.14 12.84
C ASN E 328 -51.25 -2.81 12.62
N PHE E 329 -50.68 -3.28 11.51
CA PHE E 329 -49.27 -2.97 11.25
C PHE E 329 -49.06 -1.47 11.09
N GLU E 330 -50.10 -0.76 10.64
CA GLU E 330 -50.05 0.68 10.45
C GLU E 330 -50.17 1.38 11.81
N LEU E 331 -51.16 0.98 12.59
CA LEU E 331 -51.36 1.58 13.89
C LEU E 331 -50.07 1.48 14.71
N GLY E 332 -49.30 0.44 14.40
CA GLY E 332 -48.05 0.18 15.09
C GLY E 332 -46.92 1.19 14.92
N VAL E 333 -46.97 1.97 13.85
CA VAL E 333 -45.94 2.95 13.61
C VAL E 333 -45.99 3.98 14.74
N ALA E 334 -47.13 4.06 15.42
CA ALA E 334 -47.28 5.02 16.51
C ALA E 334 -46.37 4.77 17.73
N ILE E 335 -45.86 3.55 17.84
CA ILE E 335 -45.00 3.14 18.95
C ILE E 335 -43.89 4.12 19.34
N ASP E 336 -43.81 4.40 20.63
CA ASP E 336 -42.78 5.29 21.15
C ASP E 336 -42.85 6.68 20.56
N GLN E 337 -44.00 7.06 20.00
CA GLN E 337 -44.14 8.39 19.40
C GLN E 337 -44.79 9.40 20.33
N PHE E 338 -44.33 10.64 20.32
CA PHE E 338 -44.92 11.63 21.22
C PHE E 338 -46.39 11.86 20.91
N LEU E 339 -46.68 12.09 19.64
CA LEU E 339 -48.05 12.29 19.20
C LEU E 339 -48.27 11.66 17.83
N VAL E 340 -49.53 11.39 17.52
CA VAL E 340 -49.90 10.80 16.24
C VAL E 340 -50.79 11.77 15.48
N VAL E 341 -50.92 11.53 14.17
CA VAL E 341 -51.74 12.36 13.30
C VAL E 341 -52.42 11.44 12.30
N PHE E 342 -53.75 11.35 12.34
CA PHE E 342 -54.45 10.52 11.36
C PHE E 342 -54.69 11.44 10.13
N GLU E 343 -53.87 11.27 9.10
CA GLU E 343 -53.97 12.12 7.91
C GLU E 343 -54.95 11.69 6.85
N ASP E 344 -55.89 12.59 6.58
CA ASP E 344 -56.90 12.43 5.57
C ASP E 344 -57.82 11.24 5.80
N VAL E 345 -58.43 11.19 6.97
CA VAL E 345 -59.36 10.12 7.31
C VAL E 345 -60.57 10.20 6.38
N LYS E 346 -60.88 9.12 5.67
CA LYS E 346 -62.02 9.12 4.77
C LYS E 346 -63.26 8.49 5.36
N GLY E 347 -64.40 8.86 4.79
CA GLY E 347 -65.67 8.32 5.23
C GLY E 347 -66.40 7.69 4.05
N THR E 348 -67.39 6.86 4.35
CA THR E 348 -68.16 6.19 3.31
C THR E 348 -69.15 7.18 2.70
N GLY E 349 -70.34 6.73 2.40
CA GLY E 349 -71.50 7.40 1.78
C GLY E 349 -71.85 8.93 1.79
N GLY E 350 -71.47 9.73 2.77
CA GLY E 350 -71.92 11.09 3.13
C GLY E 350 -72.35 12.21 2.19
N GLU E 351 -72.02 13.38 2.72
CA GLU E 351 -72.22 14.72 2.16
C GLU E 351 -72.04 14.80 0.63
N SER E 352 -73.11 14.47 -0.08
CA SER E 352 -73.14 14.47 -1.54
C SER E 352 -72.00 13.65 -2.11
N ARG E 353 -71.47 14.09 -3.25
CA ARG E 353 -70.38 13.36 -3.88
C ARG E 353 -69.14 14.20 -4.04
N ASP E 354 -68.28 13.76 -4.94
CA ASP E 354 -67.03 14.45 -5.20
C ASP E 354 -66.10 14.20 -4.01
N LEU E 355 -66.58 13.45 -3.02
CA LEU E 355 -65.77 13.13 -1.85
C LEU E 355 -65.41 11.66 -1.85
N PRO E 356 -64.11 11.36 -1.83
CA PRO E 356 -63.63 9.99 -1.83
C PRO E 356 -64.22 9.18 -0.67
N SER E 357 -64.53 7.93 -0.94
CA SER E 357 -65.09 7.05 0.08
C SER E 357 -63.99 6.22 0.69
N GLY E 358 -64.14 5.88 1.97
CA GLY E 358 -63.13 5.09 2.65
C GLY E 358 -63.54 4.56 4.00
N GLN E 359 -62.67 3.77 4.62
CA GLN E 359 -62.98 3.19 5.92
C GLN E 359 -62.40 3.96 7.10
N GLY E 360 -61.46 4.85 6.81
CA GLY E 360 -60.82 5.65 7.84
C GLY E 360 -61.69 6.07 9.01
N ILE E 361 -62.88 6.61 8.75
CA ILE E 361 -63.76 7.04 9.84
C ILE E 361 -64.36 5.86 10.57
N ASN E 362 -64.73 4.83 9.81
CA ASN E 362 -65.31 3.63 10.40
C ASN E 362 -64.30 3.08 11.37
N ASN E 363 -63.10 2.84 10.87
CA ASN E 363 -62.05 2.31 11.71
C ASN E 363 -61.86 3.12 12.98
N LEU E 364 -61.70 4.44 12.86
CA LEU E 364 -61.51 5.26 14.05
C LEU E 364 -62.64 5.05 15.04
N ASP E 365 -63.87 4.87 14.56
CA ASP E 365 -64.99 4.65 15.45
C ASP E 365 -64.85 3.33 16.21
N ASN E 366 -63.89 2.50 15.80
CA ASN E 366 -63.63 1.22 16.46
C ASN E 366 -62.25 1.19 17.09
N LEU E 367 -61.80 2.35 17.53
CA LEU E 367 -60.51 2.52 18.14
C LEU E 367 -60.64 3.57 19.23
N ARG E 368 -61.79 3.59 19.91
CA ARG E 368 -62.03 4.58 20.98
C ARG E 368 -60.98 4.37 22.06
N ASP E 369 -60.71 3.10 22.35
CA ASP E 369 -59.73 2.72 23.34
C ASP E 369 -58.35 3.26 22.97
N TYR E 370 -58.16 3.55 21.67
CA TYR E 370 -56.88 4.11 21.18
C TYR E 370 -56.86 5.62 21.30
N LEU E 371 -58.04 6.23 21.21
CA LEU E 371 -58.14 7.68 21.30
C LEU E 371 -58.28 8.16 22.75
N ASP E 372 -59.14 7.50 23.53
CA ASP E 372 -59.37 7.88 24.92
C ASP E 372 -58.10 7.90 25.74
N GLY E 373 -57.26 6.89 25.54
CA GLY E 373 -56.00 6.81 26.25
C GLY E 373 -56.22 6.58 27.73
N SER E 374 -57.15 5.68 28.03
CA SER E 374 -57.46 5.36 29.43
C SER E 374 -56.75 4.04 29.74
N VAL E 375 -56.86 3.11 28.80
CA VAL E 375 -56.27 1.79 28.92
C VAL E 375 -55.20 1.65 27.85
N LYS E 376 -54.16 0.88 28.13
CA LYS E 376 -53.11 0.69 27.14
C LYS E 376 -53.56 -0.24 26.02
N VAL E 377 -52.80 -0.28 24.93
CA VAL E 377 -53.12 -1.14 23.80
C VAL E 377 -51.87 -1.89 23.38
N ASN E 378 -52.06 -2.87 22.50
CA ASN E 378 -50.94 -3.67 22.02
C ASN E 378 -50.53 -3.34 20.61
N LEU E 379 -49.63 -2.37 20.48
CA LEU E 379 -49.13 -1.96 19.18
C LEU E 379 -48.11 -3.01 18.74
N GLU E 380 -48.20 -3.46 17.48
CA GLU E 380 -47.26 -4.49 17.02
C GLU E 380 -46.41 -4.18 15.77
N LYS E 381 -45.31 -4.90 15.64
CA LYS E 381 -44.42 -4.76 14.50
C LYS E 381 -44.15 -6.15 13.96
N LYS E 382 -43.57 -6.25 12.76
CA LYS E 382 -43.29 -7.57 12.18
C LYS E 382 -42.18 -8.31 12.93
N HIS E 383 -42.38 -9.62 13.10
CA HIS E 383 -41.41 -10.48 13.78
C HIS E 383 -40.98 -10.03 15.14
N LEU E 384 -41.75 -9.12 15.71
CA LEU E 384 -41.42 -8.56 17.02
C LEU E 384 -42.49 -8.86 18.05
N ASN E 385 -42.30 -8.31 19.23
CA ASN E 385 -43.23 -8.51 20.33
C ASN E 385 -44.26 -7.42 20.48
N LYS E 386 -45.52 -7.83 20.63
CA LYS E 386 -46.63 -6.91 20.82
C LYS E 386 -46.29 -5.93 21.94
N ARG E 387 -45.81 -4.74 21.58
CA ARG E 387 -45.44 -3.73 22.57
C ARG E 387 -46.71 -3.06 23.10
N THR E 388 -46.85 -3.05 24.42
CA THR E 388 -48.04 -2.44 25.00
C THR E 388 -47.75 -1.07 25.58
N GLN E 389 -48.65 -0.13 25.36
CA GLN E 389 -48.50 1.24 25.82
C GLN E 389 -49.76 2.04 25.56
N ILE E 390 -49.84 3.24 26.14
CA ILE E 390 -50.99 4.09 25.92
C ILE E 390 -50.83 4.70 24.54
N PHE E 391 -51.87 4.62 23.70
CA PHE E 391 -51.74 5.17 22.37
C PHE E 391 -51.49 6.67 22.52
N PRO E 392 -50.55 7.21 21.73
CA PRO E 392 -50.22 8.65 21.82
C PRO E 392 -51.42 9.50 21.39
N PRO E 393 -51.43 10.77 21.81
CA PRO E 393 -52.53 11.67 21.46
C PRO E 393 -52.26 12.22 20.06
N GLY E 394 -53.06 13.19 19.63
CA GLY E 394 -52.81 13.70 18.30
C GLY E 394 -53.92 14.50 17.68
N ILE E 395 -53.89 14.52 16.36
CA ILE E 395 -54.85 15.25 15.57
C ILE E 395 -55.39 14.31 14.50
N VAL E 396 -56.57 14.62 14.00
CA VAL E 396 -57.20 13.85 12.95
C VAL E 396 -57.68 14.90 11.93
N THR E 397 -57.21 14.75 10.69
CA THR E 397 -57.60 15.68 9.64
C THR E 397 -58.52 14.94 8.69
N MET E 398 -59.61 15.59 8.31
CA MET E 398 -60.56 14.97 7.42
C MET E 398 -61.32 16.03 6.64
N ASN E 399 -61.92 15.62 5.53
CA ASN E 399 -62.69 16.53 4.72
C ASN E 399 -64.09 16.59 5.33
N GLU E 400 -64.99 17.26 4.64
CA GLU E 400 -66.34 17.42 5.16
C GLU E 400 -67.25 16.20 5.17
N TYR E 401 -66.83 15.17 5.89
CA TYR E 401 -67.62 13.94 6.00
C TYR E 401 -68.45 14.00 7.28
N SER E 402 -69.39 13.08 7.40
CA SER E 402 -70.23 13.03 8.59
C SER E 402 -69.52 12.20 9.65
N VAL E 403 -69.25 12.81 10.79
CA VAL E 403 -68.58 12.12 11.87
C VAL E 403 -69.59 11.57 12.86
N PRO E 404 -69.57 10.24 13.10
CA PRO E 404 -70.48 9.57 14.02
C PRO E 404 -70.42 10.26 15.38
N LYS E 405 -71.54 10.31 16.08
CA LYS E 405 -71.57 10.96 17.39
C LYS E 405 -70.52 10.36 18.33
N THR E 406 -70.40 9.02 18.31
CA THR E 406 -69.42 8.35 19.15
C THR E 406 -68.02 8.84 18.87
N LEU E 407 -67.67 8.97 17.60
CA LEU E 407 -66.34 9.44 17.25
C LEU E 407 -66.17 10.87 17.73
N GLN E 408 -67.09 11.73 17.31
CA GLN E 408 -67.01 13.15 17.67
C GLN E 408 -66.60 13.36 19.11
N ALA E 409 -67.33 12.73 20.04
CA ALA E 409 -67.06 12.84 21.48
C ALA E 409 -65.58 12.71 21.84
N ARG E 410 -64.85 11.92 21.08
CA ARG E 410 -63.43 11.73 21.32
C ARG E 410 -62.60 12.92 20.83
N PHE E 411 -63.24 13.98 20.34
CA PHE E 411 -62.47 15.12 19.87
C PHE E 411 -62.68 16.34 20.75
N VAL E 412 -61.85 16.45 21.79
CA VAL E 412 -61.95 17.58 22.71
C VAL E 412 -62.12 18.90 22.03
N LYS E 413 -61.59 19.02 20.81
CA LYS E 413 -61.67 20.29 20.07
C LYS E 413 -61.70 20.08 18.58
N GLN E 414 -62.42 20.93 17.86
CA GLN E 414 -62.49 20.79 16.40
C GLN E 414 -62.22 22.13 15.77
N ILE E 415 -61.36 22.16 14.75
CA ILE E 415 -61.01 23.39 14.05
C ILE E 415 -61.40 23.26 12.60
N ASP E 416 -62.11 24.24 12.09
CA ASP E 416 -62.56 24.17 10.71
C ASP E 416 -61.74 25.08 9.83
N PHE E 417 -60.99 24.50 8.90
CA PHE E 417 -60.17 25.31 8.03
C PHE E 417 -60.94 25.80 6.81
N ARG E 418 -61.02 27.11 6.62
CA ARG E 418 -61.74 27.63 5.46
C ARG E 418 -60.76 28.29 4.50
N PRO E 419 -60.75 27.82 3.24
CA PRO E 419 -59.86 28.36 2.22
C PRO E 419 -59.85 29.86 2.15
N LYS E 420 -58.66 30.45 2.11
CA LYS E 420 -58.51 31.90 2.01
C LYS E 420 -57.70 32.21 0.74
N ASP E 421 -58.32 32.93 -0.17
CA ASP E 421 -57.68 33.27 -1.44
C ASP E 421 -56.44 34.13 -1.21
N TYR E 422 -56.51 35.05 -0.27
CA TYR E 422 -55.38 35.91 -0.03
C TYR E 422 -54.18 35.14 0.47
N LEU E 423 -54.40 33.87 0.80
CA LEU E 423 -53.33 33.02 1.30
C LEU E 423 -52.84 32.18 0.13
N LYS E 424 -53.79 31.67 -0.63
CA LYS E 424 -53.51 30.85 -1.79
C LYS E 424 -52.70 31.67 -2.79
N HIS E 425 -53.13 32.90 -3.04
CA HIS E 425 -52.44 33.77 -3.99
C HIS E 425 -51.06 34.12 -3.49
N CYS E 426 -50.95 34.42 -2.20
CA CYS E 426 -49.65 34.77 -1.65
C CYS E 426 -48.65 33.67 -1.94
N LEU E 427 -49.10 32.43 -1.85
CA LEU E 427 -48.24 31.29 -2.07
C LEU E 427 -47.83 31.18 -3.53
N GLU E 428 -48.78 31.38 -4.45
CA GLU E 428 -48.49 31.29 -5.88
C GLU E 428 -47.30 32.18 -6.27
N ARG E 429 -46.89 33.03 -5.36
CA ARG E 429 -45.76 33.92 -5.59
C ARG E 429 -44.78 33.81 -4.43
N SER E 430 -44.46 32.57 -4.09
CA SER E 430 -43.55 32.29 -2.99
C SER E 430 -43.10 30.83 -3.07
N GLU E 431 -42.88 30.37 -4.31
CA GLU E 431 -42.45 29.01 -4.64
C GLU E 431 -41.53 28.38 -3.59
N PHE E 432 -40.59 29.18 -3.08
CA PHE E 432 -39.64 28.69 -2.11
C PHE E 432 -40.28 28.13 -0.85
N LEU E 433 -41.45 28.64 -0.49
CA LEU E 433 -42.14 28.17 0.72
C LEU E 433 -42.63 26.73 0.56
N LEU E 434 -42.86 26.31 -0.67
CA LEU E 434 -43.29 24.95 -0.96
C LEU E 434 -42.10 24.14 -1.41
N GLU E 435 -41.13 24.82 -2.00
CA GLU E 435 -39.90 24.18 -2.48
C GLU E 435 -39.10 23.67 -1.29
N LYS E 436 -38.71 24.59 -0.42
CA LYS E 436 -37.95 24.25 0.78
C LYS E 436 -38.81 23.63 1.88
N ARG E 437 -40.07 23.35 1.54
CA ARG E 437 -41.01 22.77 2.49
C ARG E 437 -40.89 23.43 3.86
N ILE E 438 -41.21 24.72 3.92
CA ILE E 438 -41.14 25.51 5.13
C ILE E 438 -42.47 25.63 5.85
N ILE E 439 -43.57 25.70 5.11
CA ILE E 439 -44.86 25.84 5.78
C ILE E 439 -45.30 24.54 6.47
N GLN E 440 -44.74 23.41 6.06
CA GLN E 440 -45.12 22.15 6.70
C GLN E 440 -44.08 21.72 7.72
N SER E 441 -43.12 22.62 7.97
CA SER E 441 -42.04 22.34 8.90
C SER E 441 -42.30 22.82 10.32
N GLY E 442 -41.88 22.01 11.29
CA GLY E 442 -42.06 22.37 12.68
C GLY E 442 -41.11 23.50 13.09
N ILE E 443 -39.95 23.53 12.44
CA ILE E 443 -38.98 24.57 12.74
C ILE E 443 -39.69 25.88 12.48
N ALA E 444 -40.50 25.91 11.44
CA ALA E 444 -41.23 27.12 11.11
C ALA E 444 -42.15 27.47 12.27
N LEU E 445 -42.80 26.46 12.85
CA LEU E 445 -43.68 26.74 13.95
C LEU E 445 -42.89 27.16 15.18
N LEU E 446 -41.81 26.43 15.49
CA LEU E 446 -40.99 26.78 16.65
C LEU E 446 -40.57 28.25 16.59
N LEU E 447 -40.12 28.70 15.42
CA LEU E 447 -39.72 30.10 15.28
C LEU E 447 -40.89 30.94 15.74
N MET E 448 -42.07 30.63 15.21
CA MET E 448 -43.27 31.36 15.55
C MET E 448 -43.41 31.50 17.07
N LEU E 449 -43.24 30.41 17.80
CA LEU E 449 -43.34 30.48 19.25
C LEU E 449 -42.31 31.51 19.75
N ILE E 450 -41.06 31.33 19.36
CA ILE E 450 -39.99 32.23 19.76
C ILE E 450 -40.34 33.69 19.43
N TRP E 451 -41.13 33.90 18.39
CA TRP E 451 -41.47 35.25 18.03
C TRP E 451 -42.73 35.81 18.69
N TYR E 452 -43.60 34.96 19.23
CA TYR E 452 -44.84 35.45 19.83
C TYR E 452 -45.07 35.14 21.30
N ARG E 453 -44.60 33.98 21.72
CA ARG E 453 -44.79 33.56 23.10
C ARG E 453 -43.75 34.18 24.00
N PRO E 454 -44.18 34.62 25.19
CA PRO E 454 -43.27 35.24 26.16
C PRO E 454 -42.25 34.23 26.66
N VAL E 455 -41.05 34.74 26.94
CA VAL E 455 -39.97 33.90 27.43
C VAL E 455 -40.42 33.01 28.58
N ALA E 456 -41.26 33.55 29.45
CA ALA E 456 -41.73 32.83 30.63
C ALA E 456 -42.42 31.51 30.36
N GLU E 457 -43.03 31.37 29.17
CA GLU E 457 -43.74 30.14 28.83
C GLU E 457 -42.82 28.93 28.64
N PHE E 458 -41.88 29.02 27.71
CA PHE E 458 -40.98 27.89 27.46
C PHE E 458 -40.39 27.39 28.76
N ALA E 459 -39.96 26.13 28.77
CA ALA E 459 -39.36 25.52 29.94
C ALA E 459 -38.15 26.33 30.42
N GLN E 460 -38.01 26.48 31.72
CA GLN E 460 -36.90 27.23 32.30
C GLN E 460 -35.54 26.72 31.80
N SER E 461 -35.39 25.40 31.76
CA SER E 461 -34.15 24.77 31.33
C SER E 461 -33.57 25.33 30.03
N ILE E 462 -34.43 25.70 29.08
CA ILE E 462 -33.94 26.25 27.82
C ILE E 462 -34.36 27.69 27.53
N GLN E 463 -34.85 28.39 28.55
CA GLN E 463 -35.27 29.78 28.37
C GLN E 463 -34.06 30.60 27.95
N SER E 464 -32.89 30.12 28.35
CA SER E 464 -31.63 30.77 28.01
C SER E 464 -31.56 30.93 26.49
N ARG E 465 -31.70 29.81 25.79
CA ARG E 465 -31.65 29.76 24.33
C ARG E 465 -32.76 30.59 23.70
N ILE E 466 -33.96 30.45 24.25
CA ILE E 466 -35.10 31.19 23.75
C ILE E 466 -34.84 32.69 23.75
N VAL E 467 -34.21 33.17 24.81
CA VAL E 467 -33.90 34.59 24.90
C VAL E 467 -32.88 35.00 23.83
N GLU E 468 -31.78 34.25 23.75
CA GLU E 468 -30.74 34.54 22.79
C GLU E 468 -31.28 34.44 21.37
N TRP E 469 -32.19 33.51 21.14
CA TRP E 469 -32.78 33.33 19.82
C TRP E 469 -33.75 34.47 19.55
N LYS E 470 -34.53 34.81 20.56
CA LYS E 470 -35.48 35.89 20.41
C LYS E 470 -34.73 37.15 19.99
N GLU E 471 -33.64 37.47 20.70
CA GLU E 471 -32.83 38.64 20.39
C GLU E 471 -32.24 38.57 18.98
N ARG E 472 -31.96 37.35 18.53
CA ARG E 472 -31.42 37.14 17.19
C ARG E 472 -32.41 37.65 16.13
N LEU E 473 -33.67 37.30 16.31
CA LEU E 473 -34.71 37.70 15.37
C LEU E 473 -34.98 39.21 15.41
N ASP E 474 -34.83 39.80 16.59
CA ASP E 474 -35.06 41.23 16.80
C ASP E 474 -34.18 42.13 15.95
N LYS E 475 -32.89 41.84 15.91
CA LYS E 475 -31.96 42.64 15.13
C LYS E 475 -32.18 42.39 13.64
N GLU E 476 -32.39 41.13 13.28
CA GLU E 476 -32.61 40.71 11.90
C GLU E 476 -33.90 41.28 11.28
N PHE E 477 -35.02 41.10 11.98
CA PHE E 477 -36.30 41.60 11.50
C PHE E 477 -36.85 42.63 12.47
N SER E 478 -36.84 43.90 12.05
CA SER E 478 -37.37 44.97 12.89
C SER E 478 -38.88 44.85 12.86
N LEU E 479 -39.56 45.64 13.68
CA LEU E 479 -41.00 45.59 13.69
C LEU E 479 -41.52 46.14 12.35
N SER E 480 -40.60 46.39 11.42
CA SER E 480 -40.96 46.90 10.10
C SER E 480 -40.81 45.85 9.01
N VAL E 481 -39.64 45.22 8.97
CA VAL E 481 -39.34 44.18 7.99
C VAL E 481 -40.35 43.05 7.99
N TYR E 482 -40.70 42.61 9.20
CA TYR E 482 -41.66 41.52 9.39
C TYR E 482 -43.07 41.97 9.06
N GLN E 483 -43.41 43.17 9.52
CA GLN E 483 -44.73 43.73 9.28
C GLN E 483 -44.96 43.81 7.78
N LYS E 484 -43.88 43.96 7.02
CA LYS E 484 -44.00 44.04 5.57
C LYS E 484 -44.41 42.68 5.03
N MET E 485 -43.91 41.63 5.65
CA MET E 485 -44.24 40.28 5.22
C MET E 485 -45.71 40.02 5.49
N LYS E 486 -46.17 40.28 6.70
CA LYS E 486 -47.57 40.05 7.03
C LYS E 486 -48.50 40.82 6.08
N PHE E 487 -48.11 42.05 5.74
CA PHE E 487 -48.89 42.90 4.84
C PHE E 487 -49.05 42.26 3.48
N ASN E 488 -47.91 41.93 2.86
CA ASN E 488 -47.89 41.30 1.54
C ASN E 488 -48.73 40.02 1.54
N VAL E 489 -48.59 39.22 2.61
CA VAL E 489 -49.33 37.97 2.74
C VAL E 489 -50.80 38.26 2.87
N ALA E 490 -51.13 39.31 3.61
CA ALA E 490 -52.53 39.68 3.79
C ALA E 490 -53.10 40.22 2.49
N MET E 491 -52.24 40.77 1.65
CA MET E 491 -52.67 41.35 0.38
C MET E 491 -52.53 40.34 -0.76
N GLY E 492 -51.90 39.20 -0.46
CA GLY E 492 -51.73 38.17 -1.47
C GLY E 492 -50.82 38.59 -2.59
N ILE E 493 -49.57 38.90 -2.24
CA ILE E 493 -48.59 39.33 -3.22
C ILE E 493 -47.43 38.36 -3.22
N GLY E 494 -46.56 38.51 -2.23
CA GLY E 494 -45.41 37.66 -2.11
C GLY E 494 -44.82 37.95 -0.76
N VAL E 495 -44.72 36.93 0.08
CA VAL E 495 -44.20 37.10 1.42
C VAL E 495 -43.02 38.06 1.50
N LEU E 496 -42.10 37.95 0.55
CA LEU E 496 -40.92 38.81 0.54
C LEU E 496 -41.19 40.10 -0.22
N ASP E 497 -41.67 39.99 -1.44
CA ASP E 497 -42.00 41.15 -2.26
C ASP E 497 -42.50 40.74 -3.65
N LYS F 1 -18.81 -54.39 37.54
CA LYS F 1 -19.45 -54.90 36.30
C LYS F 1 -20.77 -54.17 36.08
N VAL F 2 -21.46 -53.91 37.17
CA VAL F 2 -22.75 -53.22 37.14
C VAL F 2 -22.54 -51.70 37.08
N GLU F 3 -21.38 -51.27 37.58
CA GLU F 3 -21.02 -49.85 37.63
C GLU F 3 -21.15 -49.14 36.29
N ASP F 4 -20.58 -49.71 35.24
CA ASP F 4 -20.63 -49.06 33.94
C ASP F 4 -20.11 -47.65 34.23
N PRO F 5 -18.79 -47.52 34.43
CA PRO F 5 -18.05 -46.30 34.73
C PRO F 5 -18.76 -44.97 34.61
N LYS F 6 -18.94 -44.30 35.74
CA LYS F 6 -19.58 -42.99 35.78
C LYS F 6 -18.53 -41.92 35.50
N ASP F 7 -17.26 -42.32 35.52
CA ASP F 7 -16.16 -41.40 35.25
C ASP F 7 -14.93 -42.20 34.87
N PHE F 8 -13.89 -41.51 34.41
CA PHE F 8 -12.66 -42.18 34.03
C PHE F 8 -12.04 -42.91 35.21
N PRO F 9 -11.14 -43.87 34.92
CA PRO F 9 -10.47 -44.63 35.97
C PRO F 9 -9.64 -43.72 36.88
N SER F 10 -9.85 -43.84 38.18
CA SER F 10 -9.15 -43.03 39.18
C SER F 10 -7.68 -42.66 38.95
N GLU F 11 -6.85 -43.62 38.55
CA GLU F 11 -5.43 -43.37 38.33
C GLU F 11 -5.13 -42.47 37.13
N LEU F 12 -6.17 -42.00 36.47
CA LEU F 12 -6.01 -41.13 35.30
C LEU F 12 -6.55 -39.74 35.58
N LEU F 13 -7.53 -39.67 36.47
CA LEU F 13 -8.18 -38.42 36.85
C LEU F 13 -7.19 -37.31 37.12
N SER F 14 -5.97 -37.71 37.47
CA SER F 14 -4.92 -36.74 37.75
C SER F 14 -4.53 -35.89 36.54
N PHE F 15 -4.74 -36.39 35.32
CA PHE F 15 -4.36 -35.61 34.13
C PHE F 15 -5.55 -35.09 33.34
N LEU F 16 -6.70 -35.07 34.00
CA LEU F 16 -7.91 -34.63 33.33
C LEU F 16 -8.57 -33.41 33.95
N SER F 17 -9.09 -32.55 33.09
CA SER F 17 -9.79 -31.36 33.51
C SER F 17 -11.22 -31.80 33.81
N HIS F 18 -11.66 -31.63 35.05
CA HIS F 18 -13.00 -32.06 35.46
C HIS F 18 -14.10 -31.02 35.38
N ALA F 19 -14.03 -30.13 34.39
CA ALA F 19 -15.05 -29.12 34.26
C ALA F 19 -15.59 -29.14 32.83
N VAL F 20 -16.00 -30.33 32.38
CA VAL F 20 -16.54 -30.55 31.03
C VAL F 20 -17.45 -29.43 30.52
N PHE F 21 -18.13 -28.77 31.47
CA PHE F 21 -19.05 -27.69 31.18
C PHE F 21 -18.36 -26.35 31.35
N SER F 22 -17.70 -25.88 30.30
CA SER F 22 -16.97 -24.61 30.34
C SER F 22 -16.69 -24.06 28.94
N ASN F 23 -16.10 -22.88 28.89
CA ASN F 23 -15.80 -22.29 27.60
C ASN F 23 -14.42 -22.64 27.10
N ARG F 24 -13.67 -23.38 27.91
CA ARG F 24 -12.31 -23.77 27.55
C ARG F 24 -12.20 -24.51 26.23
N THR F 25 -11.14 -24.22 25.48
CA THR F 25 -10.94 -24.93 24.22
C THR F 25 -9.52 -25.51 24.23
N LEU F 26 -9.37 -26.80 23.96
CA LEU F 26 -8.03 -27.42 23.93
C LEU F 26 -7.82 -28.30 22.72
N ALA F 27 -6.67 -28.97 22.66
CA ALA F 27 -6.39 -29.85 21.55
C ALA F 27 -6.03 -31.27 21.96
N CYS F 28 -6.35 -31.65 23.19
CA CYS F 28 -6.10 -33.01 23.66
C CYS F 28 -7.35 -33.49 24.42
N PHE F 29 -8.00 -34.54 23.90
CA PHE F 29 -9.23 -35.06 24.53
C PHE F 29 -9.21 -36.55 24.77
N ALA F 30 -10.09 -37.02 25.66
CA ALA F 30 -10.18 -38.45 25.94
C ALA F 30 -11.65 -38.90 26.03
N ILE F 31 -11.97 -40.05 25.46
CA ILE F 31 -13.33 -40.52 25.51
C ILE F 31 -13.35 -41.91 26.14
N TYR F 32 -14.29 -42.13 27.06
CA TYR F 32 -14.40 -43.41 27.75
C TYR F 32 -15.70 -44.08 27.39
N THR F 33 -15.65 -45.15 26.60
CA THR F 33 -16.86 -45.84 26.21
C THR F 33 -16.60 -47.35 26.08
N THR F 34 -17.43 -48.05 25.31
CA THR F 34 -17.26 -49.50 25.12
C THR F 34 -16.33 -49.77 23.95
N LYS F 35 -15.95 -51.04 23.80
CA LYS F 35 -15.04 -51.46 22.73
C LYS F 35 -15.55 -51.10 21.34
N GLU F 36 -16.75 -51.58 21.00
CA GLU F 36 -17.34 -51.35 19.67
C GLU F 36 -17.42 -49.88 19.31
N LYS F 37 -17.90 -49.07 20.25
CA LYS F 37 -18.06 -47.65 20.03
C LYS F 37 -16.71 -46.97 19.82
N ALA F 38 -15.75 -47.26 20.69
CA ALA F 38 -14.44 -46.66 20.56
C ALA F 38 -13.88 -46.95 19.17
N ALA F 39 -14.06 -48.20 18.74
CA ALA F 39 -13.57 -48.62 17.45
C ALA F 39 -14.25 -47.80 16.36
N LEU F 40 -15.54 -47.57 16.49
CA LEU F 40 -16.28 -46.78 15.51
C LEU F 40 -15.86 -45.33 15.59
N LEU F 41 -15.70 -44.83 16.82
CA LEU F 41 -15.29 -43.44 17.02
C LEU F 41 -13.86 -43.18 16.54
N TYR F 42 -13.00 -44.19 16.68
CA TYR F 42 -11.62 -44.06 16.25
C TYR F 42 -11.56 -43.55 14.81
N LYS F 43 -12.44 -44.07 13.96
CA LYS F 43 -12.45 -43.67 12.55
C LYS F 43 -13.15 -42.33 12.33
N LYS F 44 -14.30 -42.15 12.98
CA LYS F 44 -15.11 -40.95 12.84
C LYS F 44 -14.51 -39.71 13.50
N ILE F 45 -13.69 -39.91 14.51
CA ILE F 45 -13.05 -38.78 15.19
C ILE F 45 -11.84 -38.36 14.36
N MET F 46 -11.17 -39.35 13.78
CA MET F 46 -9.99 -39.10 12.96
C MET F 46 -10.34 -38.23 11.76
N GLU F 47 -11.48 -38.52 11.15
CA GLU F 47 -11.95 -37.76 9.99
C GLU F 47 -12.45 -36.38 10.38
N LYS F 48 -13.49 -36.38 11.20
CA LYS F 48 -14.11 -35.15 11.66
C LYS F 48 -13.13 -34.06 12.04
N TYR F 49 -12.11 -34.41 12.81
CA TYR F 49 -11.15 -33.40 13.26
C TYR F 49 -9.74 -33.51 12.71
N SER F 50 -9.54 -34.42 11.73
CA SER F 50 -8.22 -34.56 11.07
C SER F 50 -7.17 -34.46 12.14
N VAL F 51 -7.37 -35.29 13.15
CA VAL F 51 -6.47 -35.36 14.29
C VAL F 51 -5.01 -35.48 13.89
N THR F 52 -4.12 -34.98 14.74
CA THR F 52 -2.68 -35.08 14.49
C THR F 52 -2.23 -36.46 14.92
N PHE F 53 -2.91 -37.02 15.91
CA PHE F 53 -2.61 -38.34 16.44
C PHE F 53 -3.81 -38.85 17.26
N ILE F 54 -4.06 -40.15 17.18
CA ILE F 54 -5.16 -40.76 17.92
C ILE F 54 -4.81 -42.19 18.25
N SER F 55 -5.27 -42.68 19.40
CA SER F 55 -5.01 -44.06 19.83
C SER F 55 -6.13 -44.62 20.70
N ARG F 56 -6.38 -45.93 20.62
CA ARG F 56 -7.42 -46.59 21.42
C ARG F 56 -6.76 -47.50 22.45
N HIS F 57 -7.28 -47.50 23.67
CA HIS F 57 -6.69 -48.31 24.71
C HIS F 57 -7.71 -49.16 25.46
N ASN F 58 -7.21 -50.09 26.28
CA ASN F 58 -8.05 -50.96 27.09
C ASN F 58 -8.16 -50.42 28.50
N SER F 59 -9.37 -50.34 29.01
CA SER F 59 -9.55 -49.82 30.36
C SER F 59 -10.65 -50.54 31.11
N TYR F 60 -10.31 -51.66 31.73
CA TYR F 60 -11.28 -52.42 32.50
C TYR F 60 -12.48 -52.85 31.67
N ASN F 61 -12.26 -53.79 30.76
CA ASN F 61 -13.35 -54.32 29.94
C ASN F 61 -13.85 -53.35 28.86
N HIS F 62 -13.48 -52.08 29.01
CA HIS F 62 -13.90 -51.06 28.06
C HIS F 62 -12.72 -50.40 27.36
N ASN F 63 -13.02 -49.48 26.46
CA ASN F 63 -11.99 -48.76 25.70
C ASN F 63 -11.84 -47.31 26.10
N ILE F 64 -10.77 -46.70 25.62
CA ILE F 64 -10.48 -45.31 25.88
C ILE F 64 -9.82 -44.71 24.66
N LEU F 65 -10.38 -43.61 24.16
CA LEU F 65 -9.84 -42.92 22.99
C LEU F 65 -9.11 -41.68 23.44
N PHE F 66 -7.86 -41.58 23.00
CA PHE F 66 -6.98 -40.47 23.30
C PHE F 66 -6.62 -39.89 21.93
N PHE F 67 -6.71 -38.58 21.78
CA PHE F 67 -6.38 -37.99 20.49
C PHE F 67 -6.07 -36.51 20.58
N LEU F 68 -5.22 -36.08 19.66
CA LEU F 68 -4.78 -34.70 19.56
C LEU F 68 -5.34 -34.08 18.30
N THR F 69 -5.88 -32.87 18.44
CA THR F 69 -6.48 -32.16 17.32
C THR F 69 -5.63 -30.97 16.89
N PRO F 70 -5.48 -30.76 15.57
CA PRO F 70 -4.68 -29.64 15.08
C PRO F 70 -5.21 -28.27 15.50
N HIS F 71 -6.43 -28.25 16.02
CA HIS F 71 -7.06 -27.00 16.46
C HIS F 71 -7.92 -27.24 17.70
N ARG F 72 -8.10 -26.21 18.51
CA ARG F 72 -8.87 -26.28 19.75
C ARG F 72 -10.39 -26.44 19.62
N HIS F 73 -11.00 -27.11 20.61
CA HIS F 73 -12.43 -27.37 20.68
C HIS F 73 -12.85 -27.47 22.16
N ARG F 74 -14.09 -27.08 22.49
CA ARG F 74 -14.55 -27.21 23.86
C ARG F 74 -14.87 -28.68 24.03
N VAL F 75 -14.60 -29.21 25.21
CA VAL F 75 -14.89 -30.62 25.45
C VAL F 75 -16.34 -30.90 25.07
N SER F 76 -17.23 -29.99 25.46
CA SER F 76 -18.65 -30.14 25.15
C SER F 76 -18.88 -30.35 23.65
N ALA F 77 -18.20 -29.58 22.83
CA ALA F 77 -18.36 -29.72 21.38
C ALA F 77 -17.99 -31.12 20.94
N ILE F 78 -16.90 -31.65 21.48
CA ILE F 78 -16.47 -32.98 21.09
C ILE F 78 -17.56 -33.93 21.49
N ASN F 79 -17.92 -33.88 22.78
CA ASN F 79 -18.99 -34.73 23.29
C ASN F 79 -20.28 -34.64 22.46
N ASN F 80 -20.70 -33.41 22.12
CA ASN F 80 -21.91 -33.23 21.33
C ASN F 80 -21.79 -33.92 19.97
N TYR F 81 -20.61 -33.87 19.36
CA TYR F 81 -20.45 -34.50 18.07
C TYR F 81 -20.61 -36.01 18.18
N ALA F 82 -19.85 -36.61 19.07
CA ALA F 82 -19.88 -38.05 19.25
C ALA F 82 -21.31 -38.52 19.48
N GLN F 83 -22.07 -37.76 20.26
CA GLN F 83 -23.45 -38.10 20.57
C GLN F 83 -24.29 -38.34 19.31
N LYS F 84 -24.44 -37.30 18.49
CA LYS F 84 -25.24 -37.38 17.26
C LYS F 84 -24.72 -38.37 16.24
N LEU F 85 -23.60 -39.00 16.56
CA LEU F 85 -22.97 -39.95 15.67
C LEU F 85 -23.63 -41.32 15.71
N CYS F 86 -23.62 -41.90 16.89
CA CYS F 86 -24.15 -43.22 17.12
C CYS F 86 -24.86 -43.22 18.48
N THR F 87 -25.37 -44.39 18.90
CA THR F 87 -26.05 -44.54 20.19
C THR F 87 -25.01 -45.04 21.21
N PHE F 88 -25.22 -44.75 22.49
CA PHE F 88 -24.26 -45.21 23.49
C PHE F 88 -24.95 -45.79 24.71
N SER F 89 -24.23 -46.61 25.46
CA SER F 89 -24.77 -47.20 26.68
C SER F 89 -24.14 -46.45 27.82
N PHE F 90 -23.03 -45.81 27.51
CA PHE F 90 -22.31 -45.01 28.48
C PHE F 90 -21.22 -44.27 27.71
N LEU F 91 -21.01 -43.01 28.07
CA LEU F 91 -20.01 -42.21 27.37
C LEU F 91 -19.45 -41.12 28.28
N ILE F 92 -18.13 -40.99 28.28
CA ILE F 92 -17.47 -39.98 29.09
C ILE F 92 -16.37 -39.25 28.32
N CYS F 93 -16.54 -37.92 28.21
CA CYS F 93 -15.58 -37.08 27.50
C CYS F 93 -14.94 -36.09 28.41
N LYS F 94 -13.61 -36.04 28.39
CA LYS F 94 -12.92 -35.09 29.23
C LYS F 94 -11.75 -34.48 28.48
N GLY F 95 -11.31 -33.32 28.97
CA GLY F 95 -10.18 -32.67 28.38
C GLY F 95 -8.95 -33.26 29.05
N VAL F 96 -7.84 -33.23 28.34
CA VAL F 96 -6.60 -33.75 28.89
C VAL F 96 -5.62 -32.62 29.07
N ASN F 97 -5.26 -32.35 30.33
CA ASN F 97 -4.31 -31.31 30.68
C ASN F 97 -2.90 -31.84 30.36
N LYS F 98 -2.50 -32.89 31.06
CA LYS F 98 -1.17 -33.47 30.84
C LYS F 98 -1.15 -34.49 29.70
N GLU F 99 -0.83 -34.01 28.51
CA GLU F 99 -0.80 -34.86 27.33
C GLU F 99 0.06 -36.11 27.45
N TYR F 100 1.37 -35.92 27.54
CA TYR F 100 2.30 -37.05 27.63
C TYR F 100 2.04 -37.98 28.80
N LEU F 101 1.67 -37.43 29.95
CA LEU F 101 1.39 -38.27 31.09
C LEU F 101 0.15 -39.14 30.85
N MET F 102 -0.81 -38.62 30.11
CA MET F 102 -2.03 -39.37 29.80
C MET F 102 -1.69 -40.59 28.96
N TYR F 103 -0.96 -40.37 27.87
CA TYR F 103 -0.56 -41.45 26.96
C TYR F 103 0.27 -42.55 27.64
N SER F 104 1.40 -42.13 28.22
CA SER F 104 2.29 -43.04 28.91
C SER F 104 1.51 -43.92 29.86
N ALA F 105 0.67 -43.31 30.69
CA ALA F 105 -0.10 -44.10 31.64
C ALA F 105 -1.05 -45.04 30.90
N LEU F 106 -1.45 -44.69 29.68
CA LEU F 106 -2.37 -45.53 28.93
C LEU F 106 -1.66 -46.74 28.33
N THR F 107 -0.33 -46.71 28.35
CA THR F 107 0.42 -47.85 27.82
C THR F 107 0.91 -48.72 29.00
N ARG F 108 0.81 -48.17 30.21
CA ARG F 108 1.23 -48.87 31.43
C ARG F 108 0.40 -50.10 31.74
N ASP F 109 1.03 -51.01 32.47
CA ASP F 109 0.40 -52.26 32.90
C ASP F 109 -1.12 -52.21 33.11
N PRO F 110 -1.63 -51.27 33.87
CA PRO F 110 -3.08 -51.24 34.08
C PRO F 110 -3.84 -51.21 32.74
N PHE F 111 -3.32 -50.45 31.77
CA PHE F 111 -3.95 -50.31 30.44
C PHE F 111 -3.07 -50.87 29.31
N SER F 112 -3.46 -50.62 28.05
CA SER F 112 -2.75 -51.18 26.92
C SER F 112 -3.33 -50.69 25.59
N VAL F 113 -2.45 -50.55 24.61
CA VAL F 113 -2.83 -50.09 23.30
C VAL F 113 -3.48 -51.21 22.52
N ILE F 114 -4.33 -50.81 21.57
CA ILE F 114 -5.04 -51.73 20.69
C ILE F 114 -4.73 -51.31 19.27
N GLU F 115 -4.58 -50.01 19.04
CA GLU F 115 -4.26 -49.45 17.73
C GLU F 115 -3.95 -47.96 17.86
N GLU F 116 -3.37 -47.36 16.82
CA GLU F 116 -3.06 -45.94 16.89
C GLU F 116 -2.56 -45.38 15.55
N SER F 117 -2.63 -44.06 15.44
CA SER F 117 -2.22 -43.36 14.24
C SER F 117 -0.77 -43.65 13.89
N LEU F 118 0.13 -42.88 14.48
CA LEU F 118 1.54 -43.05 14.23
C LEU F 118 2.14 -44.19 15.04
N PRO F 119 2.71 -45.18 14.34
CA PRO F 119 3.32 -46.35 14.97
C PRO F 119 4.56 -45.95 15.80
N GLY F 120 4.39 -45.82 17.10
CA GLY F 120 5.51 -45.45 17.94
C GLY F 120 5.08 -44.71 19.19
N GLY F 121 3.83 -44.27 19.20
CA GLY F 121 3.33 -43.56 20.35
C GLY F 121 3.52 -42.07 20.20
N LEU F 122 2.94 -41.32 21.14
CA LEU F 122 3.03 -39.86 21.12
C LEU F 122 4.40 -39.40 21.62
N LYS F 123 5.42 -39.55 20.79
CA LYS F 123 6.78 -39.13 21.17
C LYS F 123 6.81 -37.63 21.45
N GLU F 124 7.30 -37.27 22.63
CA GLU F 124 7.40 -35.89 23.10
C GLU F 124 8.11 -34.85 22.24
N HIS F 125 8.87 -35.27 21.24
CA HIS F 125 9.56 -34.31 20.40
C HIS F 125 8.51 -33.43 19.73
N ASP F 126 7.33 -33.99 19.51
CA ASP F 126 6.23 -33.29 18.88
C ASP F 126 4.90 -33.76 19.44
N PHE F 127 4.62 -33.40 20.69
CA PHE F 127 3.37 -33.79 21.34
C PHE F 127 2.62 -32.56 21.83
N ASN F 128 3.16 -31.38 21.50
CA ASN F 128 2.54 -30.12 21.88
C ASN F 128 3.25 -28.98 21.12
N PRO F 129 2.98 -28.87 19.80
CA PRO F 129 3.56 -27.84 18.93
C PRO F 129 2.61 -26.66 18.70
N GLU F 130 2.84 -25.95 17.60
CA GLU F 130 2.00 -24.82 17.24
C GLU F 130 1.08 -25.16 16.09
N GLU F 131 -0.19 -24.87 16.26
CA GLU F 131 -1.16 -25.10 15.22
C GLU F 131 -0.85 -24.19 14.03
N ALA F 132 -1.37 -24.50 12.84
CA ALA F 132 -1.04 -23.65 11.69
C ALA F 132 -2.17 -23.27 10.74
N GLU F 133 -1.87 -22.28 9.91
CA GLU F 133 -2.71 -21.69 8.89
C GLU F 133 -4.27 -21.70 9.06
N GLU F 134 -4.95 -22.85 9.01
CA GLU F 134 -6.43 -22.86 9.07
C GLU F 134 -6.98 -22.62 7.66
N THR F 135 -7.48 -23.66 7.06
CA THR F 135 -8.01 -23.57 5.70
C THR F 135 -8.62 -22.23 5.33
N LYS F 136 -8.17 -21.63 4.23
CA LYS F 136 -8.72 -20.35 3.76
C LYS F 136 -10.21 -20.45 3.44
N GLN F 137 -10.99 -19.48 3.89
CA GLN F 137 -12.40 -19.48 3.63
C GLN F 137 -12.80 -18.30 2.78
N VAL F 138 -14.00 -18.36 2.22
CA VAL F 138 -14.51 -17.30 1.38
C VAL F 138 -14.39 -15.93 2.03
N SER F 139 -13.98 -14.94 1.25
CA SER F 139 -13.87 -13.60 1.77
C SER F 139 -15.17 -12.86 1.52
N TRP F 140 -15.94 -12.67 2.57
CA TRP F 140 -17.21 -11.98 2.42
C TRP F 140 -16.99 -10.54 1.94
N LYS F 141 -16.01 -9.86 2.52
CA LYS F 141 -15.72 -8.49 2.14
C LYS F 141 -15.56 -8.38 0.63
N LEU F 142 -14.73 -9.25 0.08
CA LEU F 142 -14.44 -9.26 -1.35
C LEU F 142 -15.69 -9.37 -2.21
N VAL F 143 -16.66 -10.15 -1.77
CA VAL F 143 -17.91 -10.30 -2.53
C VAL F 143 -18.66 -8.99 -2.40
N THR F 144 -18.63 -8.43 -1.20
CA THR F 144 -19.29 -7.18 -0.95
C THR F 144 -18.73 -6.14 -1.90
N GLU F 145 -17.41 -5.98 -1.90
CA GLU F 145 -16.81 -5.02 -2.79
C GLU F 145 -17.43 -5.09 -4.19
N TYR F 146 -17.45 -6.28 -4.78
CA TYR F 146 -18.02 -6.45 -6.11
C TYR F 146 -19.43 -5.85 -6.19
N ALA F 147 -20.28 -6.25 -5.27
CA ALA F 147 -21.65 -5.76 -5.25
C ALA F 147 -21.65 -4.23 -5.15
N MET F 148 -20.63 -3.68 -4.50
CA MET F 148 -20.54 -2.23 -4.30
C MET F 148 -20.19 -1.52 -5.60
N GLU F 149 -19.16 -2.01 -6.25
CA GLU F 149 -18.68 -1.42 -7.50
C GLU F 149 -19.68 -1.56 -8.62
N THR F 150 -20.60 -2.50 -8.49
CA THR F 150 -21.60 -2.70 -9.53
C THR F 150 -22.98 -2.30 -9.04
N LYS F 151 -23.01 -1.68 -7.87
CA LYS F 151 -24.27 -1.21 -7.27
C LYS F 151 -25.38 -2.24 -7.46
N CYS F 152 -25.10 -3.47 -7.05
CA CYS F 152 -26.07 -4.52 -7.20
C CYS F 152 -26.90 -4.63 -5.93
N ASP F 153 -28.22 -4.68 -6.07
CA ASP F 153 -29.05 -4.80 -4.89
C ASP F 153 -29.97 -6.00 -4.96
N ASP F 154 -29.72 -6.87 -5.92
CA ASP F 154 -30.52 -8.08 -6.09
C ASP F 154 -29.72 -9.31 -5.65
N VAL F 155 -30.06 -9.88 -4.51
CA VAL F 155 -29.32 -11.03 -3.99
C VAL F 155 -29.22 -12.20 -4.97
N LEU F 156 -30.34 -12.58 -5.57
CA LEU F 156 -30.36 -13.68 -6.53
C LEU F 156 -29.47 -13.39 -7.73
N LEU F 157 -29.54 -12.16 -8.25
CA LEU F 157 -28.73 -11.74 -9.38
C LEU F 157 -27.25 -11.80 -9.03
N LEU F 158 -26.88 -11.17 -7.91
CA LEU F 158 -25.51 -11.15 -7.43
C LEU F 158 -24.92 -12.56 -7.34
N LEU F 159 -25.70 -13.46 -6.75
CA LEU F 159 -25.31 -14.85 -6.58
C LEU F 159 -24.94 -15.45 -7.93
N GLY F 160 -25.86 -15.38 -8.87
CA GLY F 160 -25.60 -15.91 -10.19
C GLY F 160 -24.40 -15.24 -10.80
N MET F 161 -24.36 -13.91 -10.73
CA MET F 161 -23.24 -13.15 -11.29
C MET F 161 -21.88 -13.63 -10.77
N TYR F 162 -21.70 -13.63 -9.46
CA TYR F 162 -20.45 -14.05 -8.86
C TYR F 162 -20.06 -15.51 -9.14
N LEU F 163 -21.04 -16.38 -9.32
CA LEU F 163 -20.71 -17.77 -9.61
C LEU F 163 -20.04 -17.96 -10.96
N GLU F 164 -20.08 -16.94 -11.82
CA GLU F 164 -19.45 -17.11 -13.13
C GLU F 164 -17.94 -17.03 -13.06
N PHE F 165 -17.44 -16.36 -12.03
CA PHE F 165 -16.00 -16.18 -11.83
C PHE F 165 -15.32 -17.45 -11.29
N GLN F 166 -16.12 -18.45 -10.97
CA GLN F 166 -15.56 -19.67 -10.42
C GLN F 166 -14.73 -20.35 -11.48
N TYR F 167 -15.19 -20.21 -12.72
CA TYR F 167 -14.51 -20.80 -13.86
C TYR F 167 -13.23 -20.05 -14.18
N SER F 168 -12.33 -20.70 -14.92
CA SER F 168 -11.05 -20.10 -15.31
C SER F 168 -11.29 -18.86 -16.17
N PHE F 169 -10.57 -17.86 -16.09
CA PHE F 169 -10.72 -16.60 -16.82
C PHE F 169 -9.77 -16.58 -18.01
N GLU F 170 -9.00 -17.65 -18.14
CA GLU F 170 -8.04 -17.78 -19.23
C GLU F 170 -8.82 -17.97 -20.53
N MET F 171 -9.27 -19.19 -20.78
CA MET F 171 -10.02 -19.49 -22.00
C MET F 171 -11.51 -19.17 -21.81
N CYS F 172 -11.78 -18.13 -21.04
CA CYS F 172 -13.14 -17.68 -20.75
C CYS F 172 -13.69 -16.88 -21.92
N LEU F 173 -14.81 -17.35 -22.48
CA LEU F 173 -15.42 -16.70 -23.62
C LEU F 173 -15.91 -15.29 -23.29
N LYS F 174 -16.75 -15.16 -22.27
CA LYS F 174 -17.28 -13.87 -21.88
C LYS F 174 -16.20 -12.82 -21.59
N CYS F 175 -15.11 -13.26 -20.96
CA CYS F 175 -14.00 -12.36 -20.64
C CYS F 175 -13.31 -11.81 -21.89
N ILE F 176 -13.15 -12.66 -22.89
CA ILE F 176 -12.51 -12.29 -24.14
C ILE F 176 -13.49 -11.57 -25.08
N LYS F 177 -14.71 -12.09 -25.16
CA LYS F 177 -15.73 -11.49 -26.01
C LYS F 177 -16.11 -10.09 -25.52
N LYS F 178 -15.63 -9.70 -24.35
CA LYS F 178 -15.93 -8.38 -23.79
C LYS F 178 -17.44 -8.10 -23.81
N GLU F 179 -18.22 -9.17 -23.84
CA GLU F 179 -19.66 -9.11 -23.88
C GLU F 179 -20.28 -8.37 -22.69
N GLN F 180 -19.88 -8.66 -21.43
CA GLN F 180 -20.39 -7.89 -20.22
C GLN F 180 -19.39 -7.13 -19.35
N PRO F 181 -19.74 -5.89 -19.22
CA PRO F 181 -18.87 -5.00 -18.55
C PRO F 181 -18.45 -5.58 -17.24
N SER F 182 -19.47 -5.65 -16.45
CA SER F 182 -19.47 -5.97 -15.03
C SER F 182 -19.15 -7.45 -14.86
N HIS F 183 -18.25 -7.94 -15.71
CA HIS F 183 -17.85 -9.33 -15.68
C HIS F 183 -16.37 -9.45 -15.99
N TYR F 184 -15.99 -9.11 -17.23
CA TYR F 184 -14.59 -9.20 -17.62
C TYR F 184 -13.77 -8.17 -16.86
N LYS F 185 -14.46 -7.25 -16.22
CA LYS F 185 -13.81 -6.22 -15.45
C LYS F 185 -13.53 -6.67 -14.02
N TYR F 186 -14.19 -7.74 -13.59
CA TYR F 186 -14.01 -8.25 -12.23
C TYR F 186 -13.62 -9.71 -12.11
N HIS F 187 -13.99 -10.51 -13.11
CA HIS F 187 -13.69 -11.94 -13.09
C HIS F 187 -12.27 -12.27 -12.69
N GLU F 188 -11.30 -11.76 -13.43
CA GLU F 188 -9.91 -12.03 -13.13
C GLU F 188 -9.57 -11.71 -11.69
N LYS F 189 -10.18 -10.65 -11.18
CA LYS F 189 -9.94 -10.21 -9.81
C LYS F 189 -10.57 -11.07 -8.72
N HIS F 190 -11.75 -11.60 -9.00
CA HIS F 190 -12.51 -12.41 -8.01
C HIS F 190 -12.43 -13.91 -8.25
N TYR F 191 -11.69 -14.28 -9.29
CA TYR F 191 -11.58 -15.70 -9.63
C TYR F 191 -11.27 -16.57 -8.41
N ALA F 192 -10.13 -16.33 -7.79
CA ALA F 192 -9.71 -17.11 -6.64
C ALA F 192 -10.77 -17.24 -5.54
N ASN F 193 -11.41 -16.13 -5.20
CA ASN F 193 -12.42 -16.13 -4.15
C ASN F 193 -13.72 -16.78 -4.61
N ALA F 194 -14.02 -16.64 -5.89
CA ALA F 194 -15.24 -17.22 -6.43
C ALA F 194 -15.17 -18.74 -6.42
N ALA F 195 -13.96 -19.28 -6.61
CA ALA F 195 -13.73 -20.73 -6.62
C ALA F 195 -14.17 -21.36 -5.31
N ILE F 196 -13.73 -20.75 -4.21
CA ILE F 196 -14.11 -21.25 -2.91
C ILE F 196 -15.60 -20.97 -2.79
N PHE F 197 -15.99 -19.73 -3.07
CA PHE F 197 -17.38 -19.32 -2.97
C PHE F 197 -18.31 -20.39 -3.50
N ALA F 198 -18.05 -20.82 -4.71
CA ALA F 198 -18.86 -21.85 -5.38
C ALA F 198 -18.99 -23.12 -4.57
N ASP F 199 -18.20 -23.25 -3.51
CA ASP F 199 -18.25 -24.43 -2.67
C ASP F 199 -18.70 -24.12 -1.25
N SER F 200 -19.06 -22.86 -0.99
CA SER F 200 -19.50 -22.51 0.35
C SER F 200 -20.96 -22.84 0.57
N LYS F 201 -21.30 -23.09 1.84
CA LYS F 201 -22.68 -23.43 2.18
C LYS F 201 -23.53 -22.19 2.45
N ASN F 202 -22.88 -21.03 2.58
CA ASN F 202 -23.59 -19.79 2.86
C ASN F 202 -23.61 -18.81 1.72
N GLN F 203 -23.61 -19.30 0.49
CA GLN F 203 -23.62 -18.40 -0.65
C GLN F 203 -24.75 -17.39 -0.51
N LYS F 204 -25.97 -17.87 -0.33
CA LYS F 204 -27.10 -16.96 -0.21
C LYS F 204 -26.88 -15.92 0.92
N THR F 205 -26.22 -16.33 2.00
CA THR F 205 -25.97 -15.42 3.13
C THR F 205 -24.97 -14.36 2.73
N ILE F 206 -23.82 -14.79 2.24
CA ILE F 206 -22.78 -13.86 1.81
C ILE F 206 -23.40 -12.71 1.01
N CYS F 207 -24.13 -13.07 -0.05
CA CYS F 207 -24.77 -12.09 -0.94
C CYS F 207 -25.79 -11.25 -0.20
N GLN F 208 -26.59 -11.91 0.64
CA GLN F 208 -27.57 -11.20 1.39
C GLN F 208 -26.85 -10.02 2.08
N GLN F 209 -25.73 -10.26 2.76
CA GLN F 209 -25.03 -9.17 3.42
C GLN F 209 -24.36 -8.17 2.47
N ALA F 210 -23.84 -8.65 1.34
CA ALA F 210 -23.22 -7.74 0.39
C ALA F 210 -24.31 -6.75 -0.03
N VAL F 211 -25.52 -7.25 -0.27
CA VAL F 211 -26.61 -6.37 -0.66
C VAL F 211 -26.95 -5.35 0.43
N ASP F 212 -27.09 -5.82 1.68
CA ASP F 212 -27.40 -4.92 2.80
C ASP F 212 -26.40 -3.76 2.77
N THR F 213 -25.18 -4.05 2.34
CA THR F 213 -24.16 -3.02 2.26
C THR F 213 -24.55 -1.96 1.23
N VAL F 214 -25.03 -2.43 0.08
CA VAL F 214 -25.45 -1.55 -0.99
C VAL F 214 -26.68 -0.76 -0.53
N LEU F 215 -27.59 -1.42 0.17
CA LEU F 215 -28.77 -0.76 0.68
C LEU F 215 -28.34 0.26 1.71
N ALA F 216 -27.39 -0.12 2.54
CA ALA F 216 -26.93 0.76 3.58
C ALA F 216 -26.40 2.06 3.01
N LYS F 217 -25.61 2.01 1.95
CA LYS F 217 -25.08 3.26 1.43
C LYS F 217 -26.18 4.19 0.93
N LYS F 218 -27.17 3.62 0.23
CA LYS F 218 -28.27 4.42 -0.27
C LYS F 218 -28.99 5.10 0.89
N ARG F 219 -29.20 4.35 1.96
CA ARG F 219 -29.86 4.89 3.14
C ARG F 219 -29.05 6.06 3.71
N VAL F 220 -27.74 5.94 3.69
CA VAL F 220 -26.90 6.99 4.23
C VAL F 220 -26.97 8.20 3.34
N ASP F 221 -26.67 7.99 2.07
CA ASP F 221 -26.69 9.11 1.16
C ASP F 221 -28.00 9.85 1.21
N SER F 222 -29.11 9.18 0.93
CA SER F 222 -30.37 9.88 0.95
C SER F 222 -30.62 10.66 2.25
N LEU F 223 -30.18 10.11 3.36
CA LEU F 223 -30.36 10.74 4.65
C LEU F 223 -29.46 11.94 4.90
N GLN F 224 -28.34 12.03 4.18
CA GLN F 224 -27.38 13.12 4.35
C GLN F 224 -27.15 13.99 3.09
N LEU F 225 -26.70 13.39 2.00
CA LEU F 225 -26.48 14.14 0.76
C LEU F 225 -27.72 14.93 0.33
N THR F 226 -27.51 15.98 -0.47
CA THR F 226 -28.63 16.76 -0.96
C THR F 226 -28.99 16.26 -2.37
N ARG F 227 -30.22 16.48 -2.78
CA ARG F 227 -30.67 16.03 -4.08
C ARG F 227 -29.69 16.32 -5.21
N GLU F 228 -29.05 17.49 -5.16
CA GLU F 228 -28.07 17.84 -6.19
C GLU F 228 -27.00 16.75 -6.19
N GLN F 229 -26.28 16.69 -5.06
CA GLN F 229 -25.20 15.75 -4.83
C GLN F 229 -25.50 14.36 -5.31
N MET F 230 -26.68 13.85 -4.94
CA MET F 230 -27.09 12.53 -5.34
C MET F 230 -26.99 12.41 -6.84
N LEU F 231 -27.54 13.39 -7.56
CA LEU F 231 -27.49 13.31 -9.00
C LEU F 231 -26.05 13.28 -9.47
N THR F 232 -25.29 14.30 -9.11
CA THR F 232 -23.89 14.36 -9.49
C THR F 232 -23.19 13.03 -9.25
N ASN F 233 -23.34 12.51 -8.03
CA ASN F 233 -22.78 11.23 -7.62
C ASN F 233 -23.20 10.15 -8.60
N ARG F 234 -24.42 10.25 -9.09
CA ARG F 234 -24.93 9.28 -10.04
C ARG F 234 -24.24 9.52 -11.39
N PHE F 235 -23.91 10.77 -11.69
CA PHE F 235 -23.25 11.07 -12.94
C PHE F 235 -21.81 10.55 -12.94
N ASN F 236 -21.10 10.76 -11.83
CA ASN F 236 -19.74 10.26 -11.76
C ASN F 236 -19.72 8.75 -12.00
N ASP F 237 -20.73 8.05 -11.47
CA ASP F 237 -20.84 6.60 -11.66
C ASP F 237 -21.02 6.28 -13.14
N LEU F 238 -21.96 6.96 -13.78
CA LEU F 238 -22.20 6.73 -15.20
C LEU F 238 -20.94 7.01 -16.01
N LEU F 239 -20.22 8.07 -15.64
CA LEU F 239 -18.99 8.43 -16.35
C LEU F 239 -17.93 7.35 -16.20
N ASP F 240 -17.78 6.83 -14.99
CA ASP F 240 -16.79 5.79 -14.75
C ASP F 240 -17.14 4.54 -15.55
N ARG F 241 -18.41 4.40 -15.91
CA ARG F 241 -18.87 3.26 -16.68
C ARG F 241 -18.66 3.52 -18.18
N MET F 242 -18.71 4.78 -18.56
CA MET F 242 -18.52 5.14 -19.96
C MET F 242 -17.05 5.03 -20.35
N ASP F 243 -16.16 5.49 -19.47
CA ASP F 243 -14.73 5.44 -19.74
C ASP F 243 -14.32 4.02 -20.11
N ILE F 244 -14.66 3.06 -19.27
CA ILE F 244 -14.33 1.66 -19.52
C ILE F 244 -15.10 1.17 -20.72
N MET F 245 -16.29 1.74 -20.92
CA MET F 245 -17.13 1.35 -22.03
C MET F 245 -16.50 1.66 -23.38
N PHE F 246 -16.09 2.91 -23.57
CA PHE F 246 -15.49 3.35 -24.81
C PHE F 246 -13.98 3.36 -24.71
N GLY F 247 -13.46 2.77 -23.64
CA GLY F 247 -12.02 2.73 -23.43
C GLY F 247 -11.33 1.67 -24.27
N SER F 248 -10.01 1.54 -24.08
CA SER F 248 -9.23 0.56 -24.82
C SER F 248 -9.63 -0.85 -24.41
N THR F 249 -9.83 -1.06 -23.11
CA THR F 249 -10.22 -2.36 -22.58
C THR F 249 -11.61 -2.74 -23.08
N GLY F 250 -12.54 -1.80 -22.97
CA GLY F 250 -13.90 -2.03 -23.41
C GLY F 250 -14.03 -2.35 -24.89
N SER F 251 -15.26 -2.44 -25.36
CA SER F 251 -15.51 -2.74 -26.76
C SER F 251 -16.81 -2.10 -27.22
N ALA F 252 -16.99 -0.84 -26.86
CA ALA F 252 -18.19 -0.10 -27.23
C ALA F 252 -17.84 0.89 -28.34
N ASP F 253 -18.59 0.85 -29.43
CA ASP F 253 -18.34 1.74 -30.56
C ASP F 253 -18.93 3.12 -30.25
N ILE F 254 -18.07 4.05 -29.84
CA ILE F 254 -18.49 5.42 -29.51
C ILE F 254 -19.14 6.11 -30.71
N GLU F 255 -18.88 5.60 -31.90
CA GLU F 255 -19.42 6.18 -33.11
C GLU F 255 -20.84 5.69 -33.38
N GLU F 256 -21.21 4.61 -32.71
CA GLU F 256 -22.56 4.04 -32.86
C GLU F 256 -23.51 4.65 -31.82
N TRP F 257 -22.98 4.91 -30.63
CA TRP F 257 -23.75 5.49 -29.54
C TRP F 257 -24.07 6.95 -29.83
N MET F 258 -23.09 7.67 -30.35
CA MET F 258 -23.31 9.08 -30.67
C MET F 258 -24.42 9.20 -31.69
N ALA F 259 -24.73 8.09 -32.35
CA ALA F 259 -25.79 8.02 -33.35
C ALA F 259 -27.10 8.06 -32.60
N GLY F 260 -27.20 7.23 -31.57
CA GLY F 260 -28.39 7.17 -30.76
C GLY F 260 -28.76 8.57 -30.28
N VAL F 261 -27.75 9.34 -29.90
CA VAL F 261 -27.96 10.70 -29.45
C VAL F 261 -28.74 11.45 -30.52
N ALA F 262 -28.30 11.26 -31.77
CA ALA F 262 -28.94 11.92 -32.90
C ALA F 262 -30.37 11.44 -33.07
N TRP F 263 -30.59 10.14 -32.87
CA TRP F 263 -31.94 9.60 -33.01
C TRP F 263 -32.83 10.16 -31.91
N LEU F 264 -32.46 9.90 -30.66
CA LEU F 264 -33.23 10.39 -29.51
C LEU F 264 -33.52 11.87 -29.62
N HIS F 265 -32.57 12.62 -30.15
CA HIS F 265 -32.75 14.06 -30.29
C HIS F 265 -33.80 14.38 -31.35
N CYS F 266 -34.39 13.34 -31.92
CA CYS F 266 -35.43 13.48 -32.94
C CYS F 266 -36.77 12.95 -32.40
N LEU F 267 -36.77 12.47 -31.16
CA LEU F 267 -37.99 11.94 -30.55
C LEU F 267 -38.89 13.06 -30.10
N LEU F 268 -38.26 14.12 -29.57
CA LEU F 268 -38.99 15.28 -29.08
C LEU F 268 -38.29 16.58 -29.43
N PRO F 269 -39.07 17.67 -29.57
CA PRO F 269 -38.54 19.00 -29.89
C PRO F 269 -37.69 19.53 -28.77
N LYS F 270 -36.49 20.00 -29.10
CA LYS F 270 -35.59 20.56 -28.11
C LYS F 270 -35.26 19.54 -27.02
N MET F 271 -35.28 18.26 -27.39
CA MET F 271 -35.00 17.15 -26.47
C MET F 271 -33.86 17.38 -25.49
N ASP F 272 -32.82 18.11 -25.92
CA ASP F 272 -31.68 18.37 -25.04
C ASP F 272 -32.13 19.27 -23.89
N SER F 273 -33.24 19.98 -24.09
CA SER F 273 -33.75 20.88 -23.07
C SER F 273 -34.76 20.17 -22.17
N VAL F 274 -35.52 19.25 -22.75
CA VAL F 274 -36.50 18.49 -22.00
C VAL F 274 -35.81 17.69 -20.88
N VAL F 275 -34.65 17.14 -21.20
CA VAL F 275 -33.87 16.35 -20.25
C VAL F 275 -33.36 17.26 -19.14
N TYR F 276 -32.90 18.45 -19.51
CA TYR F 276 -32.40 19.38 -18.50
C TYR F 276 -33.59 19.74 -17.62
N ASP F 277 -34.73 19.98 -18.24
CA ASP F 277 -35.92 20.33 -17.49
C ASP F 277 -36.28 19.22 -16.51
N PHE F 278 -36.37 18.00 -17.02
CA PHE F 278 -36.70 16.83 -16.21
C PHE F 278 -35.77 16.81 -15.02
N LEU F 279 -34.46 16.83 -15.28
CA LEU F 279 -33.50 16.81 -14.19
C LEU F 279 -33.79 17.84 -13.10
N LYS F 280 -34.12 19.06 -13.51
CA LYS F 280 -34.41 20.12 -12.53
C LYS F 280 -35.61 19.76 -11.67
N CYS F 281 -36.66 19.29 -12.33
CA CYS F 281 -37.87 18.87 -11.66
C CYS F 281 -37.53 17.84 -10.59
N MET F 282 -36.88 16.76 -11.01
CA MET F 282 -36.45 15.67 -10.12
C MET F 282 -35.55 16.14 -8.99
N VAL F 283 -34.65 17.06 -9.29
CA VAL F 283 -33.75 17.53 -8.27
C VAL F 283 -34.40 18.49 -7.30
N TYR F 284 -35.26 19.37 -7.81
CA TYR F 284 -35.93 20.36 -6.96
C TYR F 284 -37.02 19.73 -6.10
N ASN F 285 -37.47 18.56 -6.52
CA ASN F 285 -38.51 17.81 -5.81
C ASN F 285 -39.53 18.70 -5.09
N ILE F 286 -40.19 19.54 -5.89
CA ILE F 286 -41.20 20.46 -5.39
C ILE F 286 -42.58 19.86 -5.29
N PRO F 287 -43.24 20.01 -4.13
CA PRO F 287 -44.58 19.47 -3.94
C PRO F 287 -45.51 19.86 -5.04
N LYS F 288 -46.28 18.87 -5.47
CA LYS F 288 -47.27 19.00 -6.52
C LYS F 288 -46.70 19.26 -7.89
N LYS F 289 -45.37 19.30 -8.01
CA LYS F 289 -44.76 19.53 -9.31
C LYS F 289 -43.58 18.60 -9.53
N ARG F 290 -43.81 17.33 -9.26
CA ARG F 290 -42.75 16.33 -9.38
C ARG F 290 -43.02 15.22 -10.39
N TYR F 291 -44.21 15.21 -10.97
CA TYR F 291 -44.52 14.14 -11.88
C TYR F 291 -44.83 14.53 -13.31
N TRP F 292 -44.24 13.77 -14.23
CA TRP F 292 -44.42 13.96 -15.65
C TRP F 292 -45.28 12.81 -16.15
N LEU F 293 -45.98 13.02 -17.25
CA LEU F 293 -46.84 11.98 -17.80
C LEU F 293 -46.55 11.72 -19.27
N PHE F 294 -46.19 10.48 -19.61
CA PHE F 294 -45.91 10.09 -20.99
C PHE F 294 -47.06 9.24 -21.49
N LYS F 295 -47.72 9.69 -22.55
CA LYS F 295 -48.86 8.95 -23.09
C LYS F 295 -48.70 8.71 -24.60
N GLY F 296 -48.73 7.43 -24.99
CA GLY F 296 -48.58 7.07 -26.39
C GLY F 296 -48.66 5.57 -26.66
N PRO F 297 -48.80 5.17 -27.94
CA PRO F 297 -48.89 3.76 -28.33
C PRO F 297 -47.59 3.00 -28.15
N ILE F 298 -47.48 1.84 -28.78
CA ILE F 298 -46.26 1.03 -28.68
C ILE F 298 -45.15 1.64 -29.51
N ASP F 299 -43.93 1.52 -29.01
CA ASP F 299 -42.74 2.07 -29.66
C ASP F 299 -42.97 3.56 -29.98
N SER F 300 -43.91 4.15 -29.26
CA SER F 300 -44.25 5.56 -29.44
C SER F 300 -43.08 6.42 -28.96
N GLY F 301 -42.18 5.81 -28.21
CA GLY F 301 -41.03 6.53 -27.70
C GLY F 301 -41.07 6.65 -26.19
N LYS F 302 -42.27 6.79 -25.63
CA LYS F 302 -42.41 6.92 -24.19
C LYS F 302 -41.64 5.82 -23.48
N THR F 303 -41.93 4.58 -23.84
CA THR F 303 -41.29 3.45 -23.20
C THR F 303 -39.78 3.60 -23.20
N THR F 304 -39.25 4.14 -24.30
CA THR F 304 -37.81 4.35 -24.45
C THR F 304 -37.26 5.50 -23.63
N LEU F 305 -37.79 6.69 -23.87
CA LEU F 305 -37.36 7.89 -23.17
C LEU F 305 -37.46 7.70 -21.66
N ALA F 306 -38.54 7.07 -21.21
CA ALA F 306 -38.75 6.83 -19.79
C ALA F 306 -37.62 6.00 -19.21
N ALA F 307 -37.39 4.84 -19.83
CA ALA F 307 -36.34 3.92 -19.40
C ALA F 307 -34.97 4.60 -19.33
N ALA F 308 -34.67 5.38 -20.37
CA ALA F 308 -33.41 6.10 -20.46
C ALA F 308 -33.25 7.08 -19.31
N LEU F 309 -34.20 8.00 -19.18
CA LEU F 309 -34.17 8.98 -18.11
C LEU F 309 -34.05 8.28 -16.76
N LEU F 310 -34.78 7.17 -16.60
CA LEU F 310 -34.75 6.42 -15.36
C LEU F 310 -33.34 6.00 -14.99
N GLU F 311 -32.59 5.56 -15.99
CA GLU F 311 -31.20 5.13 -15.75
C GLU F 311 -30.30 6.33 -15.53
N LEU F 312 -30.65 7.45 -16.14
CA LEU F 312 -29.88 8.65 -16.01
C LEU F 312 -29.74 9.04 -14.53
N CYS F 313 -30.85 9.17 -13.83
CA CYS F 313 -30.79 9.57 -12.42
C CYS F 313 -30.79 8.33 -11.52
N GLY F 314 -30.96 7.17 -12.14
CA GLY F 314 -31.01 5.94 -11.38
C GLY F 314 -32.27 5.88 -10.54
N GLY F 315 -33.20 5.01 -10.89
CA GLY F 315 -34.42 4.90 -10.13
C GLY F 315 -34.97 3.49 -10.22
N LYS F 316 -36.24 3.31 -9.90
CA LYS F 316 -36.85 1.99 -9.97
C LYS F 316 -38.16 2.09 -10.70
N ALA F 317 -38.48 1.09 -11.51
CA ALA F 317 -39.73 1.06 -12.24
C ALA F 317 -40.76 0.31 -11.41
N LEU F 318 -41.98 0.82 -11.36
CA LEU F 318 -43.01 0.16 -10.58
C LEU F 318 -44.15 -0.35 -11.46
N ASN F 319 -45.04 -1.13 -10.85
CA ASN F 319 -46.20 -1.63 -11.56
C ASN F 319 -47.40 -1.58 -10.63
N VAL F 320 -48.29 -0.63 -10.85
CA VAL F 320 -49.47 -0.50 -10.00
C VAL F 320 -50.72 -1.16 -10.58
N ASN F 321 -50.55 -2.12 -11.48
CA ASN F 321 -51.70 -2.78 -12.07
C ASN F 321 -52.20 -3.96 -11.22
N LEU F 322 -52.29 -3.75 -9.91
CA LEU F 322 -52.77 -4.79 -9.00
C LEU F 322 -53.92 -4.25 -8.19
N PRO F 323 -54.51 -5.07 -7.33
CA PRO F 323 -55.65 -4.63 -6.49
C PRO F 323 -55.23 -3.44 -5.63
N LEU F 324 -56.13 -2.48 -5.46
CA LEU F 324 -55.80 -1.30 -4.66
C LEU F 324 -55.65 -1.70 -3.21
N ASP F 325 -54.67 -2.55 -2.96
CA ASP F 325 -54.36 -3.04 -1.62
C ASP F 325 -53.28 -4.13 -1.74
N ARG F 326 -53.18 -4.70 -2.93
CA ARG F 326 -52.21 -5.73 -3.23
C ARG F 326 -50.88 -5.07 -3.64
N LEU F 327 -50.92 -3.76 -3.86
CA LEU F 327 -49.72 -3.05 -4.29
C LEU F 327 -49.01 -2.31 -3.17
N ASN F 328 -49.16 -2.81 -1.96
CA ASN F 328 -48.52 -2.17 -0.82
C ASN F 328 -47.03 -2.50 -0.78
N PHE F 329 -46.65 -3.62 -1.36
CA PHE F 329 -45.24 -3.98 -1.38
C PHE F 329 -44.59 -3.50 -2.67
N GLU F 330 -45.39 -3.37 -3.72
CA GLU F 330 -44.81 -2.90 -4.96
C GLU F 330 -44.43 -1.43 -4.81
N LEU F 331 -45.16 -0.72 -3.96
CA LEU F 331 -44.87 0.69 -3.75
C LEU F 331 -43.69 0.90 -2.81
N GLY F 332 -43.37 -0.12 -2.02
CA GLY F 332 -42.26 -0.01 -1.08
C GLY F 332 -40.91 -0.06 -1.77
N VAL F 333 -40.94 -0.39 -3.05
CA VAL F 333 -39.73 -0.48 -3.85
C VAL F 333 -39.10 0.89 -3.96
N ALA F 334 -39.93 1.92 -3.82
CA ALA F 334 -39.49 3.30 -3.91
C ALA F 334 -38.62 3.73 -2.74
N ILE F 335 -38.56 2.92 -1.69
CA ILE F 335 -37.77 3.28 -0.53
C ILE F 335 -36.33 3.68 -0.86
N ASP F 336 -35.97 4.89 -0.44
CA ASP F 336 -34.63 5.41 -0.66
C ASP F 336 -34.24 5.48 -2.14
N GLN F 337 -35.20 5.84 -2.97
CA GLN F 337 -34.95 5.96 -4.38
C GLN F 337 -35.02 7.43 -4.80
N PHE F 338 -34.17 7.80 -5.75
CA PHE F 338 -34.14 9.18 -6.23
C PHE F 338 -35.45 9.50 -6.93
N LEU F 339 -35.81 8.67 -7.91
CA LEU F 339 -37.03 8.85 -8.68
C LEU F 339 -37.61 7.50 -9.06
N VAL F 340 -38.91 7.48 -9.31
CA VAL F 340 -39.59 6.25 -9.68
C VAL F 340 -40.32 6.43 -11.02
N VAL F 341 -40.72 5.31 -11.62
CA VAL F 341 -41.42 5.34 -12.90
C VAL F 341 -42.52 4.31 -12.88
N PHE F 342 -43.76 4.77 -12.97
CA PHE F 342 -44.87 3.83 -12.99
C PHE F 342 -45.04 3.44 -14.45
N GLU F 343 -44.38 2.37 -14.88
CA GLU F 343 -44.44 1.93 -16.27
C GLU F 343 -45.78 1.35 -16.71
N ASP F 344 -46.12 1.61 -17.97
CA ASP F 344 -47.36 1.11 -18.56
C ASP F 344 -48.53 0.93 -17.59
N VAL F 345 -49.19 2.04 -17.27
CA VAL F 345 -50.33 2.01 -16.37
C VAL F 345 -51.59 1.81 -17.19
N LYS F 346 -52.44 0.90 -16.75
CA LYS F 346 -53.68 0.62 -17.46
C LYS F 346 -54.83 1.40 -16.86
N GLY F 347 -55.85 1.63 -17.67
CA GLY F 347 -56.99 2.37 -17.18
C GLY F 347 -58.33 1.80 -17.61
N THR F 348 -59.26 2.71 -17.89
CA THR F 348 -60.59 2.34 -18.30
C THR F 348 -61.01 3.10 -19.56
N GLY F 349 -61.89 2.47 -20.35
CA GLY F 349 -62.39 3.10 -21.57
C GLY F 349 -61.57 2.81 -22.83
N GLY F 350 -60.61 1.91 -22.70
CA GLY F 350 -59.77 1.57 -23.82
C GLY F 350 -60.32 0.42 -24.64
N GLU F 351 -61.46 -0.11 -24.24
CA GLU F 351 -62.08 -1.22 -24.95
C GLU F 351 -62.20 -0.84 -26.43
N SER F 352 -62.46 0.44 -26.69
CA SER F 352 -62.61 0.92 -28.05
C SER F 352 -61.38 0.62 -28.90
N ARG F 353 -60.21 0.52 -28.29
CA ARG F 353 -59.00 0.26 -29.06
C ARG F 353 -58.29 -1.02 -28.63
N ASP F 354 -59.08 -1.99 -28.16
CA ASP F 354 -58.55 -3.28 -27.70
C ASP F 354 -57.54 -3.13 -26.58
N LEU F 355 -57.70 -2.05 -25.82
CA LEU F 355 -56.85 -1.73 -24.66
C LEU F 355 -57.50 -2.27 -23.41
N PRO F 356 -56.92 -3.35 -22.85
CA PRO F 356 -57.43 -4.00 -21.64
C PRO F 356 -57.64 -3.02 -20.49
N SER F 357 -58.80 -3.14 -19.85
CA SER F 357 -59.15 -2.28 -18.72
C SER F 357 -58.43 -2.79 -17.47
N GLY F 358 -57.81 -1.87 -16.73
CA GLY F 358 -57.08 -2.25 -15.52
C GLY F 358 -57.41 -1.44 -14.28
N GLN F 359 -56.55 -1.54 -13.27
CA GLN F 359 -56.74 -0.82 -12.01
C GLN F 359 -55.75 0.34 -11.87
N GLY F 360 -54.69 0.30 -12.69
CA GLY F 360 -53.64 1.31 -12.66
C GLY F 360 -54.06 2.76 -12.46
N ILE F 361 -54.76 3.32 -13.44
CA ILE F 361 -55.19 4.70 -13.35
C ILE F 361 -56.01 4.94 -12.09
N ASN F 362 -56.98 4.09 -11.84
CA ASN F 362 -57.79 4.25 -10.65
C ASN F 362 -56.88 4.24 -9.42
N ASN F 363 -55.86 3.40 -9.45
CA ASN F 363 -54.94 3.33 -8.32
C ASN F 363 -54.17 4.62 -8.08
N LEU F 364 -53.58 5.16 -9.14
CA LEU F 364 -52.83 6.42 -9.00
C LEU F 364 -53.72 7.51 -8.42
N ASP F 365 -55.00 7.50 -8.78
CA ASP F 365 -55.87 8.53 -8.26
C ASP F 365 -55.99 8.43 -6.74
N ASN F 366 -55.88 7.22 -6.20
CA ASN F 366 -55.98 7.04 -4.75
C ASN F 366 -54.64 7.12 -4.07
N LEU F 367 -53.62 7.53 -4.82
CA LEU F 367 -52.28 7.65 -4.30
C LEU F 367 -51.78 9.06 -4.51
N ARG F 368 -52.70 9.99 -4.74
CA ARG F 368 -52.30 11.38 -4.99
C ARG F 368 -51.45 11.89 -3.84
N ASP F 369 -51.61 11.22 -2.73
CA ASP F 369 -50.89 11.50 -1.51
C ASP F 369 -49.39 11.24 -1.76
N TYR F 370 -49.09 10.16 -2.50
CA TYR F 370 -47.72 9.75 -2.85
C TYR F 370 -47.15 10.62 -3.96
N LEU F 371 -47.93 10.85 -5.02
CA LEU F 371 -47.45 11.66 -6.11
C LEU F 371 -47.18 13.10 -5.65
N ASP F 372 -48.07 13.66 -4.84
CA ASP F 372 -47.88 15.02 -4.39
C ASP F 372 -46.56 15.24 -3.67
N GLY F 373 -46.38 14.61 -2.51
CA GLY F 373 -45.12 14.78 -1.82
C GLY F 373 -45.12 15.94 -0.84
N SER F 374 -46.29 16.25 -0.30
CA SER F 374 -46.37 17.32 0.65
C SER F 374 -46.12 16.75 2.04
N VAL F 375 -46.60 15.53 2.23
CA VAL F 375 -46.49 14.80 3.48
C VAL F 375 -45.70 13.51 3.24
N LYS F 376 -45.25 12.86 4.31
CA LYS F 376 -44.51 11.61 4.19
C LYS F 376 -45.49 10.46 4.21
N VAL F 377 -45.11 9.32 3.65
CA VAL F 377 -45.97 8.15 3.64
C VAL F 377 -45.15 7.03 4.28
N ASN F 378 -45.80 5.95 4.67
CA ASN F 378 -45.08 4.84 5.29
C ASN F 378 -45.00 3.72 4.26
N LEU F 379 -43.80 3.46 3.73
CA LEU F 379 -43.58 2.42 2.71
C LEU F 379 -43.24 1.06 3.31
N GLU F 380 -43.89 0.02 2.80
CA GLU F 380 -43.71 -1.34 3.30
C GLU F 380 -42.73 -2.25 2.53
N LYS F 381 -42.19 -3.24 3.22
CA LYS F 381 -41.29 -4.23 2.62
C LYS F 381 -41.53 -5.57 3.31
N LYS F 382 -41.49 -6.65 2.54
CA LYS F 382 -41.71 -7.99 3.10
C LYS F 382 -40.82 -8.25 4.31
N HIS F 383 -41.45 -8.76 5.36
CA HIS F 383 -40.81 -9.11 6.63
C HIS F 383 -40.19 -7.98 7.39
N LEU F 384 -40.27 -6.81 6.79
CA LEU F 384 -39.68 -5.64 7.40
C LEU F 384 -40.71 -4.64 7.89
N ASN F 385 -40.31 -3.72 8.77
CA ASN F 385 -41.25 -2.73 9.26
C ASN F 385 -41.23 -1.43 8.46
N LYS F 386 -42.37 -0.73 8.48
CA LYS F 386 -42.61 0.49 7.74
C LYS F 386 -41.45 1.47 7.72
N ARG F 387 -41.37 2.22 6.64
CA ARG F 387 -40.36 3.24 6.42
C ARG F 387 -41.08 4.51 6.11
N THR F 388 -40.81 5.54 6.88
CA THR F 388 -41.49 6.81 6.68
C THR F 388 -40.62 7.76 5.83
N GLN F 389 -41.17 8.26 4.72
CA GLN F 389 -40.44 9.18 3.86
C GLN F 389 -41.38 9.83 2.85
N ILE F 390 -40.92 10.85 2.12
CA ILE F 390 -41.77 11.45 1.11
C ILE F 390 -41.53 10.63 -0.15
N PHE F 391 -42.59 10.05 -0.70
CA PHE F 391 -42.46 9.22 -1.88
C PHE F 391 -41.66 9.95 -2.96
N PRO F 392 -40.70 9.28 -3.58
CA PRO F 392 -39.93 9.98 -4.61
C PRO F 392 -40.74 10.43 -5.81
N PRO F 393 -40.22 11.41 -6.56
CA PRO F 393 -40.85 11.97 -7.77
C PRO F 393 -40.59 11.05 -8.93
N GLY F 394 -41.04 11.40 -10.13
CA GLY F 394 -40.79 10.55 -11.26
C GLY F 394 -41.64 10.76 -12.50
N ILE F 395 -41.88 9.65 -13.20
CA ILE F 395 -42.64 9.62 -14.43
C ILE F 395 -43.72 8.54 -14.39
N VAL F 396 -44.79 8.77 -15.14
CA VAL F 396 -45.92 7.84 -15.26
C VAL F 396 -46.13 7.60 -16.74
N THR F 397 -45.82 6.41 -17.24
CA THR F 397 -46.04 6.16 -18.66
C THR F 397 -47.31 5.35 -18.82
N MET F 398 -48.17 5.77 -19.74
CA MET F 398 -49.40 5.03 -20.01
C MET F 398 -49.74 5.09 -21.48
N ASN F 399 -50.59 4.15 -21.90
CA ASN F 399 -51.03 4.06 -23.29
C ASN F 399 -52.24 4.97 -23.50
N GLU F 400 -52.86 4.87 -24.66
CA GLU F 400 -54.00 5.73 -24.93
C GLU F 400 -55.27 5.42 -24.15
N TYR F 401 -55.24 5.67 -22.85
CA TYR F 401 -56.42 5.47 -22.00
C TYR F 401 -56.98 6.83 -21.63
N SER F 402 -58.13 6.83 -20.99
CA SER F 402 -58.76 8.09 -20.60
C SER F 402 -58.17 8.63 -19.30
N VAL F 403 -58.01 9.96 -19.24
CA VAL F 403 -57.46 10.59 -18.05
C VAL F 403 -58.29 11.80 -17.64
N PRO F 404 -59.05 11.66 -16.55
CA PRO F 404 -59.90 12.73 -16.02
C PRO F 404 -59.15 14.04 -15.88
N LYS F 405 -59.79 15.14 -16.27
CA LYS F 405 -59.15 16.44 -16.18
C LYS F 405 -58.72 16.73 -14.75
N THR F 406 -59.11 15.85 -13.83
CA THR F 406 -58.73 16.03 -12.44
C THR F 406 -57.42 15.31 -12.14
N LEU F 407 -57.18 14.21 -12.84
CA LEU F 407 -55.96 13.46 -12.66
C LEU F 407 -54.81 14.19 -13.37
N GLN F 408 -55.10 14.75 -14.53
CA GLN F 408 -54.10 15.48 -15.29
C GLN F 408 -53.52 16.59 -14.45
N ALA F 409 -54.29 17.06 -13.49
CA ALA F 409 -53.79 18.16 -12.67
C ALA F 409 -52.75 17.69 -11.67
N ARG F 410 -52.48 16.39 -11.66
CA ARG F 410 -51.47 15.86 -10.77
C ARG F 410 -50.13 15.87 -11.46
N PHE F 411 -50.08 16.37 -12.68
CA PHE F 411 -48.81 16.40 -13.38
C PHE F 411 -48.44 17.78 -13.88
N VAL F 412 -47.16 18.14 -13.76
CA VAL F 412 -46.66 19.43 -14.24
C VAL F 412 -46.39 19.43 -15.72
N LYS F 413 -45.93 18.30 -16.26
CA LYS F 413 -45.65 18.20 -17.70
C LYS F 413 -46.27 16.93 -18.29
N GLN F 414 -46.84 17.05 -19.47
CA GLN F 414 -47.44 15.90 -20.14
C GLN F 414 -46.90 15.86 -21.56
N ILE F 415 -45.97 14.95 -21.80
CA ILE F 415 -45.37 14.80 -23.11
C ILE F 415 -46.08 13.70 -23.91
N ASP F 416 -46.97 14.10 -24.82
CA ASP F 416 -47.69 13.14 -25.65
C ASP F 416 -46.83 12.66 -26.82
N PHE F 417 -46.66 11.34 -26.92
CA PHE F 417 -45.86 10.75 -27.99
C PHE F 417 -46.72 10.27 -29.14
N ARG F 418 -46.30 10.64 -30.35
CA ARG F 418 -47.00 10.28 -31.57
C ARG F 418 -46.11 9.40 -32.46
N PRO F 419 -46.72 8.41 -33.13
CA PRO F 419 -46.00 7.49 -34.02
C PRO F 419 -45.14 8.24 -35.02
N LYS F 420 -43.95 7.73 -35.27
CA LYS F 420 -43.05 8.38 -36.23
C LYS F 420 -42.53 7.33 -37.21
N ASP F 421 -42.92 7.48 -38.48
CA ASP F 421 -42.50 6.54 -39.50
C ASP F 421 -41.07 6.81 -39.93
N TYR F 422 -40.79 8.08 -40.25
CA TYR F 422 -39.45 8.47 -40.68
C TYR F 422 -38.43 8.19 -39.59
N LEU F 423 -38.90 7.82 -38.41
CA LEU F 423 -38.02 7.54 -37.29
C LEU F 423 -37.97 6.05 -37.06
N LYS F 424 -39.01 5.36 -37.52
CA LYS F 424 -39.11 3.91 -37.38
C LYS F 424 -38.23 3.20 -38.39
N HIS F 425 -38.45 3.50 -39.67
CA HIS F 425 -37.70 2.89 -40.76
C HIS F 425 -36.20 3.13 -40.53
N CYS F 426 -35.85 4.28 -39.96
CA CYS F 426 -34.45 4.59 -39.68
C CYS F 426 -33.88 3.61 -38.67
N LEU F 427 -34.76 3.05 -37.84
CA LEU F 427 -34.38 2.09 -36.81
C LEU F 427 -34.22 0.70 -37.43
N GLU F 428 -34.82 0.53 -38.60
CA GLU F 428 -34.74 -0.72 -39.32
C GLU F 428 -33.47 -0.64 -40.16
N ARG F 429 -33.20 0.55 -40.68
CA ARG F 429 -32.01 0.81 -41.49
C ARG F 429 -30.82 0.81 -40.55
N SER F 430 -31.09 1.03 -39.26
CA SER F 430 -30.07 1.05 -38.22
C SER F 430 -30.48 0.07 -37.13
N GLU F 431 -30.61 -1.20 -37.52
CA GLU F 431 -30.99 -2.28 -36.62
C GLU F 431 -30.12 -2.43 -35.37
N PHE F 432 -28.92 -1.85 -35.40
CA PHE F 432 -27.98 -1.95 -34.28
C PHE F 432 -28.37 -1.23 -32.99
N LEU F 433 -29.07 -0.11 -33.11
CA LEU F 433 -29.50 0.68 -31.97
C LEU F 433 -30.23 -0.17 -30.93
N LEU F 434 -31.21 -0.93 -31.38
CA LEU F 434 -31.97 -1.78 -30.47
C LEU F 434 -31.11 -2.90 -29.92
N GLU F 435 -30.33 -3.54 -30.78
CA GLU F 435 -29.47 -4.66 -30.38
C GLU F 435 -28.57 -4.33 -29.19
N LYS F 436 -27.96 -3.15 -29.25
CA LYS F 436 -27.05 -2.71 -28.19
C LYS F 436 -27.73 -1.89 -27.11
N ARG F 437 -29.07 -1.85 -27.14
CA ARG F 437 -29.86 -1.10 -26.17
C ARG F 437 -29.35 0.33 -26.01
N ILE F 438 -29.08 0.99 -27.12
CA ILE F 438 -28.57 2.37 -27.10
C ILE F 438 -29.73 3.37 -27.08
N ILE F 439 -30.81 2.99 -27.75
CA ILE F 439 -32.02 3.81 -27.84
C ILE F 439 -32.52 4.24 -26.47
N GLN F 440 -32.66 3.27 -25.56
CA GLN F 440 -33.15 3.58 -24.23
C GLN F 440 -32.08 3.38 -23.16
N SER F 441 -30.91 3.94 -23.39
CA SER F 441 -29.85 3.82 -22.41
C SER F 441 -29.55 5.14 -21.75
N GLY F 442 -29.41 5.12 -20.43
CA GLY F 442 -29.12 6.35 -19.70
C GLY F 442 -27.79 6.96 -20.11
N ILE F 443 -26.92 6.17 -20.73
CA ILE F 443 -25.62 6.66 -21.16
C ILE F 443 -25.79 7.70 -22.26
N ALA F 444 -26.48 7.32 -23.31
CA ALA F 444 -26.72 8.22 -24.42
C ALA F 444 -27.31 9.51 -23.88
N LEU F 445 -28.37 9.40 -23.08
CA LEU F 445 -29.00 10.58 -22.53
C LEU F 445 -27.99 11.46 -21.82
N LEU F 446 -26.86 10.90 -21.40
CA LEU F 446 -25.85 11.70 -20.72
C LEU F 446 -24.99 12.35 -21.80
N LEU F 447 -24.59 11.56 -22.79
CA LEU F 447 -23.78 12.08 -23.87
C LEU F 447 -24.49 13.27 -24.52
N MET F 448 -25.79 13.15 -24.77
CA MET F 448 -26.58 14.23 -25.36
C MET F 448 -26.52 15.47 -24.50
N LEU F 449 -26.36 15.29 -23.19
CA LEU F 449 -26.29 16.41 -22.28
C LEU F 449 -24.91 17.03 -22.36
N ILE F 450 -24.00 16.34 -23.03
CA ILE F 450 -22.63 16.82 -23.15
C ILE F 450 -22.39 17.44 -24.52
N TRP F 451 -23.13 16.97 -25.52
CA TRP F 451 -22.97 17.47 -26.88
C TRP F 451 -23.86 18.70 -27.14
N TYR F 452 -24.50 19.21 -26.10
CA TYR F 452 -25.37 20.36 -26.22
C TYR F 452 -25.24 21.34 -25.05
N ARG F 453 -25.85 21.00 -23.92
CA ARG F 453 -25.84 21.87 -22.75
C ARG F 453 -24.46 22.49 -22.44
N PRO F 454 -24.47 23.69 -21.84
CA PRO F 454 -23.27 24.45 -21.45
C PRO F 454 -22.42 23.59 -20.57
N VAL F 455 -21.23 24.07 -20.25
CA VAL F 455 -20.31 23.34 -19.40
C VAL F 455 -20.45 23.75 -17.93
N ALA F 456 -20.53 25.06 -17.69
CA ALA F 456 -20.66 25.57 -16.33
C ALA F 456 -22.09 25.36 -15.79
N GLU F 457 -22.94 24.74 -16.60
CA GLU F 457 -24.32 24.48 -16.20
C GLU F 457 -24.38 23.23 -15.32
N PHE F 458 -23.30 22.44 -15.34
CA PHE F 458 -23.21 21.23 -14.53
C PHE F 458 -22.74 21.58 -13.11
N ALA F 459 -22.54 20.56 -12.28
CA ALA F 459 -22.08 20.77 -10.91
C ALA F 459 -20.59 21.07 -10.90
N GLN F 460 -20.18 22.05 -10.10
CA GLN F 460 -18.78 22.44 -10.00
C GLN F 460 -17.92 21.27 -9.51
N SER F 461 -18.56 20.16 -9.20
CA SER F 461 -17.87 18.98 -8.71
C SER F 461 -17.38 18.12 -9.87
N ILE F 462 -18.25 17.92 -10.87
CA ILE F 462 -17.89 17.11 -12.02
C ILE F 462 -17.64 17.94 -13.27
N GLN F 463 -17.35 19.23 -13.08
CA GLN F 463 -17.09 20.14 -14.20
C GLN F 463 -15.90 19.66 -15.04
N SER F 464 -14.73 19.58 -14.39
CA SER F 464 -13.50 19.15 -15.04
C SER F 464 -13.65 17.89 -15.87
N ARG F 465 -14.27 16.87 -15.27
CA ARG F 465 -14.50 15.59 -15.95
C ARG F 465 -15.40 15.74 -17.18
N ILE F 466 -16.32 16.71 -17.14
CA ILE F 466 -17.23 16.95 -18.25
C ILE F 466 -16.51 17.73 -19.34
N VAL F 467 -15.59 18.59 -18.93
CA VAL F 467 -14.84 19.37 -19.87
C VAL F 467 -13.98 18.48 -20.74
N GLU F 468 -13.19 17.62 -20.10
CA GLU F 468 -12.30 16.71 -20.82
C GLU F 468 -13.02 15.62 -21.61
N TRP F 469 -14.33 15.50 -21.38
CA TRP F 469 -15.12 14.50 -22.08
C TRP F 469 -15.77 15.15 -23.28
N LYS F 470 -15.85 16.48 -23.23
CA LYS F 470 -16.44 17.28 -24.29
C LYS F 470 -15.40 17.50 -25.37
N GLU F 471 -14.15 17.18 -25.03
CA GLU F 471 -13.01 17.31 -25.92
C GLU F 471 -13.12 16.17 -26.93
N ARG F 472 -12.75 14.98 -26.46
CA ARG F 472 -12.76 13.75 -27.24
C ARG F 472 -13.96 13.67 -28.17
N LEU F 473 -15.10 14.20 -27.71
CA LEU F 473 -16.32 14.16 -28.49
C LEU F 473 -16.15 14.90 -29.82
N ASP F 474 -16.02 16.22 -29.76
CA ASP F 474 -15.87 17.01 -30.99
C ASP F 474 -14.52 16.73 -31.64
N LYS F 475 -13.48 16.59 -30.82
CA LYS F 475 -12.15 16.32 -31.33
C LYS F 475 -12.16 15.08 -32.20
N GLU F 476 -13.18 14.23 -32.01
CA GLU F 476 -13.31 13.01 -32.80
C GLU F 476 -14.44 13.14 -33.82
N PHE F 477 -15.65 13.36 -33.32
CA PHE F 477 -16.80 13.52 -34.20
C PHE F 477 -16.84 14.93 -34.73
N SER F 478 -16.81 15.05 -36.05
CA SER F 478 -16.84 16.36 -36.69
C SER F 478 -18.14 17.07 -36.34
N LEU F 479 -18.07 18.39 -36.21
CA LEU F 479 -19.24 19.20 -35.88
C LEU F 479 -20.31 19.14 -36.96
N SER F 480 -20.05 18.37 -38.01
CA SER F 480 -20.99 18.25 -39.11
C SER F 480 -21.50 16.82 -39.27
N VAL F 481 -20.61 15.84 -39.07
CA VAL F 481 -20.98 14.43 -39.21
C VAL F 481 -22.25 14.15 -38.40
N TYR F 482 -22.38 14.81 -37.25
CA TYR F 482 -23.54 14.65 -36.40
C TYR F 482 -24.76 15.21 -37.12
N GLN F 483 -24.57 16.39 -37.72
CA GLN F 483 -25.65 17.05 -38.45
C GLN F 483 -26.17 16.20 -39.60
N LYS F 484 -25.27 15.45 -40.23
CA LYS F 484 -25.66 14.59 -41.34
C LYS F 484 -26.46 13.40 -40.81
N MET F 485 -26.18 12.99 -39.58
CA MET F 485 -26.89 11.86 -38.97
C MET F 485 -28.28 12.29 -38.53
N LYS F 486 -28.35 13.47 -37.92
CA LYS F 486 -29.63 13.99 -37.47
C LYS F 486 -30.45 14.45 -38.67
N PHE F 487 -29.98 14.11 -39.87
CA PHE F 487 -30.65 14.45 -41.12
C PHE F 487 -31.35 13.23 -41.70
N ASN F 488 -30.55 12.23 -42.10
CA ASN F 488 -31.10 11.01 -42.67
C ASN F 488 -32.05 10.30 -41.72
N VAL F 489 -31.90 10.60 -40.43
CA VAL F 489 -32.76 10.01 -39.41
C VAL F 489 -34.15 10.64 -39.50
N ALA F 490 -34.22 11.81 -40.14
CA ALA F 490 -35.48 12.52 -40.32
C ALA F 490 -36.03 12.22 -41.70
N MET F 491 -35.23 11.51 -42.50
CA MET F 491 -35.62 11.13 -43.84
C MET F 491 -36.23 9.73 -43.84
N GLY F 492 -35.46 8.76 -43.37
CA GLY F 492 -35.95 7.39 -43.32
C GLY F 492 -34.82 6.43 -43.64
N ILE F 493 -33.62 6.98 -43.74
CA ILE F 493 -32.43 6.20 -44.06
C ILE F 493 -31.62 5.90 -42.81
N GLY F 494 -30.69 4.96 -42.93
CA GLY F 494 -29.85 4.59 -41.80
C GLY F 494 -29.04 5.74 -41.28
N VAL F 495 -28.67 5.68 -40.00
CA VAL F 495 -27.89 6.72 -39.39
C VAL F 495 -26.51 6.81 -40.03
N LEU F 496 -25.57 6.01 -39.52
CA LEU F 496 -24.21 6.01 -40.05
C LEU F 496 -24.15 5.70 -41.54
N ASP F 497 -24.36 4.42 -41.90
CA ASP F 497 -24.32 4.03 -43.31
C ASP F 497 -25.56 4.52 -44.06
#